data_6F9V
#
_entry.id   6F9V
#
_cell.length_a   73.224
_cell.length_b   77.215
_cell.length_c   83.107
_cell.angle_alpha   88.36
_cell.angle_beta   64.20
_cell.angle_gamma   75.29
#
_symmetry.space_group_name_H-M   'P 1'
#
loop_
_entity.id
_entity.type
_entity.pdbx_description
1 polymer 'Angiotensin-converting enzyme'
2 branched alpha-D-mannopyranose-(1-6)-beta-D-mannopyranose-(1-4)-2-acetamido-2-deoxy-beta-D-glucopyranose-(1-4)-[alpha-L-fucopyranose-(1-6)]2-acetamido-2-deoxy-beta-D-glucopyranose
3 branched 2-acetamido-2-deoxy-beta-D-glucopyranose-(1-4)-[alpha-L-fucopyranose-(1-6)]2-acetamido-2-deoxy-beta-D-glucopyranose
4 non-polymer 'ZINC ION'
5 non-polymer Sampatrilat
6 non-polymer 'CHLORIDE ION'
7 non-polymer 2-acetamido-2-deoxy-beta-D-glucopyranose
8 non-polymer 'MAGNESIUM ION'
9 non-polymer 1,2-ETHANEDIOL
10 non-polymer DI(HYDROXYETHYL)ETHER
11 non-polymer 'TETRAETHYLENE GLYCOL'
12 non-polymer 'TRIETHYLENE GLYCOL'
13 non-polymer 3,6,9,12,15,18-HEXAOXAICOSANE-1,20-DIOL
14 water water
#
_entity_poly.entity_id   1
_entity_poly.type   'polypeptide(L)'
_entity_poly.pdbx_seq_one_letter_code
;LDPGLQPGQFSADEAGAQLFAQSYQSSAEQVLFQSVAASWAHDTNITAENARRQEEAALLSQEFAEAWGQKAKELYEPIW
QQFTDPQLRRIIGAVRTLGSANLPLAKRQQYNALLSQMSRIYSTAKVCLPNKTATCWSLDPDLTNILASSRSYAMLLFAW
EGWHNAAGIPLKPLYEDFTALSNEAYKQDGFTDTGAYWRSWYNSPTFEDDLEHLYQQLEPLYLNLHAFVRRALHRRYGDR
YINLRGPIPAHLLGDMWAQSWENIYDMVVPFPDKPNLDVTSTMLQQGWQATHMFRVAEEFFTSLELSPMPPEFWEGSMLE
KPADGREVVCHASAWDFYNRKDFRIKQCTRVTMDQLSTVHHEMGHIQYYLQYKDLPVSLRRGANPGFHEAIGDVLALSVS
TPEHLHKIGLLDRVTNDTESDINYLLKMALEKIAFLPFGYLVDQWRWGVFSGRTPPSRYNFDWWYLRTKYQGICPPVTRN
ETHFDAGAKFHVPNVTPYIRYFVSFVLQFQFHEALCKEAGYEGPLHQCDIYRSTKAGAKLRKVLRAGSSRPWQEVLKDMV
GLDALDAQPLLKYFQLVTQWLQEQNQQNGEVLGWPEYQWHPPLPDNYPEGIDLVTDEAEASKFVEEYDL
;
_entity_poly.pdbx_strand_id   A,B
#
# COMPACT_ATOMS: atom_id res chain seq x y z
N LEU A 1 -16.90 -6.89 -38.66
CA LEU A 1 -15.95 -8.05 -38.63
C LEU A 1 -16.18 -8.94 -39.85
N ASP A 2 -15.11 -9.31 -40.56
CA ASP A 2 -15.27 -10.09 -41.78
C ASP A 2 -16.00 -11.40 -41.47
N PRO A 3 -16.91 -11.85 -42.36
CA PRO A 3 -17.66 -13.09 -42.07
C PRO A 3 -16.79 -14.29 -41.75
N GLY A 4 -15.60 -14.41 -42.35
N GLY A 4 -15.66 -14.43 -42.45
CA GLY A 4 -14.71 -15.52 -42.02
CA GLY A 4 -14.73 -15.51 -42.17
C GLY A 4 -14.36 -15.66 -40.55
C GLY A 4 -13.96 -15.29 -40.89
N LEU A 5 -14.44 -14.57 -39.78
N LEU A 5 -13.80 -14.02 -40.47
CA LEU A 5 -13.90 -14.50 -38.43
CA LEU A 5 -13.28 -13.75 -39.13
C LEU A 5 -14.95 -14.62 -37.34
C LEU A 5 -14.37 -13.80 -38.07
N GLN A 6 -16.22 -14.79 -37.71
N GLN A 6 -15.65 -13.85 -38.47
CA GLN A 6 -17.26 -14.77 -36.70
CA GLN A 6 -16.75 -14.02 -37.54
C GLN A 6 -17.55 -16.18 -36.20
C GLN A 6 -16.92 -15.49 -37.14
N PRO A 7 -17.93 -16.34 -34.93
N PRO A 7 -17.35 -15.77 -35.91
CA PRO A 7 -18.23 -17.69 -34.43
CA PRO A 7 -17.59 -17.16 -35.50
C PRO A 7 -19.49 -18.24 -35.04
C PRO A 7 -18.92 -17.69 -36.01
N GLY A 8 -19.50 -19.55 -35.23
N GLY A 8 -18.97 -19.02 -36.20
CA GLY A 8 -20.67 -20.23 -35.73
CA GLY A 8 -20.13 -19.69 -36.73
C GLY A 8 -21.47 -20.87 -34.62
C GLY A 8 -20.77 -20.73 -35.82
N GLN A 9 -21.87 -22.11 -34.83
N GLN A 9 -20.95 -21.94 -36.33
CA GLN A 9 -22.71 -22.80 -33.87
CA GLN A 9 -21.77 -22.97 -35.69
C GLN A 9 -21.95 -23.95 -33.21
C GLN A 9 -20.97 -23.78 -34.70
N PHE A 10 -22.16 -24.11 -31.90
N PHE A 10 -21.33 -23.73 -33.42
CA PHE A 10 -21.58 -25.19 -31.12
CA PHE A 10 -20.65 -24.56 -32.42
C PHE A 10 -22.55 -25.62 -30.04
C PHE A 10 -21.60 -25.00 -31.30
N SER A 11 -22.46 -26.90 -29.68
N SER A 11 -21.51 -26.28 -30.97
CA SER A 11 -23.32 -27.44 -28.63
CA SER A 11 -22.28 -26.90 -29.91
C SER A 11 -22.90 -26.91 -27.26
C SER A 11 -21.79 -26.44 -28.53
N ALA A 12 -23.89 -26.68 -26.40
N ALA A 12 -22.68 -26.51 -27.56
CA ALA A 12 -23.69 -26.07 -25.09
CA ALA A 12 -22.41 -26.00 -26.21
C ALA A 12 -23.33 -27.13 -24.03
C ALA A 12 -21.86 -27.08 -25.29
N ASP A 13 -22.22 -27.80 -24.30
N ASP A 13 -20.91 -27.85 -25.78
CA ASP A 13 -21.70 -28.81 -23.38
CA ASP A 13 -20.27 -28.90 -25.01
C ASP A 13 -20.19 -28.86 -23.60
C ASP A 13 -18.77 -28.86 -25.29
N GLU A 14 -19.50 -29.69 -22.82
N GLU A 14 -18.03 -29.70 -24.57
CA GLU A 14 -18.04 -29.71 -22.88
CA GLU A 14 -16.58 -29.71 -24.74
C GLU A 14 -17.53 -30.13 -24.27
C GLU A 14 -16.20 -30.05 -26.18
N ALA A 15 -18.18 -31.13 -24.86
N ALA A 15 -16.98 -30.91 -26.84
CA ALA A 15 -17.74 -31.58 -26.18
CA ALA A 15 -16.68 -31.25 -28.23
C ALA A 15 -17.88 -30.46 -27.20
C ALA A 15 -16.83 -30.05 -29.15
N GLY A 16 -18.91 -29.63 -27.08
N GLY A 16 -17.84 -29.22 -28.90
CA GLY A 16 -19.04 -28.51 -27.99
CA GLY A 16 -18.01 -28.00 -29.69
C GLY A 16 -18.01 -27.43 -27.70
C GLY A 16 -16.88 -27.00 -29.46
N ALA A 17 -17.67 -27.25 -26.43
N ALA A 17 -16.46 -26.85 -28.20
CA ALA A 17 -16.63 -26.30 -26.06
CA ALA A 17 -15.40 -25.91 -27.89
C ALA A 17 -15.28 -26.69 -26.64
C ALA A 17 -14.12 -26.23 -28.64
N GLN A 18 -14.99 -28.00 -26.75
N GLN A 18 -13.83 -27.51 -28.88
CA GLN A 18 -13.73 -28.38 -27.41
CA GLN A 18 -12.61 -27.89 -29.59
C GLN A 18 -13.71 -27.89 -28.85
C GLN A 18 -12.63 -27.40 -31.03
N LEU A 19 -14.82 -28.04 -29.56
N LEU A 19 -13.75 -27.62 -31.73
CA LEU A 19 -14.88 -27.64 -30.96
CA LEU A 19 -13.91 -27.05 -33.07
C LEU A 19 -14.86 -26.12 -31.10
C LEU A 19 -13.91 -25.54 -33.01
N PHE A 20 -15.56 -25.43 -30.21
N PHE A 20 -14.50 -24.95 -31.98
CA PHE A 20 -15.50 -23.97 -30.10
CA PHE A 20 -14.51 -23.50 -31.80
C PHE A 20 -14.06 -23.51 -29.87
C PHE A 20 -13.10 -22.96 -31.72
N ALA A 21 -13.37 -24.14 -28.92
N ALA A 21 -12.26 -23.59 -30.89
CA ALA A 21 -11.99 -23.72 -28.63
CA ALA A 21 -10.86 -23.18 -30.80
C ALA A 21 -11.10 -23.91 -29.84
C ALA A 21 -10.14 -23.35 -32.13
N GLN A 22 -11.31 -24.98 -30.60
N GLN A 22 -10.45 -24.42 -32.88
CA GLN A 22 -10.53 -25.25 -31.79
CA GLN A 22 -9.78 -24.60 -34.17
C GLN A 22 -10.79 -24.22 -32.88
C GLN A 22 -10.11 -23.47 -35.13
N SER A 23 -12.05 -23.82 -33.03
N SER A 23 -11.38 -23.03 -35.17
CA SER A 23 -12.39 -22.87 -34.08
CA SER A 23 -11.74 -21.95 -36.09
C SER A 23 -11.99 -21.44 -33.70
C SER A 23 -11.23 -20.61 -35.57
N TYR A 24 -12.10 -21.10 -32.41
N TYR A 24 -11.24 -20.39 -34.26
CA TYR A 24 -11.59 -19.83 -31.92
CA TYR A 24 -10.59 -19.22 -33.69
C TYR A 24 -10.12 -19.64 -32.28
C TYR A 24 -9.13 -19.13 -34.14
N GLN A 25 -9.31 -20.65 -32.03
N GLN A 25 -8.38 -20.23 -34.00
CA GLN A 25 -7.88 -20.49 -32.20
CA GLN A 25 -6.98 -20.30 -34.45
C GLN A 25 -7.50 -20.35 -33.68
C GLN A 25 -6.79 -19.66 -35.81
N SER A 26 -8.18 -21.09 -34.56
N SER A 26 -7.61 -20.06 -36.78
CA SER A 26 -7.96 -20.95 -36.00
CA SER A 26 -7.41 -19.63 -38.16
C SER A 26 -8.19 -19.52 -36.47
C SER A 26 -7.49 -18.11 -38.26
N SER A 27 -9.26 -18.88 -35.99
N SER A 27 -8.61 -17.54 -37.86
CA SER A 27 -9.52 -17.52 -36.43
CA SER A 27 -8.78 -16.11 -38.04
C SER A 27 -8.63 -16.51 -35.69
C SER A 27 -7.91 -15.30 -37.11
N ALA A 28 -8.37 -16.76 -34.41
N ALA A 28 -7.49 -15.87 -35.97
CA ALA A 28 -7.54 -15.83 -33.63
CA ALA A 28 -6.76 -15.09 -35.00
C ALA A 28 -6.16 -15.63 -34.25
C ALA A 28 -5.38 -14.69 -35.52
N GLU A 29 -5.60 -16.65 -34.89
N GLU A 29 -4.68 -15.60 -36.20
CA GLU A 29 -4.26 -16.50 -35.46
CA GLU A 29 -3.38 -15.28 -36.78
C GLU A 29 -4.23 -15.34 -36.45
C GLU A 29 -3.44 -14.01 -37.63
N GLN A 30 -5.27 -15.20 -37.27
N GLN A 30 -4.43 -13.95 -38.52
CA GLN A 30 -5.31 -14.13 -38.26
CA GLN A 30 -4.53 -12.81 -39.43
C GLN A 30 -5.53 -12.76 -37.63
C GLN A 30 -4.80 -11.51 -38.68
N VAL A 31 -6.32 -12.69 -36.56
N VAL A 31 -5.62 -11.56 -37.63
CA VAL A 31 -6.50 -11.43 -35.85
CA VAL A 31 -5.97 -10.33 -36.92
C VAL A 31 -5.22 -11.03 -35.13
C VAL A 31 -4.82 -9.85 -36.05
N LEU A 32 -4.52 -12.00 -34.53
N LEU A 32 -4.07 -10.78 -35.47
CA LEU A 32 -3.24 -11.69 -33.91
CA LEU A 32 -2.89 -10.37 -34.70
C LEU A 32 -2.26 -11.15 -34.95
C LEU A 32 -1.78 -9.87 -35.62
N PHE A 33 -2.19 -11.77 -36.11
N PHE A 33 -1.59 -10.52 -36.77
CA PHE A 33 -1.24 -11.30 -37.12
CA PHE A 33 -0.56 -10.04 -37.70
C PHE A 33 -1.51 -9.85 -37.51
C PHE A 33 -0.80 -8.58 -38.06
N GLN A 34 -2.77 -9.49 -37.84
N GLN A 34 -2.02 -8.25 -38.50
CA GLN A 34 -2.98 -8.13 -38.29
CA GLN A 34 -2.29 -6.88 -38.93
C GLN A 34 -2.67 -7.11 -37.20
C GLN A 34 -2.06 -5.89 -37.80
N SER A 35 -2.89 -7.48 -35.93
N SER A 35 -2.40 -6.27 -36.57
CA SER A 35 -2.56 -6.61 -34.81
CA SER A 35 -2.14 -5.40 -35.42
C SER A 35 -1.05 -6.41 -34.68
C SER A 35 -0.64 -5.24 -35.16
N VAL A 36 -0.27 -7.51 -34.61
N VAL A 36 0.08 -6.36 -35.14
CA VAL A 36 1.17 -7.35 -34.50
CA VAL A 36 1.52 -6.32 -34.88
C VAL A 36 1.72 -6.57 -35.70
C VAL A 36 2.23 -5.50 -35.96
N ALA A 37 1.24 -6.89 -36.91
N ALA A 37 1.86 -5.73 -37.23
CA ALA A 37 1.76 -6.23 -38.10
CA ALA A 37 2.51 -5.04 -38.33
C ALA A 37 1.55 -4.72 -38.02
C ALA A 37 2.31 -3.53 -38.21
N ALA A 38 0.38 -4.30 -37.57
N ALA A 38 1.09 -3.11 -37.89
CA ALA A 38 0.11 -2.86 -37.47
CA ALA A 38 0.82 -1.67 -37.75
C ALA A 38 0.94 -2.21 -36.36
C ALA A 38 1.61 -1.08 -36.59
N SER A 39 1.15 -2.90 -35.23
N SER A 39 1.72 -1.82 -35.48
CA SER A 39 1.99 -2.34 -34.17
CA SER A 39 2.51 -1.34 -34.35
C SER A 39 3.44 -2.22 -34.62
C SER A 39 3.98 -1.23 -34.75
N TRP A 40 3.93 -3.21 -35.36
N TRP A 40 4.48 -2.23 -35.47
CA TRP A 40 5.29 -3.15 -35.90
CA TRP A 40 5.86 -2.19 -35.95
C TRP A 40 5.43 -1.99 -36.87
C TRP A 40 6.07 -1.00 -36.87
N ALA A 41 4.46 -1.85 -37.79
N ALA A 41 5.19 -0.83 -37.85
CA ALA A 41 4.54 -0.81 -38.80
CA ALA A 41 5.24 0.34 -38.73
C ALA A 41 4.74 0.57 -38.21
C ALA A 41 5.13 1.62 -37.90
N HIS A 42 4.15 0.84 -37.05
N HIS A 42 4.25 1.62 -36.90
CA HIS A 42 4.27 2.16 -36.46
CA HIS A 42 4.17 2.75 -35.98
C HIS A 42 5.54 2.34 -35.65
C HIS A 42 5.42 2.83 -35.13
N ASP A 43 5.84 1.39 -34.75
N ASP A 43 5.88 1.68 -34.61
CA ASP A 43 6.93 1.62 -33.80
CA ASP A 43 7.03 1.66 -33.73
C ASP A 43 8.31 1.72 -34.47
C ASP A 43 8.35 1.77 -34.48
N THR A 44 8.44 1.27 -35.72
CA THR A 44 9.63 1.46 -36.53
C THR A 44 9.54 2.67 -37.47
N ASN A 45 8.55 3.51 -37.29
CA ASN A 45 8.29 4.62 -38.22
C ASN A 45 7.10 5.40 -37.69
N ILE A 46 7.35 6.26 -36.72
CA ILE A 46 6.28 6.93 -35.98
C ILE A 46 5.73 8.02 -36.89
N THR A 47 4.53 7.81 -37.43
CA THR A 47 3.83 8.81 -38.23
C THR A 47 2.38 8.85 -37.76
N ALA A 48 1.73 9.98 -38.05
CA ALA A 48 0.30 10.12 -37.72
C ALA A 48 -0.53 9.07 -38.47
N GLU A 49 -0.14 8.78 -39.71
CA GLU A 49 -0.84 7.79 -40.51
C GLU A 49 -0.65 6.37 -39.96
N ASN A 50 0.55 6.03 -39.50
CA ASN A 50 0.74 4.69 -38.94
C ASN A 50 0.03 4.56 -37.58
N ALA A 51 -0.05 5.64 -36.81
CA ALA A 51 -0.85 5.61 -35.60
C ALA A 51 -2.32 5.33 -35.90
N ARG A 52 -2.87 5.93 -36.97
CA ARG A 52 -4.27 5.70 -37.27
C ARG A 52 -4.51 4.25 -37.67
N ARG A 53 -3.61 3.68 -38.47
CA ARG A 53 -3.75 2.28 -38.88
C ARG A 53 -3.66 1.35 -37.68
N GLN A 54 -2.83 1.70 -36.72
CA GLN A 54 -2.68 0.86 -35.53
C GLN A 54 -3.95 0.91 -34.69
N GLU A 55 -4.57 2.09 -34.56
CA GLU A 55 -5.82 2.21 -33.83
C GLU A 55 -6.94 1.42 -34.52
N GLU A 56 -6.96 1.41 -35.87
CA GLU A 56 -7.94 0.61 -36.58
C GLU A 56 -7.71 -0.89 -36.39
N ALA A 57 -6.44 -1.32 -36.35
N ALA A 57 -6.44 -1.31 -36.38
CA ALA A 57 -6.18 -2.73 -36.09
CA ALA A 57 -6.14 -2.71 -36.11
C ALA A 57 -6.64 -3.12 -34.68
C ALA A 57 -6.54 -3.06 -34.68
N ALA A 58 -6.45 -2.23 -33.71
N ALA A 58 -6.21 -2.19 -33.72
CA ALA A 58 -6.89 -2.49 -32.34
CA ALA A 58 -6.67 -2.40 -32.36
C ALA A 58 -8.41 -2.63 -32.27
C ALA A 58 -8.18 -2.47 -32.31
N LEU A 59 -9.14 -1.84 -33.07
N LEU A 59 -8.85 -1.56 -33.03
CA LEU A 59 -10.58 -1.90 -33.04
CA LEU A 59 -10.31 -1.62 -33.08
C LEU A 59 -11.08 -3.23 -33.59
C LEU A 59 -10.77 -2.88 -33.78
N LEU A 60 -10.38 -3.80 -34.57
N LEU A 60 -10.16 -3.24 -34.91
CA LEU A 60 -10.75 -5.11 -35.11
CA LEU A 60 -10.49 -4.50 -35.55
C LEU A 60 -10.59 -6.19 -34.07
C LEU A 60 -10.14 -5.66 -34.63
N SER A 61 -9.49 -6.17 -33.30
N SER A 61 -8.96 -5.63 -34.03
CA SER A 61 -9.29 -7.18 -32.26
CA SER A 61 -8.61 -6.61 -33.00
C SER A 61 -10.38 -7.10 -31.20
C SER A 61 -9.70 -6.69 -31.93
N GLN A 62 -10.91 -5.91 -30.94
N GLN A 62 -10.14 -5.53 -31.45
CA GLN A 62 -11.99 -5.78 -29.97
CA GLN A 62 -11.22 -5.51 -30.47
C GLN A 62 -13.29 -6.37 -30.49
C GLN A 62 -12.53 -6.02 -31.06
N GLU A 63 -13.59 -6.16 -31.78
N GLU A 63 -12.82 -5.66 -32.32
CA GLU A 63 -14.74 -6.80 -32.42
CA GLU A 63 -14.02 -6.19 -32.95
C GLU A 63 -14.67 -8.30 -32.30
C GLU A 63 -13.96 -7.71 -33.01
N PHE A 64 -13.51 -8.89 -32.63
N PHE A 64 -12.79 -8.24 -33.31
CA PHE A 64 -13.29 -10.33 -32.52
CA PHE A 64 -12.61 -9.69 -33.39
C PHE A 64 -13.47 -10.79 -31.09
C PHE A 64 -12.71 -10.33 -32.01
N ALA A 65 -12.80 -10.15 -30.13
N ALA A 65 -12.02 -9.77 -31.02
CA ALA A 65 -12.96 -10.54 -28.72
CA ALA A 65 -12.07 -10.29 -29.67
C ALA A 65 -14.42 -10.48 -28.25
C ALA A 65 -13.49 -10.23 -29.09
N GLU A 66 -15.17 -9.46 -28.68
N GLU A 66 -14.26 -9.19 -29.46
CA GLU A 66 -16.58 -9.38 -28.29
CA GLU A 66 -15.65 -9.05 -29.04
C GLU A 66 -17.39 -10.53 -28.88
C GLU A 66 -16.51 -10.18 -29.59
N ALA A 67 -17.21 -10.82 -30.16
N ALA A 67 -16.39 -10.45 -30.89
CA ALA A 67 -18.02 -11.84 -30.81
CA ALA A 67 -17.25 -11.46 -31.51
C ALA A 67 -17.80 -13.21 -30.17
C ALA A 67 -16.95 -12.84 -30.97
N TRP A 68 -16.54 -13.63 -30.04
N TRP A 68 -15.67 -13.19 -30.82
CA TRP A 68 -16.26 -14.95 -29.49
CA TRP A 68 -15.32 -14.54 -30.39
C TRP A 68 -16.51 -14.98 -27.99
C TRP A 68 -15.41 -14.69 -28.88
N GLY A 69 -16.23 -13.87 -27.30
N GLY A 69 -15.02 -13.65 -28.14
CA GLY A 69 -16.49 -13.81 -25.87
CA GLY A 69 -15.21 -13.67 -26.71
C GLY A 69 -17.98 -13.88 -25.57
C GLY A 69 -16.68 -13.75 -26.30
N GLN A 70 -18.79 -13.17 -26.35
N GLN A 70 -17.55 -12.99 -26.98
CA GLN A 70 -20.23 -13.26 -26.09
CA GLN A 70 -18.98 -13.05 -26.69
C GLN A 70 -20.74 -14.63 -26.44
C GLN A 70 -19.55 -14.42 -27.02
N LYS A 71 -20.15 -15.29 -27.44
N LYS A 71 -19.07 -15.05 -28.10
CA LYS A 71 -20.55 -16.63 -27.79
CA LYS A 71 -19.58 -16.37 -28.45
C LYS A 71 -20.19 -17.60 -26.67
C LYS A 71 -19.08 -17.43 -27.48
N ALA A 72 -18.98 -17.46 -26.13
N ALA A 72 -17.81 -17.34 -27.07
CA ALA A 72 -18.58 -18.31 -25.01
CA ALA A 72 -17.27 -18.26 -26.07
C ALA A 72 -19.51 -18.12 -23.81
C ALA A 72 -18.03 -18.14 -24.75
N LYS A 73 -19.90 -16.88 -23.51
N LYS A 73 -18.30 -16.90 -24.34
CA LYS A 73 -20.80 -16.68 -22.37
CA LYS A 73 -19.10 -16.66 -23.16
C LYS A 73 -22.19 -17.25 -22.66
C LYS A 73 -20.52 -17.19 -23.36
N GLU A 74 -22.67 -17.12 -23.90
N GLU A 74 -21.03 -17.13 -24.60
CA GLU A 74 -23.98 -17.65 -24.25
CA GLU A 74 -22.39 -17.59 -24.89
C GLU A 74 -24.06 -19.16 -24.03
C GLU A 74 -22.51 -19.10 -24.76
N LEU A 75 -23.03 -19.88 -24.46
N LEU A 75 -21.52 -19.84 -25.27
CA LEU A 75 -23.04 -21.34 -24.44
CA LEU A 75 -21.62 -21.29 -25.34
C LEU A 75 -22.47 -21.95 -23.16
C LEU A 75 -21.02 -21.97 -24.13
N TYR A 76 -21.50 -21.31 -22.51
N TYR A 76 -20.05 -21.35 -23.45
CA TYR A 76 -20.71 -21.95 -21.46
CA TYR A 76 -19.15 -22.09 -22.56
C TYR A 76 -20.55 -21.17 -20.17
C TYR A 76 -18.91 -21.48 -21.19
N GLU A 77 -21.14 -19.98 -20.01
N GLU A 77 -19.39 -20.26 -20.91
CA GLU A 77 -20.88 -19.24 -18.78
CA GLU A 77 -19.14 -19.64 -19.60
C GLU A 77 -21.22 -20.01 -17.51
C GLU A 77 -19.26 -20.59 -18.41
N PRO A 78 -22.37 -20.70 -17.42
N PRO A 78 -20.28 -21.44 -18.31
CA PRO A 78 -22.71 -21.38 -16.16
CA PRO A 78 -20.48 -22.23 -17.07
C PRO A 78 -22.08 -22.75 -15.97
C PRO A 78 -19.92 -23.65 -17.12
N ILE A 79 -21.29 -23.24 -16.92
N ILE A 79 -19.09 -23.98 -18.09
CA ILE A 79 -20.79 -24.61 -16.86
CA ILE A 79 -18.70 -25.37 -18.29
C ILE A 79 -19.28 -24.75 -17.09
C ILE A 79 -17.23 -25.47 -18.66
N TRP A 80 -18.59 -23.78 -17.69
N TRP A 80 -16.62 -24.36 -19.10
CA TRP A 80 -17.19 -24.01 -18.06
CA TRP A 80 -15.25 -24.44 -19.63
C TRP A 80 -16.32 -24.24 -16.83
C TRP A 80 -14.24 -24.77 -18.54
N GLN A 81 -16.67 -23.63 -15.68
N GLN A 81 -14.43 -24.23 -17.33
CA GLN A 81 -15.83 -23.80 -14.50
CA GLN A 81 -13.55 -24.59 -16.22
C GLN A 81 -15.80 -25.24 -14.02
C GLN A 81 -13.60 -26.07 -15.90
N GLN A 82 -16.78 -26.06 -14.40
N GLN A 82 -14.58 -26.79 -16.42
CA GLN A 82 -16.80 -27.46 -14.01
CA GLN A 82 -14.77 -28.20 -16.15
C GLN A 82 -16.37 -28.40 -15.14
C GLN A 82 -14.32 -29.09 -17.31
N PHE A 83 -15.81 -27.88 -16.22
N PHE A 83 -13.82 -28.51 -18.40
CA PHE A 83 -15.35 -28.76 -17.28
CA PHE A 83 -13.31 -29.32 -19.50
C PHE A 83 -14.21 -29.64 -16.77
C PHE A 83 -12.17 -30.20 -19.04
N THR A 84 -14.16 -30.88 -17.28
N THR A 84 -12.08 -31.39 -19.63
CA THR A 84 -13.19 -31.85 -16.75
CA THR A 84 -11.03 -32.35 -19.26
C THR A 84 -11.78 -31.60 -17.27
C THR A 84 -9.77 -32.18 -20.10
N ASP A 85 -11.63 -31.01 -18.46
N ASP A 85 -9.84 -31.53 -21.26
CA ASP A 85 -10.33 -30.82 -19.09
CA ASP A 85 -8.64 -31.17 -22.01
C ASP A 85 -9.72 -29.50 -18.63
C ASP A 85 -8.04 -29.93 -21.34
N PRO A 86 -8.64 -29.51 -17.84
N PRO A 86 -6.92 -30.06 -20.63
CA PRO A 86 -8.14 -28.22 -17.29
CA PRO A 86 -6.40 -28.89 -19.90
C PRO A 86 -7.61 -27.28 -18.36
C PRO A 86 -5.98 -27.73 -20.81
N GLN A 87 -7.09 -27.83 -19.45
N GLN A 87 -5.39 -28.04 -21.97
CA GLN A 87 -6.60 -26.97 -20.52
CA GLN A 87 -5.04 -26.98 -22.91
C GLN A 87 -7.76 -26.23 -21.19
C GLN A 87 -6.29 -26.25 -23.40
N LEU A 88 -8.92 -26.89 -21.30
N LEU A 88 -7.35 -26.99 -23.72
CA LEU A 88 -10.11 -26.25 -21.85
CA LEU A 88 -8.55 -26.38 -24.29
C LEU A 88 -10.65 -25.17 -20.94
C LEU A 88 -9.20 -25.42 -23.28
N ARG A 89 -10.67 -25.43 -19.63
N ARG A 89 -9.19 -25.76 -22.00
CA ARG A 89 -11.13 -24.41 -18.69
CA ARG A 89 -9.77 -24.80 -21.07
C ARG A 89 -10.29 -23.15 -18.85
C ARG A 89 -8.87 -23.59 -20.87
N ARG A 90 -8.98 -23.32 -19.10
N ARG A 90 -7.55 -23.75 -21.02
CA ARG A 90 -8.12 -22.14 -19.23
CA ARG A 90 -6.67 -22.58 -21.07
C ARG A 90 -8.46 -21.36 -20.47
C ARG A 90 -7.04 -21.67 -22.25
N ILE A 91 -8.77 -22.04 -21.58
N ILE A 91 -7.37 -22.27 -23.39
CA ILE A 91 -9.08 -21.34 -22.82
CA ILE A 91 -7.70 -21.49 -24.59
C ILE A 91 -10.46 -20.71 -22.75
C ILE A 91 -9.03 -20.77 -24.40
N ILE A 92 -11.46 -21.48 -22.31
N ILE A 92 -10.05 -21.49 -23.93
CA ILE A 92 -12.80 -20.89 -22.24
CA ILE A 92 -11.36 -20.86 -23.76
C ILE A 92 -12.81 -19.73 -21.26
C ILE A 92 -11.30 -19.82 -22.65
N GLY A 93 -12.14 -19.88 -20.11
N GLY A 93 -10.55 -20.10 -21.58
CA GLY A 93 -12.09 -18.81 -19.13
CA GLY A 93 -10.38 -19.09 -20.55
C GLY A 93 -11.46 -17.54 -19.66
C GLY A 93 -9.81 -17.80 -21.08
N ALA A 94 -10.47 -17.67 -20.57
N ALA A 94 -8.93 -17.89 -22.08
CA ALA A 94 -9.86 -16.52 -21.23
CA ALA A 94 -8.31 -16.70 -22.66
C ALA A 94 -10.82 -15.90 -22.24
C ALA A 94 -9.29 -15.97 -23.56
N VAL A 95 -11.49 -16.74 -23.03
N VAL A 95 -9.96 -16.70 -24.45
CA VAL A 95 -12.36 -16.18 -24.06
CA VAL A 95 -10.88 -16.08 -25.40
C VAL A 95 -13.54 -15.42 -23.43
C VAL A 95 -12.02 -15.39 -24.65
N ARG A 96 -14.05 -15.86 -22.29
N ARG A 96 -12.48 -15.98 -23.55
CA ARG A 96 -15.15 -15.15 -21.62
CA ARG A 96 -13.61 -15.42 -22.82
C ARG A 96 -14.70 -13.85 -20.95
C ARG A 96 -13.25 -14.11 -22.10
N THR A 97 -13.39 -13.56 -20.94
N THR A 97 -11.98 -13.76 -22.03
CA THR A 97 -12.82 -12.38 -20.31
CA THR A 97 -11.54 -12.50 -21.42
C THR A 97 -12.56 -11.39 -21.45
C THR A 97 -11.35 -11.47 -22.52
N LEU A 98 -13.48 -10.45 -21.63
N LEU A 98 -12.33 -10.57 -22.65
CA LEU A 98 -13.46 -9.63 -22.83
CA LEU A 98 -12.34 -9.56 -23.69
C LEU A 98 -12.49 -8.45 -22.76
C LEU A 98 -11.50 -8.35 -23.30
N GLY A 99 -12.08 -7.99 -21.58
N GLY A 99 -11.52 -8.02 -22.01
CA GLY A 99 -11.07 -6.93 -21.62
CA GLY A 99 -10.89 -6.82 -21.51
C GLY A 99 -11.65 -5.63 -22.16
C GLY A 99 -11.58 -5.61 -22.09
N SER A 100 -10.80 -4.84 -22.83
CA SER A 100 -11.25 -3.56 -23.41
C SER A 100 -12.39 -3.73 -24.40
N ALA A 101 -12.63 -4.94 -24.89
CA ALA A 101 -13.78 -5.18 -25.76
C ALA A 101 -15.12 -5.17 -25.03
N ASN A 102 -15.14 -5.13 -23.68
CA ASN A 102 -16.32 -4.82 -22.91
C ASN A 102 -16.74 -3.38 -23.09
N LEU A 103 -15.80 -2.50 -23.44
CA LEU A 103 -16.11 -1.08 -23.54
C LEU A 103 -17.01 -0.83 -24.75
N PRO A 104 -17.98 0.07 -24.64
CA PRO A 104 -18.71 0.49 -25.85
C PRO A 104 -17.78 1.16 -26.85
N LEU A 105 -18.21 1.17 -28.13
CA LEU A 105 -17.35 1.58 -29.22
C LEU A 105 -16.67 2.92 -28.97
N ALA A 106 -17.44 3.93 -28.54
CA ALA A 106 -16.82 5.23 -28.31
C ALA A 106 -15.72 5.16 -27.28
N LYS A 107 -15.87 4.33 -26.26
CA LYS A 107 -14.86 4.24 -25.23
C LYS A 107 -13.71 3.35 -25.67
N ARG A 108 -13.96 2.36 -26.52
CA ARG A 108 -12.87 1.63 -27.18
C ARG A 108 -11.96 2.57 -27.96
N GLN A 109 -12.58 3.46 -28.76
CA GLN A 109 -11.79 4.41 -29.52
C GLN A 109 -11.01 5.34 -28.60
N GLN A 110 -11.61 5.76 -27.48
N GLN A 110 -11.63 5.79 -27.50
CA GLN A 110 -10.90 6.61 -26.52
CA GLN A 110 -10.92 6.59 -26.52
C GLN A 110 -9.72 5.86 -25.91
C GLN A 110 -9.71 5.82 -25.99
N TYR A 111 -9.96 4.60 -25.54
CA TYR A 111 -8.91 3.76 -24.96
C TYR A 111 -7.76 3.60 -25.93
N ASN A 112 -8.07 3.23 -27.18
CA ASN A 112 -7.03 3.00 -28.17
C ASN A 112 -6.26 4.28 -28.48
N ALA A 113 -6.94 5.42 -28.54
CA ALA A 113 -6.25 6.68 -28.77
C ALA A 113 -5.36 7.06 -27.60
N LEU A 114 -5.76 6.72 -26.38
CA LEU A 114 -4.92 7.03 -25.23
C LEU A 114 -3.63 6.20 -25.30
N LEU A 115 -3.74 4.93 -25.64
CA LEU A 115 -2.52 4.13 -25.70
C LEU A 115 -1.59 4.69 -26.77
N SER A 116 -2.15 5.12 -27.91
N SER A 116 -2.15 5.11 -27.93
CA SER A 116 -1.32 5.66 -28.98
CA SER A 116 -1.32 5.67 -28.99
C SER A 116 -0.63 6.95 -28.53
C SER A 116 -0.63 6.95 -28.53
N GLN A 117 -1.40 7.86 -27.90
CA GLN A 117 -0.85 9.15 -27.49
C GLN A 117 0.16 9.00 -26.37
N MET A 118 -0.08 8.08 -25.43
CA MET A 118 0.88 7.88 -24.34
C MET A 118 2.21 7.33 -24.89
N SER A 119 2.14 6.36 -25.79
N SER A 119 2.13 6.35 -25.77
CA SER A 119 3.34 5.86 -26.47
CA SER A 119 3.32 5.78 -26.42
C SER A 119 4.10 7.01 -27.11
C SER A 119 4.07 6.81 -27.24
N ARG A 120 3.39 7.82 -27.91
N ARG A 120 3.34 7.78 -27.79
CA ARG A 120 4.08 8.87 -28.66
CA ARG A 120 3.95 8.82 -28.61
C ARG A 120 4.74 9.86 -27.73
C ARG A 120 4.68 9.85 -27.76
N ILE A 121 4.06 10.27 -26.66
CA ILE A 121 4.69 11.20 -25.73
C ILE A 121 6.01 10.62 -25.24
N TYR A 122 6.01 9.36 -24.79
CA TYR A 122 7.21 8.79 -24.22
C TYR A 122 8.31 8.68 -25.28
N SER A 123 7.99 8.16 -26.46
N SER A 123 7.97 8.17 -26.46
CA SER A 123 9.05 7.84 -27.41
CA SER A 123 8.97 7.84 -27.48
C SER A 123 9.48 9.04 -28.26
C SER A 123 9.55 9.09 -28.14
N THR A 124 8.80 10.18 -28.18
CA THR A 124 9.26 11.39 -28.86
C THR A 124 9.69 12.51 -27.92
N ALA A 125 9.65 12.31 -26.61
CA ALA A 125 10.11 13.35 -25.70
C ALA A 125 11.59 13.65 -25.90
N LYS A 126 11.95 14.92 -25.73
CA LYS A 126 13.33 15.40 -25.89
C LYS A 126 13.65 16.36 -24.76
N VAL A 127 14.94 16.48 -24.46
CA VAL A 127 15.44 17.49 -23.52
C VAL A 127 16.22 18.51 -24.34
N CYS A 128 15.90 19.79 -24.17
CA CYS A 128 16.47 20.85 -25.00
C CYS A 128 17.29 21.82 -24.16
N LEU A 129 18.38 22.30 -24.75
CA LEU A 129 19.34 23.17 -24.05
C LEU A 129 18.96 24.64 -24.21
N ALA A 134 18.23 25.54 -28.90
CA ALA A 134 17.99 25.16 -30.29
C ALA A 134 17.98 23.63 -30.49
N THR A 135 19.01 22.94 -30.00
CA THR A 135 19.19 21.51 -30.23
C THR A 135 18.79 20.70 -28.99
N CYS A 136 18.40 19.44 -29.21
CA CYS A 136 17.69 18.66 -28.21
C CYS A 136 18.20 17.22 -28.15
N TRP A 137 18.22 16.68 -26.94
CA TRP A 137 18.73 15.32 -26.69
C TRP A 137 17.57 14.33 -26.58
N SER A 138 17.69 13.18 -27.23
CA SER A 138 16.74 12.08 -27.09
C SER A 138 17.14 11.20 -25.91
N LEU A 139 16.19 10.38 -25.43
CA LEU A 139 16.53 9.43 -24.37
C LEU A 139 17.62 8.47 -24.84
N ASP A 140 17.42 7.86 -26.00
CA ASP A 140 18.33 6.86 -26.54
C ASP A 140 18.84 7.37 -27.88
N PRO A 141 20.15 7.67 -28.05
CA PRO A 141 21.26 7.41 -27.13
C PRO A 141 21.70 8.56 -26.21
N ASP A 142 21.25 9.79 -26.45
CA ASP A 142 21.89 10.96 -25.83
C ASP A 142 21.82 10.92 -24.31
N LEU A 143 20.61 10.87 -23.74
CA LEU A 143 20.51 10.93 -22.28
C LEU A 143 21.01 9.65 -21.63
N THR A 144 20.79 8.51 -22.28
CA THR A 144 21.32 7.26 -21.80
C THR A 144 22.83 7.35 -21.63
N ASN A 145 23.51 7.91 -22.62
CA ASN A 145 24.96 8.00 -22.54
C ASN A 145 25.40 9.00 -21.46
N ILE A 146 24.63 10.08 -21.23
CA ILE A 146 24.98 11.01 -20.16
C ILE A 146 24.87 10.32 -18.82
N LEU A 147 23.74 9.66 -18.56
CA LEU A 147 23.57 8.97 -17.28
C LEU A 147 24.64 7.91 -17.06
N ALA A 148 25.10 7.28 -18.14
CA ALA A 148 26.07 6.19 -17.98
C ALA A 148 27.51 6.67 -17.83
N SER A 149 27.90 7.79 -18.45
N SER A 149 27.89 7.77 -18.47
CA SER A 149 29.31 8.12 -18.55
CA SER A 149 29.30 8.12 -18.59
C SER A 149 29.68 9.47 -17.96
C SER A 149 29.67 9.44 -17.93
N SER A 150 28.75 10.40 -17.83
CA SER A 150 29.06 11.64 -17.17
C SER A 150 29.20 11.39 -15.67
N ARG A 151 30.15 12.10 -15.07
CA ARG A 151 30.34 12.12 -13.64
C ARG A 151 30.23 13.55 -13.14
N SER A 152 29.61 14.41 -13.94
CA SER A 152 29.32 15.78 -13.56
C SER A 152 27.94 15.79 -12.92
N TYR A 153 27.91 16.06 -11.62
CA TYR A 153 26.66 16.12 -10.89
C TYR A 153 25.63 17.01 -11.61
N ALA A 154 26.04 18.20 -12.06
CA ALA A 154 25.11 19.15 -12.66
C ALA A 154 24.61 18.69 -14.03
N MET A 155 25.48 18.04 -14.80
CA MET A 155 25.07 17.51 -16.10
C MET A 155 24.11 16.35 -15.93
N LEU A 156 24.46 15.41 -15.07
CA LEU A 156 23.56 14.32 -14.72
C LEU A 156 22.23 14.87 -14.24
N LEU A 157 22.28 15.90 -13.42
CA LEU A 157 21.05 16.50 -12.92
C LEU A 157 20.24 17.13 -14.04
N PHE A 158 20.90 17.81 -14.99
CA PHE A 158 20.15 18.39 -16.10
C PHE A 158 19.45 17.32 -16.93
N ALA A 159 20.11 16.18 -17.14
CA ALA A 159 19.51 15.11 -17.93
C ALA A 159 18.35 14.46 -17.16
N TRP A 160 18.57 14.18 -15.88
CA TRP A 160 17.54 13.51 -15.08
C TRP A 160 16.29 14.36 -14.96
N GLU A 161 16.46 15.61 -14.56
CA GLU A 161 15.32 16.52 -14.45
C GLU A 161 14.69 16.77 -15.80
N GLY A 162 15.51 17.04 -16.82
CA GLY A 162 14.95 17.29 -18.13
C GLY A 162 14.08 16.16 -18.62
N TRP A 163 14.57 14.92 -18.46
CA TRP A 163 13.82 13.76 -18.93
C TRP A 163 12.52 13.57 -18.14
N HIS A 164 12.60 13.64 -16.82
CA HIS A 164 11.43 13.33 -16.02
C HIS A 164 10.34 14.38 -16.25
N ASN A 165 10.74 15.64 -16.35
CA ASN A 165 9.78 16.71 -16.68
C ASN A 165 9.19 16.54 -18.08
N ALA A 166 10.03 16.26 -19.09
CA ALA A 166 9.55 16.21 -20.46
C ALA A 166 8.59 15.06 -20.72
N ALA A 167 8.87 13.89 -20.17
CA ALA A 167 8.07 12.71 -20.43
C ALA A 167 6.88 12.58 -19.46
N GLY A 168 7.10 12.87 -18.16
CA GLY A 168 6.09 12.60 -17.14
C GLY A 168 4.95 13.60 -17.11
N ILE A 169 5.30 14.88 -17.11
CA ILE A 169 4.26 15.91 -16.90
C ILE A 169 3.13 15.80 -17.92
N PRO A 170 3.39 15.76 -19.23
CA PRO A 170 2.26 15.67 -20.18
C PRO A 170 1.51 14.34 -20.14
N LEU A 171 2.10 13.27 -19.57
CA LEU A 171 1.42 11.99 -19.54
C LEU A 171 0.32 11.94 -18.48
N LYS A 172 0.40 12.74 -17.43
CA LYS A 172 -0.44 12.49 -16.27
C LYS A 172 -1.92 12.53 -16.60
N PRO A 173 -2.45 13.52 -17.31
CA PRO A 173 -3.89 13.51 -17.57
C PRO A 173 -4.33 12.31 -18.38
N LEU A 174 -3.51 11.86 -19.32
CA LEU A 174 -3.85 10.70 -20.13
C LEU A 174 -3.86 9.44 -19.27
N TYR A 175 -2.88 9.33 -18.35
CA TYR A 175 -2.74 8.10 -17.57
C TYR A 175 -3.93 7.92 -16.63
N GLU A 176 -4.44 9.03 -16.10
CA GLU A 176 -5.66 9.02 -15.28
C GLU A 176 -6.83 8.47 -16.08
N ASP A 177 -6.99 8.95 -17.32
CA ASP A 177 -8.09 8.52 -18.16
C ASP A 177 -7.95 7.05 -18.56
N PHE A 178 -6.71 6.61 -18.89
CA PHE A 178 -6.45 5.22 -19.24
C PHE A 178 -6.83 4.31 -18.07
N THR A 179 -6.43 4.69 -16.88
CA THR A 179 -6.65 3.85 -15.68
C THR A 179 -8.14 3.61 -15.48
N ALA A 180 -8.93 4.68 -15.61
CA ALA A 180 -10.36 4.53 -15.41
C ALA A 180 -10.98 3.62 -16.46
N LEU A 181 -10.60 3.81 -17.73
CA LEU A 181 -11.20 3.00 -18.80
C LEU A 181 -10.76 1.56 -18.66
N SER A 182 -9.49 1.35 -18.30
CA SER A 182 -9.00 -0.02 -18.15
C SER A 182 -9.77 -0.75 -17.06
N ASN A 183 -9.94 -0.10 -15.91
CA ASN A 183 -10.67 -0.70 -14.82
C ASN A 183 -12.11 -0.97 -15.22
N GLU A 184 -12.74 -0.02 -15.92
CA GLU A 184 -14.12 -0.20 -16.35
C GLU A 184 -14.25 -1.46 -17.21
N ALA A 185 -13.27 -1.69 -18.10
CA ALA A 185 -13.27 -2.86 -18.97
C ALA A 185 -13.11 -4.15 -18.16
N TYR A 186 -12.07 -4.25 -17.33
CA TYR A 186 -11.83 -5.53 -16.66
C TYR A 186 -12.81 -5.81 -15.53
N LYS A 187 -13.46 -4.79 -14.97
CA LYS A 187 -14.49 -5.02 -13.96
C LYS A 187 -15.65 -5.80 -14.56
N GLN A 188 -15.91 -5.65 -15.85
CA GLN A 188 -17.01 -6.37 -16.47
C GLN A 188 -16.70 -7.84 -16.65
N ASP A 189 -15.42 -8.21 -16.63
CA ASP A 189 -14.99 -9.62 -16.63
C ASP A 189 -14.96 -10.24 -15.25
N GLY A 190 -15.25 -9.48 -14.21
CA GLY A 190 -15.31 -10.02 -12.87
C GLY A 190 -14.13 -9.70 -11.99
N PHE A 191 -13.13 -8.98 -12.47
CA PHE A 191 -11.98 -8.59 -11.66
C PHE A 191 -12.26 -7.28 -10.92
N THR A 192 -11.73 -7.16 -9.70
CA THR A 192 -11.97 -5.95 -8.92
C THR A 192 -11.31 -4.73 -9.59
N ASP A 193 -10.21 -4.95 -10.31
CA ASP A 193 -9.50 -3.90 -11.03
C ASP A 193 -8.47 -4.55 -11.95
N THR A 194 -7.82 -3.73 -12.77
CA THR A 194 -6.95 -4.27 -13.80
C THR A 194 -5.79 -5.00 -13.18
N GLY A 195 -5.27 -4.49 -12.06
CA GLY A 195 -4.12 -5.15 -11.44
C GLY A 195 -4.44 -6.56 -11.00
N ALA A 196 -5.66 -6.80 -10.55
CA ALA A 196 -6.07 -8.15 -10.19
C ALA A 196 -6.05 -9.07 -11.41
N TYR A 197 -6.41 -8.54 -12.58
CA TYR A 197 -6.32 -9.34 -13.80
C TYR A 197 -4.87 -9.65 -14.13
N TRP A 198 -4.00 -8.65 -14.05
CA TRP A 198 -2.58 -8.88 -14.33
C TRP A 198 -2.01 -9.95 -13.38
N ARG A 199 -2.36 -9.87 -12.11
CA ARG A 199 -1.82 -10.82 -11.12
C ARG A 199 -2.34 -12.23 -11.37
N SER A 200 -3.51 -12.36 -11.99
CA SER A 200 -4.13 -13.67 -12.22
C SER A 200 -3.32 -14.54 -13.15
N TRP A 201 -2.44 -13.95 -13.96
CA TRP A 201 -1.60 -14.69 -14.89
C TRP A 201 -0.68 -15.66 -14.17
N TYR A 202 -0.46 -15.48 -12.88
CA TYR A 202 0.47 -16.34 -12.15
C TYR A 202 -0.26 -17.45 -11.42
N ASN A 203 -1.59 -17.41 -11.42
CA ASN A 203 -2.43 -18.49 -10.91
C ASN A 203 -1.88 -19.00 -9.58
N SER A 204 -1.74 -18.08 -8.64
CA SER A 204 -1.32 -18.36 -7.28
C SER A 204 -2.14 -17.53 -6.33
N PRO A 205 -2.93 -18.13 -5.44
CA PRO A 205 -3.70 -17.30 -4.50
C PRO A 205 -2.84 -16.51 -3.54
N THR A 206 -1.59 -16.94 -3.32
CA THR A 206 -0.68 -16.30 -2.38
C THR A 206 0.42 -15.51 -3.09
N PHE A 207 0.19 -15.11 -4.34
CA PHE A 207 1.22 -14.41 -5.12
C PHE A 207 1.86 -13.27 -4.34
N GLU A 208 1.05 -12.30 -3.88
CA GLU A 208 1.63 -11.10 -3.25
C GLU A 208 2.41 -11.45 -1.99
N ASP A 209 1.86 -12.32 -1.14
CA ASP A 209 2.60 -12.77 0.03
C ASP A 209 3.89 -13.50 -0.35
N ASP A 210 3.83 -14.36 -1.37
CA ASP A 210 5.01 -15.09 -1.78
C ASP A 210 6.09 -14.12 -2.27
N LEU A 211 5.70 -13.04 -2.96
CA LEU A 211 6.69 -12.06 -3.42
C LEU A 211 7.31 -11.32 -2.24
N GLU A 212 6.48 -10.93 -1.28
CA GLU A 212 6.98 -10.18 -0.13
C GLU A 212 7.98 -11.03 0.65
N HIS A 213 7.72 -12.34 0.75
CA HIS A 213 8.62 -13.24 1.47
C HIS A 213 9.94 -13.39 0.75
N LEU A 214 9.92 -13.46 -0.59
CA LEU A 214 11.15 -13.48 -1.36
C LEU A 214 11.93 -12.20 -1.12
N TYR A 215 11.25 -11.06 -1.16
CA TYR A 215 11.98 -9.81 -1.01
C TYR A 215 12.63 -9.71 0.38
N GLN A 216 11.95 -10.22 1.42
CA GLN A 216 12.55 -10.21 2.77
C GLN A 216 13.89 -10.91 2.79
N GLN A 217 14.03 -11.99 2.02
CA GLN A 217 15.31 -12.73 1.96
C GLN A 217 16.38 -11.95 1.22
N LEU A 218 15.95 -11.17 0.24
CA LEU A 218 16.88 -10.50 -0.65
C LEU A 218 17.30 -9.13 -0.13
N GLU A 219 16.47 -8.48 0.67
CA GLU A 219 16.73 -7.12 1.11
C GLU A 219 18.08 -6.93 1.79
N PRO A 220 18.56 -7.80 2.67
CA PRO A 220 19.89 -7.57 3.26
C PRO A 220 21.01 -7.47 2.22
N LEU A 221 20.91 -8.23 1.13
CA LEU A 221 21.91 -8.16 0.06
C LEU A 221 21.89 -6.78 -0.55
N TYR A 222 20.68 -6.26 -0.81
CA TYR A 222 20.57 -4.94 -1.38
C TYR A 222 21.10 -3.89 -0.41
N LEU A 223 20.72 -3.98 0.88
CA LEU A 223 21.13 -2.95 1.83
C LEU A 223 22.66 -2.87 1.90
N ASN A 224 23.34 -4.00 1.90
CA ASN A 224 24.81 -3.97 1.93
C ASN A 224 25.39 -3.44 0.64
N LEU A 225 24.82 -3.80 -0.51
CA LEU A 225 25.35 -3.26 -1.76
C LEU A 225 25.17 -1.76 -1.80
N HIS A 226 23.98 -1.30 -1.41
CA HIS A 226 23.66 0.11 -1.34
C HIS A 226 24.66 0.89 -0.48
N ALA A 227 24.95 0.39 0.71
CA ALA A 227 25.83 1.14 1.64
C ALA A 227 27.26 1.25 1.10
N PHE A 228 27.75 0.17 0.48
CA PHE A 228 29.07 0.14 -0.14
C PHE A 228 29.17 1.13 -1.31
N VAL A 229 28.16 1.13 -2.19
CA VAL A 229 28.12 2.03 -3.33
C VAL A 229 27.99 3.48 -2.88
N ARG A 230 27.15 3.72 -1.88
CA ARG A 230 26.99 5.07 -1.36
C ARG A 230 28.32 5.60 -0.82
N ARG A 231 29.10 4.75 -0.17
CA ARG A 231 30.45 5.12 0.26
C ARG A 231 31.34 5.48 -0.95
N ALA A 232 31.28 4.66 -2.01
CA ALA A 232 32.09 4.94 -3.19
C ALA A 232 31.70 6.27 -3.83
N LEU A 233 30.39 6.56 -3.89
CA LEU A 233 29.94 7.83 -4.44
C LEU A 233 30.34 9.01 -3.57
N HIS A 234 30.36 8.80 -2.25
CA HIS A 234 30.74 9.87 -1.33
C HIS A 234 32.19 10.27 -1.55
N ARG A 235 33.04 9.29 -1.79
CA ARG A 235 34.44 9.57 -2.10
C ARG A 235 34.62 10.41 -3.37
N ARG A 236 33.71 10.30 -4.34
CA ARG A 236 33.80 11.08 -5.57
C ARG A 236 33.07 12.42 -5.52
N TYR A 237 31.88 12.44 -4.93
CA TYR A 237 31.02 13.61 -5.06
C TYR A 237 31.06 14.51 -3.84
N GLY A 238 31.50 14.00 -2.70
CA GLY A 238 31.69 14.80 -1.51
C GLY A 238 30.49 14.81 -0.60
N ASP A 239 30.73 15.26 0.63
CA ASP A 239 29.74 15.23 1.71
C ASP A 239 28.57 16.17 1.48
N ARG A 240 28.63 17.07 0.50
CA ARG A 240 27.51 17.95 0.23
C ARG A 240 26.45 17.27 -0.64
N TYR A 241 26.87 16.42 -1.58
CA TYR A 241 25.95 15.74 -2.48
C TYR A 241 25.62 14.30 -2.08
N ILE A 242 26.36 13.70 -1.15
CA ILE A 242 26.10 12.35 -0.66
C ILE A 242 26.00 12.38 0.86
N ASN A 243 24.91 11.84 1.37
CA ASN A 243 24.69 11.70 2.80
C ASN A 243 24.88 10.24 3.18
N LEU A 244 25.90 9.95 3.99
CA LEU A 244 26.22 8.55 4.32
C LEU A 244 25.16 7.89 5.19
N ARG A 245 24.17 8.64 5.68
CA ARG A 245 23.07 8.05 6.43
C ARG A 245 21.74 8.34 5.77
N GLY A 246 21.76 8.78 4.52
CA GLY A 246 20.55 9.12 3.79
C GLY A 246 20.44 8.45 2.42
N PRO A 247 19.33 8.72 1.71
CA PRO A 247 19.12 8.10 0.41
C PRO A 247 20.13 8.64 -0.59
N ILE A 248 20.44 7.82 -1.59
CA ILE A 248 21.35 8.23 -2.68
C ILE A 248 20.56 9.10 -3.67
N PRO A 249 21.06 10.26 -4.08
CA PRO A 249 20.42 11.00 -5.18
C PRO A 249 20.24 10.14 -6.45
N ALA A 250 19.04 10.20 -7.03
CA ALA A 250 18.57 9.18 -7.97
C ALA A 250 19.24 9.24 -9.33
N HIS A 251 20.11 10.23 -9.58
CA HIS A 251 20.72 10.41 -10.90
C HIS A 251 22.18 9.98 -10.96
N LEU A 252 22.72 9.42 -9.88
CA LEU A 252 24.15 9.15 -9.76
C LEU A 252 24.52 7.68 -9.92
N LEU A 253 23.59 6.81 -10.32
CA LEU A 253 23.82 5.38 -10.25
C LEU A 253 23.97 4.72 -11.62
N GLY A 254 24.08 5.52 -12.71
CA GLY A 254 24.46 5.05 -14.02
C GLY A 254 23.31 4.92 -15.00
N ASP A 255 22.08 5.12 -14.52
CA ASP A 255 20.87 4.70 -15.21
C ASP A 255 19.79 5.75 -14.89
N MET A 256 18.98 6.08 -15.88
CA MET A 256 17.94 7.11 -15.71
C MET A 256 17.00 6.78 -14.54
N TRP A 257 16.81 5.49 -14.27
CA TRP A 257 15.85 5.04 -13.25
C TRP A 257 16.56 4.46 -12.04
N ALA A 258 17.88 4.58 -11.98
CA ALA A 258 18.69 3.99 -10.91
C ALA A 258 18.41 2.49 -10.75
N GLN A 259 18.04 1.83 -11.84
CA GLN A 259 17.53 0.45 -11.74
C GLN A 259 18.61 -0.60 -11.94
N SER A 260 19.67 -0.29 -12.69
N SER A 260 19.72 -0.23 -12.56
CA SER A 260 20.88 -1.10 -12.82
CA SER A 260 20.87 -1.08 -12.81
C SER A 260 22.03 -0.16 -12.51
C SER A 260 22.07 -0.20 -12.61
N TRP A 261 23.06 -0.67 -11.82
CA TRP A 261 24.18 0.17 -11.46
C TRP A 261 25.47 -0.25 -12.18
N GLU A 262 25.37 -1.11 -13.21
N GLU A 262 25.39 -1.07 -13.21
CA GLU A 262 26.55 -1.58 -13.95
CA GLU A 262 26.62 -1.61 -13.80
C GLU A 262 27.47 -0.44 -14.34
C GLU A 262 27.46 -0.53 -14.52
N ASN A 263 26.90 0.65 -14.82
CA ASN A 263 27.69 1.74 -15.39
C ASN A 263 28.59 2.43 -14.40
N ILE A 264 28.43 2.26 -13.08
CA ILE A 264 29.35 2.88 -12.13
C ILE A 264 30.36 1.86 -11.62
N TYR A 265 30.46 0.71 -12.26
CA TYR A 265 31.41 -0.32 -11.84
C TYR A 265 32.82 0.25 -11.65
N ASP A 266 33.27 1.15 -12.54
CA ASP A 266 34.64 1.64 -12.39
C ASP A 266 34.85 2.38 -11.08
N MET A 267 33.80 2.99 -10.48
CA MET A 267 33.94 3.66 -9.18
C MET A 267 33.83 2.74 -8.00
N VAL A 268 33.32 1.53 -8.20
CA VAL A 268 33.10 0.65 -7.07
C VAL A 268 34.01 -0.60 -7.09
N VAL A 269 34.67 -0.90 -8.20
CA VAL A 269 35.42 -2.16 -8.34
C VAL A 269 36.41 -2.30 -7.20
N PRO A 270 36.34 -3.38 -6.40
CA PRO A 270 37.23 -3.45 -5.23
C PRO A 270 38.69 -3.72 -5.56
N PHE A 271 39.03 -4.43 -6.65
CA PHE A 271 40.42 -4.83 -6.92
C PHE A 271 40.76 -4.45 -8.36
N PRO A 272 41.01 -3.16 -8.61
CA PRO A 272 41.19 -2.70 -10.00
C PRO A 272 42.47 -3.20 -10.68
N ASP A 273 43.37 -3.87 -9.97
CA ASP A 273 44.58 -4.41 -10.58
C ASP A 273 44.35 -5.77 -11.25
N LYS A 274 43.16 -6.35 -11.08
CA LYS A 274 42.75 -7.60 -11.71
C LYS A 274 42.15 -7.28 -13.07
N PRO A 275 41.78 -8.28 -13.87
CA PRO A 275 41.27 -7.99 -15.23
C PRO A 275 40.08 -7.05 -15.17
N ASN A 276 40.00 -6.16 -16.15
CA ASN A 276 38.89 -5.22 -16.26
C ASN A 276 37.71 -5.97 -16.87
N LEU A 277 36.67 -6.18 -16.08
CA LEU A 277 35.59 -7.05 -16.51
C LEU A 277 34.51 -6.34 -17.31
N ASP A 278 34.60 -5.02 -17.42
CA ASP A 278 33.73 -4.29 -18.34
C ASP A 278 34.47 -4.24 -19.69
N VAL A 279 34.01 -5.05 -20.63
CA VAL A 279 34.70 -5.22 -21.90
C VAL A 279 34.24 -4.23 -22.97
N THR A 280 33.45 -3.21 -22.59
CA THR A 280 33.01 -2.25 -23.60
C THR A 280 34.16 -1.68 -24.40
N SER A 281 35.21 -1.21 -23.72
CA SER A 281 36.30 -0.57 -24.46
C SER A 281 36.96 -1.53 -25.44
N THR A 282 37.00 -2.82 -25.11
CA THR A 282 37.55 -3.80 -26.04
C THR A 282 36.62 -4.04 -27.23
N MET A 283 35.30 -4.05 -27.00
CA MET A 283 34.40 -4.13 -28.13
C MET A 283 34.61 -2.94 -29.05
N LEU A 284 34.82 -1.74 -28.48
CA LEU A 284 35.02 -0.56 -29.31
C LEU A 284 36.37 -0.64 -30.01
N GLN A 285 37.42 -1.01 -29.27
CA GLN A 285 38.74 -1.12 -29.88
C GLN A 285 38.73 -2.10 -31.05
N GLN A 286 38.00 -3.19 -30.90
CA GLN A 286 37.88 -4.23 -31.92
C GLN A 286 36.88 -3.93 -33.02
N GLY A 287 36.09 -2.85 -32.93
CA GLY A 287 35.17 -2.53 -34.01
C GLY A 287 33.90 -3.35 -34.07
N TRP A 288 33.42 -3.84 -32.93
CA TRP A 288 32.14 -4.54 -32.94
C TRP A 288 31.04 -3.60 -33.39
N GLN A 289 30.08 -4.16 -34.12
N GLN A 289 30.10 -4.13 -34.16
CA GLN A 289 28.87 -3.48 -34.52
CA GLN A 289 28.88 -3.41 -34.48
C GLN A 289 27.66 -4.31 -34.11
C GLN A 289 27.68 -4.22 -34.00
N ALA A 290 26.48 -3.71 -34.27
CA ALA A 290 25.28 -4.40 -33.86
C ALA A 290 25.16 -5.75 -34.52
N THR A 291 25.45 -5.86 -35.83
CA THR A 291 25.27 -7.19 -36.42
C THR A 291 26.22 -8.25 -35.81
N HIS A 292 27.43 -7.86 -35.38
CA HIS A 292 28.34 -8.81 -34.71
C HIS A 292 27.71 -9.29 -33.42
N MET A 293 27.11 -8.37 -32.67
CA MET A 293 26.52 -8.68 -31.37
C MET A 293 25.38 -9.66 -31.51
N PHE A 294 24.51 -9.45 -32.50
CA PHE A 294 23.43 -10.40 -32.74
C PHE A 294 23.92 -11.75 -33.25
N ARG A 295 24.94 -11.78 -34.12
CA ARG A 295 25.44 -13.09 -34.58
C ARG A 295 26.16 -13.87 -33.47
N VAL A 296 26.85 -13.17 -32.57
CA VAL A 296 27.50 -13.87 -31.48
C VAL A 296 26.46 -14.42 -30.51
N ALA A 297 25.38 -13.67 -30.31
CA ALA A 297 24.30 -14.18 -29.47
C ALA A 297 23.66 -15.37 -30.11
N GLU A 298 23.41 -15.31 -31.41
CA GLU A 298 22.83 -16.46 -32.10
C GLU A 298 23.70 -17.70 -31.95
N GLU A 299 25.01 -17.52 -32.02
CA GLU A 299 25.86 -18.68 -32.03
C GLU A 299 25.86 -19.38 -30.66
N PHE A 300 25.64 -18.62 -29.57
CA PHE A 300 25.44 -19.27 -28.27
C PHE A 300 24.21 -20.20 -28.32
N PHE A 301 23.08 -19.67 -28.80
CA PHE A 301 21.88 -20.48 -28.94
C PHE A 301 22.12 -21.73 -29.77
N THR A 302 22.78 -21.60 -30.94
CA THR A 302 22.98 -22.81 -31.74
C THR A 302 24.01 -23.75 -31.10
N SER A 303 24.92 -23.24 -30.27
CA SER A 303 25.87 -24.12 -29.57
C SER A 303 25.14 -25.09 -28.66
N LEU A 304 23.94 -24.71 -28.23
CA LEU A 304 23.06 -25.50 -27.39
C LEU A 304 22.12 -26.38 -28.21
N GLU A 305 22.23 -26.34 -29.53
CA GLU A 305 21.29 -27.01 -30.44
C GLU A 305 19.88 -26.45 -30.32
N LEU A 306 19.81 -25.19 -29.98
CA LEU A 306 18.56 -24.43 -30.17
C LEU A 306 18.61 -23.85 -31.57
N SER A 307 17.54 -23.12 -31.97
CA SER A 307 17.36 -22.76 -33.37
C SER A 307 18.14 -21.50 -33.72
N PRO A 308 18.74 -21.44 -34.90
CA PRO A 308 19.24 -20.16 -35.39
C PRO A 308 18.07 -19.23 -35.65
N MET A 309 18.39 -17.97 -35.85
CA MET A 309 17.40 -16.99 -36.29
C MET A 309 17.11 -17.23 -37.77
N PRO A 310 15.86 -17.27 -38.19
CA PRO A 310 15.53 -17.55 -39.60
C PRO A 310 15.78 -16.34 -40.48
N PRO A 311 15.82 -16.54 -41.80
CA PRO A 311 16.09 -15.41 -42.70
C PRO A 311 15.13 -14.27 -42.52
N GLU A 312 13.85 -14.59 -42.29
CA GLU A 312 12.86 -13.55 -42.06
C GLU A 312 13.22 -12.64 -40.89
N PHE A 313 13.92 -13.19 -39.89
CA PHE A 313 14.39 -12.38 -38.77
C PHE A 313 15.43 -11.38 -39.24
N TRP A 314 16.43 -11.84 -40.03
CA TRP A 314 17.48 -10.92 -40.46
C TRP A 314 16.96 -9.93 -41.48
N GLU A 315 16.02 -10.35 -42.31
CA GLU A 315 15.51 -9.45 -43.35
C GLU A 315 14.61 -8.38 -42.76
N GLY A 316 13.88 -8.71 -41.68
CA GLY A 316 12.86 -7.81 -41.15
C GLY A 316 13.23 -7.00 -39.92
N SER A 317 14.27 -7.40 -39.18
CA SER A 317 14.58 -6.77 -37.90
C SER A 317 15.22 -5.42 -38.09
N MET A 318 15.05 -4.56 -37.09
CA MET A 318 15.71 -3.25 -37.04
C MET A 318 16.74 -3.30 -35.92
N LEU A 319 18.04 -3.35 -36.27
CA LEU A 319 19.08 -3.63 -35.28
C LEU A 319 19.90 -2.40 -34.92
N GLU A 320 19.66 -1.26 -35.56
CA GLU A 320 20.29 0.00 -35.22
C GLU A 320 19.23 1.09 -35.36
N LYS A 321 19.44 2.19 -34.65
CA LYS A 321 18.57 3.35 -34.81
C LYS A 321 18.68 3.89 -36.24
N PRO A 322 17.58 4.07 -36.95
CA PRO A 322 17.66 4.67 -38.29
C PRO A 322 18.30 6.05 -38.24
N ALA A 323 19.19 6.31 -39.19
CA ALA A 323 19.84 7.60 -39.31
C ALA A 323 19.30 8.39 -40.50
N ASP A 324 18.18 7.95 -41.08
CA ASP A 324 17.56 8.60 -42.23
C ASP A 324 16.36 9.45 -41.82
N GLY A 325 16.40 10.08 -40.66
CA GLY A 325 15.34 10.99 -40.22
C GLY A 325 14.21 10.38 -39.39
N ARG A 326 13.78 9.16 -39.74
CA ARG A 326 12.65 8.52 -39.07
C ARG A 326 12.67 8.71 -37.56
N GLU A 327 11.48 8.79 -36.96
CA GLU A 327 11.32 8.60 -35.53
C GLU A 327 10.85 7.18 -35.29
N VAL A 328 11.48 6.52 -34.32
CA VAL A 328 11.12 5.16 -33.96
C VAL A 328 11.01 5.10 -32.44
N VAL A 329 10.36 4.04 -31.98
CA VAL A 329 10.41 3.68 -30.57
C VAL A 329 11.75 2.98 -30.37
N CYS A 330 12.66 3.61 -29.62
CA CYS A 330 13.98 3.01 -29.46
C CYS A 330 14.03 1.96 -28.35
N HIS A 331 13.05 1.93 -27.46
CA HIS A 331 13.04 0.89 -26.44
C HIS A 331 13.05 -0.49 -27.10
N ALA A 332 13.97 -1.36 -26.68
CA ALA A 332 14.14 -2.65 -27.35
C ALA A 332 12.90 -3.52 -27.26
N SER A 333 12.65 -4.30 -28.31
CA SER A 333 11.51 -5.21 -28.27
C SER A 333 11.69 -6.38 -29.22
N ALA A 334 10.98 -7.45 -28.89
CA ALA A 334 10.99 -8.71 -29.60
C ALA A 334 9.55 -9.13 -29.94
N TRP A 335 9.31 -9.41 -31.24
CA TRP A 335 7.97 -9.52 -31.80
C TRP A 335 7.70 -10.90 -32.41
N ASP A 336 6.51 -11.42 -32.11
CA ASP A 336 5.95 -12.62 -32.70
C ASP A 336 4.78 -12.16 -33.58
N PHE A 337 4.87 -12.36 -34.90
CA PHE A 337 3.77 -11.95 -35.79
C PHE A 337 2.63 -12.96 -35.85
N TYR A 338 2.74 -14.09 -35.14
CA TYR A 338 1.67 -15.08 -35.03
C TYR A 338 1.29 -15.69 -36.39
N ASN A 339 2.25 -15.73 -37.33
CA ASN A 339 2.08 -16.47 -38.59
C ASN A 339 3.09 -17.60 -38.71
N ARG A 340 3.81 -17.93 -37.65
CA ARG A 340 4.77 -19.02 -37.61
C ARG A 340 5.96 -18.81 -38.53
N LYS A 341 6.18 -17.58 -39.00
CA LYS A 341 7.23 -17.30 -40.00
C LYS A 341 8.02 -16.04 -39.65
N ASP A 342 7.31 -14.97 -39.28
CA ASP A 342 7.90 -13.66 -39.06
C ASP A 342 8.11 -13.43 -37.57
N PHE A 343 9.36 -13.15 -37.22
CA PHE A 343 9.79 -12.90 -35.84
C PHE A 343 10.88 -11.86 -35.95
N ARG A 344 10.81 -10.79 -35.17
CA ARG A 344 11.75 -9.69 -35.36
C ARG A 344 12.12 -9.06 -34.04
N ILE A 345 13.33 -8.49 -34.01
CA ILE A 345 13.75 -7.57 -32.96
C ILE A 345 13.85 -6.16 -33.54
N LYS A 346 13.45 -5.20 -32.73
CA LYS A 346 13.71 -3.78 -32.94
C LYS A 346 14.54 -3.32 -31.75
N GLN A 347 15.80 -2.95 -32.00
CA GLN A 347 16.68 -2.46 -30.95
C GLN A 347 17.55 -1.36 -31.54
N CYS A 348 17.65 -0.22 -30.83
CA CYS A 348 18.58 0.84 -31.22
C CYS A 348 19.95 0.55 -30.58
N THR A 349 20.54 -0.51 -31.12
CA THR A 349 21.71 -1.14 -30.48
C THR A 349 22.89 -0.20 -30.39
N ARG A 350 23.50 -0.16 -29.20
CA ARG A 350 24.74 0.56 -28.94
C ARG A 350 25.82 -0.46 -28.59
N VAL A 351 27.07 -0.12 -28.88
CA VAL A 351 28.17 -1.08 -28.77
C VAL A 351 28.70 -0.98 -27.34
N THR A 352 28.11 -1.77 -26.44
CA THR A 352 28.48 -1.78 -25.04
C THR A 352 28.25 -3.20 -24.52
N MET A 353 28.89 -3.48 -23.40
CA MET A 353 28.74 -4.80 -22.78
C MET A 353 27.31 -5.00 -22.29
N ASP A 354 26.70 -3.98 -21.69
CA ASP A 354 25.33 -4.18 -21.20
C ASP A 354 24.36 -4.33 -22.37
N GLN A 355 24.63 -3.69 -23.50
CA GLN A 355 23.82 -3.94 -24.69
C GLN A 355 23.98 -5.34 -25.21
N LEU A 356 25.18 -5.93 -25.09
CA LEU A 356 25.34 -7.31 -25.48
C LEU A 356 24.41 -8.21 -24.66
N SER A 357 24.30 -7.93 -23.37
CA SER A 357 23.32 -8.64 -22.53
C SER A 357 21.90 -8.43 -23.05
N THR A 358 21.54 -7.19 -23.36
CA THR A 358 20.21 -6.89 -23.89
C THR A 358 19.91 -7.66 -25.18
N VAL A 359 20.90 -7.77 -26.08
CA VAL A 359 20.73 -8.59 -27.28
C VAL A 359 20.37 -10.02 -26.92
N HIS A 360 21.07 -10.60 -25.92
CA HIS A 360 20.73 -11.97 -25.53
C HIS A 360 19.31 -12.04 -24.94
N HIS A 361 18.95 -11.07 -24.10
CA HIS A 361 17.60 -10.98 -23.53
C HIS A 361 16.53 -11.00 -24.62
N GLU A 362 16.68 -10.12 -25.61
CA GLU A 362 15.72 -10.09 -26.70
C GLU A 362 15.74 -11.37 -27.53
N MET A 363 16.93 -11.93 -27.83
CA MET A 363 16.95 -13.15 -28.63
C MET A 363 16.32 -14.30 -27.85
N GLY A 364 16.36 -14.25 -26.51
CA GLY A 364 15.68 -15.27 -25.71
C GLY A 364 14.18 -15.28 -25.95
N HIS A 365 13.60 -14.10 -26.11
CA HIS A 365 12.18 -13.96 -26.45
C HIS A 365 11.91 -14.60 -27.82
N ILE A 366 12.77 -14.31 -28.81
CA ILE A 366 12.61 -14.90 -30.15
C ILE A 366 12.73 -16.41 -30.08
N GLN A 367 13.74 -16.93 -29.35
CA GLN A 367 13.88 -18.37 -29.30
C GLN A 367 12.62 -19.04 -28.75
N TYR A 368 12.02 -18.45 -27.70
CA TYR A 368 10.75 -18.96 -27.16
C TYR A 368 9.69 -19.03 -28.27
N TYR A 369 9.52 -17.92 -28.99
CA TYR A 369 8.58 -17.86 -30.11
C TYR A 369 8.83 -18.95 -31.14
N LEU A 370 10.11 -19.17 -31.50
CA LEU A 370 10.42 -20.21 -32.47
C LEU A 370 10.08 -21.60 -31.96
N GLN A 371 10.25 -21.86 -30.66
CA GLN A 371 10.07 -23.20 -30.13
C GLN A 371 8.60 -23.57 -29.94
N TYR A 372 7.70 -22.60 -29.77
CA TYR A 372 6.30 -22.93 -29.56
C TYR A 372 5.41 -22.47 -30.72
N LYS A 373 6.00 -22.14 -31.87
CA LYS A 373 5.23 -21.54 -32.96
C LYS A 373 4.14 -22.46 -33.48
N ASP A 374 4.22 -23.76 -33.22
CA ASP A 374 3.26 -24.71 -33.77
C ASP A 374 2.21 -25.17 -32.77
N LEU A 375 2.22 -24.64 -31.58
CA LEU A 375 1.09 -24.78 -30.68
C LEU A 375 -0.07 -23.88 -31.09
N PRO A 376 -1.28 -24.23 -30.66
CA PRO A 376 -2.40 -23.28 -30.76
C PRO A 376 -2.03 -21.91 -30.22
N VAL A 377 -2.50 -20.88 -30.92
CA VAL A 377 -2.08 -19.51 -30.63
C VAL A 377 -2.28 -19.13 -29.17
N SER A 378 -3.30 -19.68 -28.50
CA SER A 378 -3.50 -19.23 -27.13
C SER A 378 -2.44 -19.80 -26.19
N LEU A 379 -1.73 -20.84 -26.60
CA LEU A 379 -0.69 -21.44 -25.79
C LEU A 379 0.71 -20.94 -26.18
N ARG A 380 0.78 -19.94 -27.06
CA ARG A 380 2.06 -19.35 -27.51
C ARG A 380 2.38 -18.18 -26.59
N ARG A 381 2.69 -18.56 -25.34
CA ARG A 381 3.03 -17.62 -24.27
C ARG A 381 4.04 -18.34 -23.37
N GLY A 382 4.67 -17.59 -22.46
CA GLY A 382 5.54 -18.22 -21.50
C GLY A 382 4.74 -19.03 -20.48
N ALA A 383 5.37 -19.99 -19.82
CA ALA A 383 4.60 -20.70 -18.79
C ALA A 383 4.02 -19.73 -17.77
N ASN A 384 4.76 -18.67 -17.44
CA ASN A 384 4.19 -17.41 -16.98
C ASN A 384 5.05 -16.30 -17.57
N PRO A 385 4.66 -15.02 -17.45
CA PRO A 385 5.43 -13.97 -18.14
C PRO A 385 6.88 -13.87 -17.65
N GLY A 386 7.13 -14.24 -16.39
CA GLY A 386 8.50 -14.26 -15.90
C GLY A 386 9.41 -15.28 -16.58
N PHE A 387 8.87 -16.43 -17.04
CA PHE A 387 9.67 -17.41 -17.78
C PHE A 387 10.18 -16.77 -19.05
N HIS A 388 9.32 -16.01 -19.73
CA HIS A 388 9.72 -15.41 -20.99
C HIS A 388 10.86 -14.44 -20.78
N GLU A 389 10.81 -13.71 -19.66
CA GLU A 389 11.87 -12.76 -19.35
C GLU A 389 13.16 -13.47 -18.94
N ALA A 390 13.11 -14.70 -18.45
CA ALA A 390 14.35 -15.28 -17.91
C ALA A 390 15.24 -15.93 -18.95
N ILE A 391 14.70 -16.33 -20.11
CA ILE A 391 15.42 -17.21 -21.03
C ILE A 391 16.74 -16.57 -21.43
N GLY A 392 16.67 -15.38 -22.01
CA GLY A 392 17.87 -14.71 -22.51
C GLY A 392 18.85 -14.31 -21.42
N ASP A 393 18.33 -13.91 -20.26
CA ASP A 393 19.18 -13.55 -19.12
C ASP A 393 19.98 -14.76 -18.63
N VAL A 394 19.39 -15.95 -18.69
CA VAL A 394 20.12 -17.15 -18.27
C VAL A 394 21.34 -17.37 -19.16
N LEU A 395 21.16 -17.34 -20.49
CA LEU A 395 22.34 -17.47 -21.34
C LEU A 395 23.34 -16.36 -21.08
N ALA A 396 22.85 -15.13 -20.85
CA ALA A 396 23.76 -14.02 -20.67
C ALA A 396 24.58 -14.19 -19.38
N LEU A 397 24.04 -14.92 -18.39
CA LEU A 397 24.84 -15.22 -17.19
C LEU A 397 26.09 -15.99 -17.55
N SER A 398 25.99 -16.97 -18.45
CA SER A 398 27.19 -17.69 -18.92
C SER A 398 28.10 -16.80 -19.74
N VAL A 399 27.52 -15.97 -20.62
CA VAL A 399 28.31 -15.13 -21.53
C VAL A 399 29.19 -14.16 -20.77
N SER A 400 28.70 -13.66 -19.62
CA SER A 400 29.41 -12.61 -18.89
C SER A 400 30.58 -13.16 -18.07
N THR A 401 30.66 -14.45 -17.87
CA THR A 401 31.75 -15.00 -17.08
C THR A 401 33.10 -14.65 -17.73
N PRO A 402 34.10 -14.31 -16.92
CA PRO A 402 35.44 -14.05 -17.50
C PRO A 402 35.95 -15.22 -18.35
N GLU A 403 35.61 -16.45 -18.00
CA GLU A 403 36.02 -17.59 -18.80
C GLU A 403 35.38 -17.56 -20.18
N HIS A 404 34.09 -17.22 -20.26
CA HIS A 404 33.47 -17.17 -21.57
C HIS A 404 33.96 -15.99 -22.39
N LEU A 405 34.10 -14.84 -21.75
CA LEU A 405 34.58 -13.67 -22.45
C LEU A 405 35.95 -13.93 -23.06
N HIS A 406 36.78 -14.71 -22.37
CA HIS A 406 38.07 -15.09 -22.93
C HIS A 406 37.89 -15.90 -24.21
N LYS A 407 36.93 -16.85 -24.20
CA LYS A 407 36.69 -17.69 -25.37
C LYS A 407 36.29 -16.89 -26.60
N ILE A 408 35.56 -15.78 -26.45
CA ILE A 408 35.08 -15.02 -27.60
C ILE A 408 35.97 -13.79 -27.86
N GLY A 409 37.16 -13.75 -27.26
CA GLY A 409 38.14 -12.76 -27.60
C GLY A 409 37.99 -11.43 -26.92
N LEU A 410 37.18 -11.32 -25.85
CA LEU A 410 36.92 -10.04 -25.21
C LEU A 410 37.66 -9.85 -23.90
N LEU A 411 38.46 -10.82 -23.47
CA LEU A 411 39.19 -10.67 -22.22
C LEU A 411 40.43 -11.55 -22.35
N ASP A 412 41.55 -10.93 -22.70
CA ASP A 412 42.77 -11.70 -22.90
C ASP A 412 43.24 -12.34 -21.60
N ARG A 413 43.31 -11.56 -20.54
CA ARG A 413 43.88 -12.02 -19.29
C ARG A 413 42.96 -13.00 -18.58
N VAL A 414 43.55 -14.06 -18.05
CA VAL A 414 42.86 -15.11 -17.31
C VAL A 414 43.35 -15.11 -15.87
N THR A 415 42.41 -15.16 -14.92
CA THR A 415 42.76 -15.31 -13.50
C THR A 415 41.67 -16.11 -12.81
N ASN A 416 42.06 -16.86 -11.76
CA ASN A 416 41.10 -17.57 -10.88
C ASN A 416 41.54 -17.44 -9.43
N ASP A 417 41.29 -16.27 -8.84
CA ASP A 417 41.66 -15.97 -7.48
C ASP A 417 40.50 -15.27 -6.74
N THR A 418 40.61 -15.12 -5.42
CA THR A 418 39.44 -14.66 -4.67
C THR A 418 39.11 -13.21 -5.01
N GLU A 419 40.14 -12.40 -5.32
CA GLU A 419 39.87 -11.00 -5.64
C GLU A 419 39.12 -10.87 -6.95
N SER A 420 39.53 -11.63 -7.95
CA SER A 420 38.88 -11.62 -9.26
C SER A 420 37.43 -12.06 -9.13
N ASP A 421 37.18 -13.06 -8.26
CA ASP A 421 35.82 -13.51 -7.99
C ASP A 421 34.97 -12.41 -7.36
N ILE A 422 35.52 -11.71 -6.35
CA ILE A 422 34.78 -10.61 -5.73
C ILE A 422 34.45 -9.53 -6.76
N ASN A 423 35.41 -9.21 -7.63
CA ASN A 423 35.16 -8.22 -8.69
C ASN A 423 34.00 -8.65 -9.55
N TYR A 424 34.02 -9.91 -10.01
CA TYR A 424 32.97 -10.36 -10.90
C TYR A 424 31.61 -10.36 -10.19
N LEU A 425 31.55 -10.93 -8.98
CA LEU A 425 30.28 -10.99 -8.26
C LEU A 425 29.75 -9.58 -7.92
N LEU A 426 30.65 -8.64 -7.64
CA LEU A 426 30.22 -7.27 -7.40
C LEU A 426 29.63 -6.68 -8.66
N LYS A 427 30.31 -6.90 -9.79
CA LYS A 427 29.79 -6.38 -11.03
C LYS A 427 28.41 -6.97 -11.31
N MET A 428 28.24 -8.28 -11.09
CA MET A 428 26.93 -8.91 -11.31
C MET A 428 25.90 -8.40 -10.28
N ALA A 429 26.34 -8.14 -9.04
CA ALA A 429 25.40 -7.57 -8.07
C ALA A 429 24.90 -6.20 -8.51
N LEU A 430 25.78 -5.39 -9.12
CA LEU A 430 25.34 -4.06 -9.59
C LEU A 430 24.24 -4.17 -10.65
N GLU A 431 24.22 -5.24 -11.41
CA GLU A 431 23.26 -5.50 -12.47
C GLU A 431 22.01 -6.17 -11.95
N LYS A 432 22.17 -7.15 -11.05
CA LYS A 432 21.07 -8.02 -10.65
C LYS A 432 20.52 -7.68 -9.27
N ILE A 433 21.37 -7.43 -8.27
CA ILE A 433 20.86 -7.17 -6.95
C ILE A 433 20.29 -5.75 -6.86
N ALA A 434 20.95 -4.77 -7.49
CA ALA A 434 20.46 -3.41 -7.49
C ALA A 434 19.08 -3.30 -8.12
N PHE A 435 18.77 -4.15 -9.08
CA PHE A 435 17.49 -4.10 -9.78
C PHE A 435 16.33 -4.56 -8.90
N LEU A 436 16.58 -5.52 -7.98
CA LEU A 436 15.49 -6.18 -7.27
C LEU A 436 14.49 -5.25 -6.64
N PRO A 437 14.88 -4.24 -5.85
CA PRO A 437 13.85 -3.33 -5.29
C PRO A 437 13.03 -2.62 -6.34
N PHE A 438 13.64 -2.20 -7.45
CA PHE A 438 12.89 -1.54 -8.53
C PHE A 438 11.94 -2.53 -9.23
N GLY A 439 12.44 -3.71 -9.55
CA GLY A 439 11.60 -4.73 -10.13
C GLY A 439 10.36 -4.98 -9.26
N TYR A 440 10.54 -4.94 -7.94
CA TYR A 440 9.43 -5.19 -7.01
C TYR A 440 8.48 -4.01 -6.93
N LEU A 441 9.01 -2.77 -6.81
CA LEU A 441 8.14 -1.65 -6.46
C LEU A 441 7.26 -1.14 -7.60
N VAL A 442 7.66 -1.27 -8.88
CA VAL A 442 6.93 -0.61 -9.95
C VAL A 442 5.47 -1.05 -9.96
N ASP A 443 5.21 -2.37 -9.90
CA ASP A 443 3.81 -2.80 -9.88
C ASP A 443 3.16 -2.69 -8.51
N GLN A 444 3.91 -2.56 -7.41
N GLN A 444 3.91 -2.56 -7.41
CA GLN A 444 3.25 -2.12 -6.18
CA GLN A 444 3.26 -2.13 -6.17
C GLN A 444 2.60 -0.76 -6.41
C GLN A 444 2.62 -0.76 -6.39
N TRP A 445 3.34 0.16 -7.05
CA TRP A 445 2.81 1.47 -7.37
C TRP A 445 1.58 1.32 -8.27
N ARG A 446 1.70 0.54 -9.35
CA ARG A 446 0.60 0.46 -10.31
C ARG A 446 -0.58 -0.31 -9.78
N TRP A 447 -0.35 -1.39 -9.02
CA TRP A 447 -1.48 -2.06 -8.37
C TRP A 447 -2.27 -1.09 -7.47
N GLY A 448 -1.59 -0.18 -6.76
CA GLY A 448 -2.29 0.77 -5.92
C GLY A 448 -3.03 1.83 -6.71
N VAL A 449 -2.50 2.20 -7.87
CA VAL A 449 -3.26 3.10 -8.74
C VAL A 449 -4.51 2.39 -9.27
N PHE A 450 -4.38 1.16 -9.77
CA PHE A 450 -5.55 0.47 -10.31
C PHE A 450 -6.61 0.23 -9.22
N SER A 451 -6.18 -0.07 -8.01
CA SER A 451 -7.16 -0.33 -6.95
C SER A 451 -7.78 0.94 -6.36
N GLY A 452 -7.25 2.11 -6.68
CA GLY A 452 -7.73 3.36 -6.15
C GLY A 452 -7.11 3.76 -4.84
N ARG A 453 -6.22 2.93 -4.27
CA ARG A 453 -5.49 3.37 -3.09
C ARG A 453 -4.61 4.59 -3.38
N THR A 454 -4.11 4.73 -4.61
CA THR A 454 -3.28 5.85 -5.04
C THR A 454 -4.07 6.60 -6.09
N PRO A 455 -4.84 7.62 -5.70
CA PRO A 455 -5.53 8.44 -6.67
C PRO A 455 -4.56 9.39 -7.35
N PRO A 456 -5.00 10.06 -8.40
CA PRO A 456 -4.12 11.02 -9.10
C PRO A 456 -3.46 12.04 -8.19
N SER A 457 -4.17 12.48 -7.15
CA SER A 457 -3.62 13.44 -6.20
C SER A 457 -2.41 12.93 -5.43
N ARG A 458 -2.11 11.61 -5.50
CA ARG A 458 -0.97 11.02 -4.81
C ARG A 458 -0.07 10.21 -5.74
N TYR A 459 -0.16 10.39 -7.06
CA TYR A 459 0.68 9.58 -7.95
C TYR A 459 2.17 9.72 -7.63
N ASN A 460 2.65 10.96 -7.46
CA ASN A 460 4.08 11.16 -7.27
C ASN A 460 4.51 10.97 -5.82
N PHE A 461 3.66 11.36 -4.88
CA PHE A 461 3.90 11.14 -3.46
C PHE A 461 4.09 9.64 -3.19
N ASP A 462 3.23 8.80 -3.78
CA ASP A 462 3.31 7.39 -3.52
C ASP A 462 4.44 6.74 -4.32
N TRP A 463 4.71 7.26 -5.52
CA TRP A 463 5.88 6.79 -6.26
C TRP A 463 7.15 7.00 -5.46
N TRP A 464 7.40 8.23 -4.99
CA TRP A 464 8.63 8.50 -4.26
C TRP A 464 8.64 7.85 -2.88
N TYR A 465 7.47 7.63 -2.24
CA TYR A 465 7.45 6.81 -1.04
C TYR A 465 8.06 5.42 -1.31
N LEU A 466 7.63 4.78 -2.40
CA LEU A 466 8.10 3.45 -2.73
C LEU A 466 9.55 3.47 -3.17
N ARG A 467 9.94 4.46 -3.97
CA ARG A 467 11.34 4.54 -4.42
C ARG A 467 12.29 4.70 -3.25
N THR A 468 11.93 5.53 -2.28
CA THR A 468 12.74 5.69 -1.08
C THR A 468 12.67 4.44 -0.22
N LYS A 469 11.47 3.88 0.00
CA LYS A 469 11.32 2.70 0.85
C LYS A 469 12.17 1.53 0.37
N TYR A 470 12.12 1.24 -0.94
CA TYR A 470 12.76 0.05 -1.46
C TYR A 470 14.16 0.35 -1.98
N GLN A 471 14.31 1.37 -2.83
CA GLN A 471 15.62 1.58 -3.40
C GLN A 471 16.53 2.46 -2.54
N GLY A 472 15.98 3.22 -1.60
CA GLY A 472 16.83 4.15 -0.83
C GLY A 472 17.48 5.22 -1.67
N ILE A 473 16.71 5.81 -2.58
CA ILE A 473 17.11 6.94 -3.40
C ILE A 473 16.11 8.07 -3.14
N CYS A 474 16.53 9.28 -3.51
CA CYS A 474 15.70 10.48 -3.44
C CYS A 474 15.85 11.29 -4.72
N PRO A 475 14.83 12.04 -5.10
CA PRO A 475 14.95 12.88 -6.28
C PRO A 475 15.95 13.99 -6.00
N PRO A 476 16.79 14.34 -6.99
CA PRO A 476 17.83 15.35 -6.74
C PRO A 476 17.33 16.79 -6.85
N VAL A 477 16.12 16.99 -7.38
CA VAL A 477 15.44 18.28 -7.29
C VAL A 477 14.05 18.04 -6.70
N THR A 478 13.44 19.13 -6.26
CA THR A 478 12.13 19.03 -5.62
C THR A 478 11.08 18.58 -6.64
N ARG A 479 10.14 17.73 -6.20
CA ARG A 479 9.05 17.25 -7.04
C ARG A 479 7.74 17.55 -6.31
N ASN A 480 6.67 17.72 -7.09
CA ASN A 480 5.33 17.90 -6.56
C ASN A 480 4.37 17.15 -7.47
N GLU A 481 3.07 17.25 -7.24
CA GLU A 481 2.11 16.42 -7.98
C GLU A 481 1.81 16.89 -9.41
N THR A 482 2.41 17.97 -9.86
CA THR A 482 2.37 18.18 -11.31
C THR A 482 3.38 17.29 -12.00
N HIS A 483 4.41 16.88 -11.29
CA HIS A 483 5.33 15.88 -11.80
C HIS A 483 4.69 14.51 -11.74
N PHE A 484 5.05 13.67 -12.72
CA PHE A 484 4.51 12.32 -12.86
C PHE A 484 5.69 11.43 -13.23
N ASP A 485 6.54 11.21 -12.24
CA ASP A 485 7.84 10.57 -12.47
C ASP A 485 7.71 9.09 -12.83
N ALA A 486 6.66 8.40 -12.35
CA ALA A 486 6.37 7.06 -12.87
C ALA A 486 6.20 7.05 -14.38
N GLY A 487 5.59 8.09 -14.95
CA GLY A 487 5.34 8.11 -16.37
C GLY A 487 6.57 8.28 -17.23
N ALA A 488 7.69 8.65 -16.63
CA ALA A 488 8.97 8.74 -17.34
C ALA A 488 9.73 7.41 -17.42
N LYS A 489 9.08 6.31 -17.03
CA LYS A 489 9.57 4.95 -17.19
C LYS A 489 8.70 4.28 -18.25
N PHE A 490 9.34 3.75 -19.29
CA PHE A 490 8.69 3.20 -20.49
C PHE A 490 7.41 2.40 -20.20
N HIS A 491 7.49 1.41 -19.30
CA HIS A 491 6.41 0.47 -19.11
C HIS A 491 5.11 1.09 -18.60
N VAL A 492 5.17 2.27 -17.99
CA VAL A 492 3.94 2.92 -17.48
C VAL A 492 3.11 3.46 -18.64
N PRO A 493 3.56 4.43 -19.43
CA PRO A 493 2.75 4.81 -20.61
C PRO A 493 2.55 3.67 -21.62
N ASN A 494 3.45 2.68 -21.73
CA ASN A 494 3.20 1.61 -22.67
C ASN A 494 2.45 0.42 -22.07
N VAL A 495 1.93 0.57 -20.86
CA VAL A 495 1.02 -0.39 -20.24
C VAL A 495 1.60 -1.80 -20.34
N THR A 496 2.87 -1.94 -19.95
CA THR A 496 3.56 -3.23 -19.90
C THR A 496 3.73 -3.59 -18.43
N PRO A 497 3.19 -4.70 -17.94
CA PRO A 497 3.41 -5.08 -16.52
C PRO A 497 4.88 -5.31 -16.20
N TYR A 498 5.20 -5.11 -14.92
CA TYR A 498 6.59 -5.11 -14.49
C TYR A 498 6.95 -6.24 -13.54
N ILE A 499 6.00 -6.80 -12.79
CA ILE A 499 6.38 -7.82 -11.79
C ILE A 499 7.07 -9.04 -12.44
N ARG A 500 6.79 -9.31 -13.73
CA ARG A 500 7.52 -10.32 -14.52
C ARG A 500 9.03 -10.20 -14.36
N TYR A 501 9.57 -8.99 -14.18
CA TYR A 501 11.02 -8.83 -14.10
C TYR A 501 11.57 -9.16 -12.70
N PHE A 502 10.83 -8.84 -11.64
CA PHE A 502 11.19 -9.33 -10.32
C PHE A 502 11.19 -10.85 -10.32
N VAL A 503 10.13 -11.46 -10.85
CA VAL A 503 10.04 -12.92 -10.94
C VAL A 503 11.24 -13.46 -11.71
N SER A 504 11.55 -12.83 -12.85
N SER A 504 11.56 -12.84 -12.85
CA SER A 504 12.61 -13.32 -13.72
CA SER A 504 12.62 -13.40 -13.70
C SER A 504 13.97 -13.23 -13.04
C SER A 504 14.01 -13.20 -13.11
N PHE A 505 14.24 -12.14 -12.32
CA PHE A 505 15.59 -11.99 -11.74
C PHE A 505 15.84 -13.05 -10.65
N VAL A 506 14.79 -13.58 -10.04
CA VAL A 506 14.94 -14.71 -9.12
C VAL A 506 15.02 -16.02 -9.90
N LEU A 507 14.09 -16.20 -10.84
CA LEU A 507 13.95 -17.42 -11.58
C LEU A 507 15.21 -17.74 -12.40
N GLN A 508 15.87 -16.72 -12.93
CA GLN A 508 16.99 -16.99 -13.82
C GLN A 508 18.12 -17.71 -13.09
N PHE A 509 18.23 -17.50 -11.77
CA PHE A 509 19.28 -18.23 -11.05
C PHE A 509 18.87 -19.66 -10.76
N GLN A 510 17.55 -19.90 -10.53
CA GLN A 510 17.06 -21.27 -10.48
C GLN A 510 17.31 -22.00 -11.80
N PHE A 511 17.03 -21.35 -12.93
CA PHE A 511 17.34 -21.95 -14.23
C PHE A 511 18.85 -22.21 -14.40
N HIS A 512 19.68 -21.22 -14.07
CA HIS A 512 21.14 -21.35 -14.21
C HIS A 512 21.64 -22.54 -13.43
N GLU A 513 21.19 -22.68 -12.21
CA GLU A 513 21.65 -23.80 -11.38
C GLU A 513 21.27 -25.13 -12.02
N ALA A 514 20.02 -25.24 -12.49
CA ALA A 514 19.55 -26.48 -13.09
C ALA A 514 20.29 -26.82 -14.38
N LEU A 515 20.54 -25.82 -15.24
CA LEU A 515 21.21 -26.09 -16.50
C LEU A 515 22.68 -26.43 -16.28
N CYS A 516 23.32 -25.73 -15.35
CA CYS A 516 24.71 -26.03 -15.03
C CYS A 516 24.84 -27.46 -14.52
N LYS A 517 23.91 -27.88 -13.68
CA LYS A 517 23.94 -29.27 -13.17
C LYS A 517 23.74 -30.25 -14.32
N GLU A 518 22.77 -29.97 -15.20
CA GLU A 518 22.52 -30.85 -16.33
C GLU A 518 23.74 -30.91 -17.27
N ALA A 519 24.48 -29.81 -17.39
CA ALA A 519 25.66 -29.77 -18.25
C ALA A 519 26.82 -30.54 -17.68
N GLY A 520 26.72 -31.01 -16.43
CA GLY A 520 27.82 -31.73 -15.83
C GLY A 520 28.85 -30.85 -15.18
N TYR A 521 28.54 -29.57 -14.97
CA TYR A 521 29.49 -28.65 -14.37
C TYR A 521 29.54 -28.83 -12.85
N GLU A 522 30.75 -28.86 -12.30
CA GLU A 522 30.87 -29.14 -10.86
C GLU A 522 31.67 -28.08 -10.10
N GLY A 523 31.97 -26.94 -10.70
CA GLY A 523 32.60 -25.84 -9.98
C GLY A 523 31.61 -24.88 -9.32
N PRO A 524 32.15 -23.74 -8.88
CA PRO A 524 31.30 -22.69 -8.29
C PRO A 524 30.25 -22.21 -9.28
N LEU A 525 29.05 -21.98 -8.78
CA LEU A 525 27.92 -21.67 -9.68
C LEU A 525 28.18 -20.43 -10.51
N HIS A 526 28.86 -19.42 -9.96
CA HIS A 526 29.07 -18.19 -10.70
C HIS A 526 30.19 -18.29 -11.75
N GLN A 527 30.86 -19.44 -11.82
CA GLN A 527 31.82 -19.68 -12.87
C GLN A 527 31.33 -20.65 -13.94
N CYS A 528 30.08 -21.10 -13.84
CA CYS A 528 29.54 -22.00 -14.83
C CYS A 528 29.34 -21.28 -16.17
N ASP A 529 29.68 -21.95 -17.25
CA ASP A 529 29.40 -21.50 -18.62
C ASP A 529 28.77 -22.69 -19.33
N ILE A 530 27.49 -22.58 -19.70
CA ILE A 530 26.81 -23.70 -20.36
C ILE A 530 27.04 -23.73 -21.87
N TYR A 531 27.88 -22.83 -22.41
CA TYR A 531 28.23 -22.86 -23.84
C TYR A 531 28.54 -24.27 -24.32
N ARG A 532 27.96 -24.62 -25.46
CA ARG A 532 28.15 -25.90 -26.16
C ARG A 532 27.63 -27.11 -25.40
N SER A 533 26.82 -26.93 -24.36
CA SER A 533 26.22 -28.07 -23.67
C SER A 533 24.90 -28.42 -24.34
N THR A 534 24.91 -29.47 -25.16
CA THR A 534 23.66 -29.86 -25.81
C THR A 534 22.68 -30.47 -24.81
N LYS A 535 23.16 -31.05 -23.71
CA LYS A 535 22.26 -31.54 -22.66
C LYS A 535 21.53 -30.41 -21.95
N ALA A 536 22.25 -29.34 -21.60
CA ALA A 536 21.59 -28.13 -21.09
C ALA A 536 20.61 -27.58 -22.12
N GLY A 537 21.01 -27.58 -23.39
CA GLY A 537 20.10 -27.07 -24.41
C GLY A 537 18.81 -27.86 -24.48
N ALA A 538 18.90 -29.18 -24.37
CA ALA A 538 17.70 -30.03 -24.46
C ALA A 538 16.77 -29.79 -23.28
N LYS A 539 17.33 -29.55 -22.11
CA LYS A 539 16.51 -29.30 -20.93
C LYS A 539 15.81 -27.94 -21.05
N LEU A 540 16.53 -26.94 -21.55
CA LEU A 540 15.90 -25.64 -21.82
C LEU A 540 14.84 -25.76 -22.91
N ARG A 541 15.11 -26.56 -23.95
N ARG A 541 15.13 -26.54 -23.97
CA ARG A 541 14.19 -26.66 -25.09
CA ARG A 541 14.19 -26.67 -25.09
C ARG A 541 12.83 -27.19 -24.65
C ARG A 541 12.83 -27.15 -24.61
N LYS A 542 12.83 -28.12 -23.70
CA LYS A 542 11.59 -28.68 -23.17
C LYS A 542 10.68 -27.61 -22.56
N VAL A 543 11.25 -26.70 -21.77
CA VAL A 543 10.50 -25.58 -21.24
C VAL A 543 9.96 -24.75 -22.40
N LEU A 544 10.83 -24.39 -23.34
CA LEU A 544 10.40 -23.46 -24.39
C LEU A 544 9.25 -24.05 -25.20
N ARG A 545 9.32 -25.34 -25.50
CA ARG A 545 8.33 -25.94 -26.39
C ARG A 545 6.99 -26.14 -25.70
N ALA A 546 6.97 -26.11 -24.36
CA ALA A 546 5.72 -26.28 -23.64
C ALA A 546 4.79 -25.08 -23.77
N GLY A 547 5.32 -23.89 -24.06
CA GLY A 547 4.52 -22.68 -24.03
C GLY A 547 3.77 -22.53 -22.71
N SER A 548 2.51 -22.07 -22.79
CA SER A 548 1.62 -21.99 -21.64
C SER A 548 0.63 -23.14 -21.59
N SER A 549 0.97 -24.25 -22.22
CA SER A 549 0.10 -25.40 -22.27
C SER A 549 -0.04 -26.08 -20.91
N ARG A 550 0.91 -25.89 -20.00
CA ARG A 550 0.91 -26.51 -18.68
C ARG A 550 1.13 -25.47 -17.59
N PRO A 551 0.59 -25.69 -16.38
CA PRO A 551 0.84 -24.76 -15.28
C PRO A 551 2.33 -24.54 -15.07
N TRP A 552 2.70 -23.28 -14.80
CA TRP A 552 4.12 -22.96 -14.65
C TRP A 552 4.74 -23.74 -13.49
N GLN A 553 3.96 -24.01 -12.43
CA GLN A 553 4.52 -24.72 -11.28
C GLN A 553 5.01 -26.10 -11.67
N GLU A 554 4.32 -26.74 -12.60
N GLU A 554 4.30 -26.77 -12.59
CA GLU A 554 4.71 -28.09 -13.02
CA GLU A 554 4.68 -28.09 -13.05
C GLU A 554 5.83 -28.09 -14.04
C GLU A 554 5.85 -28.05 -14.01
N VAL A 555 5.86 -27.08 -14.92
CA VAL A 555 7.00 -26.92 -15.84
C VAL A 555 8.24 -26.65 -15.03
N LEU A 556 8.13 -25.80 -14.01
CA LEU A 556 9.30 -25.49 -13.18
C LEU A 556 9.76 -26.71 -12.45
N LYS A 557 8.84 -27.50 -11.91
CA LYS A 557 9.25 -28.72 -11.21
C LYS A 557 10.04 -29.65 -12.13
N ASP A 558 9.57 -29.85 -13.36
CA ASP A 558 10.28 -30.71 -14.29
C ASP A 558 11.67 -30.20 -14.60
N MET A 559 11.86 -28.87 -14.59
CA MET A 559 13.13 -28.28 -15.00
C MET A 559 14.14 -28.23 -13.85
N VAL A 560 13.71 -27.77 -12.67
CA VAL A 560 14.65 -27.49 -11.58
C VAL A 560 14.40 -28.33 -10.34
N GLY A 561 13.36 -29.14 -10.32
CA GLY A 561 13.05 -30.00 -9.19
C GLY A 561 12.25 -29.40 -8.07
N LEU A 562 11.72 -28.18 -8.23
CA LEU A 562 10.93 -27.49 -7.23
C LEU A 562 9.78 -26.81 -7.96
N ASP A 563 8.61 -26.70 -7.29
CA ASP A 563 7.43 -26.14 -7.95
C ASP A 563 7.16 -24.70 -7.56
N ALA A 564 8.17 -23.97 -7.09
CA ALA A 564 7.94 -22.61 -6.62
C ALA A 564 9.16 -21.76 -6.90
N LEU A 565 8.92 -20.45 -6.99
CA LEU A 565 10.04 -19.51 -6.97
C LEU A 565 10.80 -19.65 -5.67
N ASP A 566 12.14 -19.57 -5.76
CA ASP A 566 13.00 -19.81 -4.60
C ASP A 566 14.22 -18.92 -4.76
N ALA A 567 14.56 -18.19 -3.70
CA ALA A 567 15.71 -17.32 -3.68
C ALA A 567 17.03 -18.04 -3.43
N GLN A 568 17.01 -19.30 -3.03
CA GLN A 568 18.26 -19.95 -2.64
C GLN A 568 19.31 -20.01 -3.77
N PRO A 569 18.95 -20.30 -5.03
CA PRO A 569 20.00 -20.30 -6.08
C PRO A 569 20.66 -18.94 -6.26
N LEU A 570 19.88 -17.85 -6.24
CA LEU A 570 20.48 -16.52 -6.27
C LEU A 570 21.39 -16.30 -5.07
N LEU A 571 20.96 -16.71 -3.88
CA LEU A 571 21.80 -16.49 -2.71
C LEU A 571 23.09 -17.30 -2.82
N LYS A 572 23.01 -18.53 -3.32
CA LYS A 572 24.20 -19.36 -3.50
C LYS A 572 25.17 -18.73 -4.48
N TYR A 573 24.62 -18.15 -5.56
CA TYR A 573 25.47 -17.56 -6.57
C TYR A 573 26.30 -16.43 -5.99
N PHE A 574 25.67 -15.59 -5.17
CA PHE A 574 26.28 -14.36 -4.67
C PHE A 574 26.97 -14.51 -3.33
N GLN A 575 26.93 -15.69 -2.72
CA GLN A 575 27.32 -15.87 -1.32
C GLN A 575 28.67 -15.23 -0.99
N LEU A 576 29.66 -15.41 -1.85
CA LEU A 576 31.00 -14.88 -1.53
C LEU A 576 30.98 -13.36 -1.40
N VAL A 577 30.27 -12.67 -2.30
CA VAL A 577 30.28 -11.22 -2.22
C VAL A 577 29.29 -10.71 -1.17
N THR A 578 28.22 -11.48 -0.88
CA THR A 578 27.32 -11.14 0.20
C THR A 578 28.10 -11.07 1.51
N GLN A 579 28.92 -12.10 1.76
CA GLN A 579 29.75 -12.13 2.96
C GLN A 579 30.80 -11.01 2.93
N TRP A 580 31.45 -10.81 1.80
CA TRP A 580 32.47 -9.77 1.69
C TRP A 580 31.90 -8.37 1.89
N LEU A 581 30.77 -8.05 1.27
CA LEU A 581 30.23 -6.71 1.46
C LEU A 581 29.81 -6.48 2.92
N GLN A 582 29.24 -7.50 3.57
CA GLN A 582 28.88 -7.35 4.97
C GLN A 582 30.11 -7.04 5.81
N GLU A 583 31.21 -7.74 5.56
CA GLU A 583 32.45 -7.50 6.32
C GLU A 583 33.01 -6.11 6.03
N GLN A 584 33.06 -5.72 4.77
CA GLN A 584 33.55 -4.39 4.41
C GLN A 584 32.72 -3.28 5.07
N ASN A 585 31.40 -3.38 4.99
CA ASN A 585 30.57 -2.32 5.56
C ASN A 585 30.77 -2.22 7.07
N GLN A 586 30.89 -3.36 7.77
CA GLN A 586 31.13 -3.33 9.22
C GLN A 586 32.48 -2.71 9.52
N GLN A 587 33.51 -3.11 8.78
CA GLN A 587 34.83 -2.54 8.97
C GLN A 587 34.84 -1.03 8.73
N ASN A 588 34.05 -0.56 7.77
CA ASN A 588 34.04 0.87 7.48
C ASN A 588 33.05 1.62 8.36
N GLY A 589 32.39 0.92 9.27
CA GLY A 589 31.40 1.55 10.15
C GLY A 589 30.22 2.14 9.42
N GLU A 590 29.73 1.46 8.38
CA GLU A 590 28.58 2.00 7.66
C GLU A 590 27.31 1.84 8.47
N VAL A 591 26.38 2.76 8.20
CA VAL A 591 24.98 2.61 8.57
C VAL A 591 24.29 1.89 7.43
N LEU A 592 23.71 0.72 7.71
CA LEU A 592 22.90 0.08 6.67
C LEU A 592 21.54 0.75 6.64
N GLY A 593 21.07 1.10 5.46
CA GLY A 593 19.82 1.83 5.32
C GLY A 593 20.04 3.32 5.21
N TRP A 594 18.92 4.05 5.33
CA TRP A 594 18.92 5.49 5.09
C TRP A 594 18.01 6.16 6.12
N PRO A 595 18.43 6.20 7.38
CA PRO A 595 17.57 6.74 8.46
C PRO A 595 17.28 8.22 8.34
N GLU A 596 18.11 8.99 7.62
CA GLU A 596 17.76 10.37 7.27
C GLU A 596 16.90 10.37 6.00
N TYR A 597 15.68 9.84 6.14
CA TYR A 597 14.79 9.57 5.01
C TYR A 597 14.26 10.85 4.37
N GLN A 598 14.33 11.98 5.07
CA GLN A 598 13.90 13.28 4.59
C GLN A 598 14.96 13.97 3.74
N TRP A 599 16.20 13.50 3.79
CA TRP A 599 17.28 14.24 3.18
C TRP A 599 17.17 14.28 1.65
N HIS A 600 17.48 15.44 1.09
CA HIS A 600 17.63 15.65 -0.34
C HIS A 600 18.88 16.49 -0.57
N PRO A 601 19.60 16.28 -1.67
CA PRO A 601 20.81 17.06 -1.89
C PRO A 601 20.47 18.50 -2.24
N PRO A 602 21.40 19.43 -1.99
CA PRO A 602 21.19 20.79 -2.47
C PRO A 602 21.37 20.88 -3.98
N LEU A 603 20.92 22.00 -4.54
CA LEU A 603 21.15 22.30 -5.93
C LEU A 603 22.58 22.77 -6.13
N PRO A 604 23.20 22.44 -7.28
CA PRO A 604 24.50 23.03 -7.61
C PRO A 604 24.43 24.56 -7.60
N ASP A 605 25.58 25.19 -7.33
CA ASP A 605 25.61 26.64 -7.14
C ASP A 605 24.99 27.38 -8.32
N ASN A 606 25.42 27.03 -9.54
CA ASN A 606 25.00 27.73 -10.74
C ASN A 606 23.87 27.01 -11.46
N TYR A 607 23.04 26.31 -10.75
CA TYR A 607 22.05 25.53 -11.47
C TYR A 607 20.93 26.45 -11.96
N PRO A 608 20.38 26.22 -13.17
CA PRO A 608 20.57 25.16 -14.19
C PRO A 608 21.92 25.07 -14.90
N GLU A 609 22.64 26.18 -15.07
CA GLU A 609 23.97 26.14 -15.72
C GLU A 609 24.83 27.34 -15.32
N LEU B 1 -1.20 -18.82 42.05
CA LEU B 1 -2.65 -18.45 42.13
C LEU B 1 -3.36 -19.16 43.30
N ASP B 2 -4.06 -18.36 44.09
CA ASP B 2 -4.80 -18.90 45.22
C ASP B 2 -5.78 -19.98 44.78
N PRO B 3 -5.93 -21.07 45.56
CA PRO B 3 -6.82 -22.18 45.15
C PRO B 3 -8.25 -21.78 44.85
N GLY B 4 -8.81 -20.82 45.60
CA GLY B 4 -10.20 -20.41 45.39
C GLY B 4 -10.44 -19.68 44.08
N LEU B 5 -9.38 -19.27 43.40
CA LEU B 5 -9.45 -18.65 42.08
C LEU B 5 -9.30 -19.65 40.95
N GLN B 6 -8.96 -20.91 41.25
CA GLN B 6 -8.73 -21.86 40.18
C GLN B 6 -10.03 -22.57 39.79
N PRO B 7 -10.09 -23.04 38.54
CA PRO B 7 -11.37 -23.54 38.02
C PRO B 7 -11.69 -24.95 38.48
N GLY B 8 -12.97 -25.18 38.75
CA GLY B 8 -13.43 -26.50 39.11
C GLY B 8 -13.64 -27.38 37.88
N GLN B 9 -14.31 -28.50 38.13
CA GLN B 9 -14.68 -29.41 37.05
C GLN B 9 -16.11 -29.14 36.61
N PHE B 10 -16.32 -29.17 35.30
CA PHE B 10 -17.61 -28.94 34.70
C PHE B 10 -17.80 -29.96 33.59
N SER B 11 -19.04 -30.34 33.34
CA SER B 11 -19.31 -31.30 32.26
C SER B 11 -19.05 -30.64 30.91
N ALA B 12 -18.66 -31.45 29.93
CA ALA B 12 -18.21 -30.93 28.63
C ALA B 12 -19.40 -30.82 27.67
N ASP B 13 -20.33 -29.94 28.05
CA ASP B 13 -21.53 -29.68 27.26
C ASP B 13 -21.97 -28.25 27.57
N GLU B 14 -23.03 -27.81 26.88
CA GLU B 14 -23.45 -26.42 27.04
C GLU B 14 -23.95 -26.15 28.45
N ALA B 15 -24.65 -27.10 29.06
CA ALA B 15 -25.12 -26.89 30.43
C ALA B 15 -23.94 -26.73 31.40
N GLY B 16 -22.92 -27.59 31.27
CA GLY B 16 -21.74 -27.46 32.12
C GLY B 16 -20.98 -26.18 31.85
N ALA B 17 -20.97 -25.73 30.59
CA ALA B 17 -20.30 -24.47 30.26
C ALA B 17 -21.04 -23.27 30.83
N GLN B 18 -22.37 -23.33 30.93
CA GLN B 18 -23.08 -22.22 31.57
C GLN B 18 -22.63 -22.08 33.00
N LEU B 19 -22.47 -23.19 33.71
CA LEU B 19 -21.94 -23.14 35.06
C LEU B 19 -20.48 -22.71 35.05
N PHE B 20 -19.72 -23.21 34.08
CA PHE B 20 -18.32 -22.83 33.95
C PHE B 20 -18.20 -21.31 33.85
N ALA B 21 -19.08 -20.69 33.07
CA ALA B 21 -19.02 -19.25 32.87
C ALA B 21 -19.40 -18.49 34.14
N GLN B 22 -20.39 -18.98 34.89
CA GLN B 22 -20.76 -18.34 36.15
C GLN B 22 -19.59 -18.32 37.10
N SER B 23 -18.92 -19.47 37.25
CA SER B 23 -17.80 -19.59 38.17
C SER B 23 -16.60 -18.78 37.69
N TYR B 24 -16.44 -18.64 36.37
CA TYR B 24 -15.32 -17.85 35.85
C TYR B 24 -15.48 -16.38 36.22
N GLN B 25 -16.65 -15.81 35.91
CA GLN B 25 -16.86 -14.40 36.15
C GLN B 25 -16.98 -14.08 37.64
N SER B 26 -17.25 -15.10 38.47
CA SER B 26 -17.23 -14.91 39.92
C SER B 26 -15.82 -14.67 40.43
N SER B 27 -14.87 -15.48 39.99
CA SER B 27 -13.47 -15.33 40.41
C SER B 27 -12.77 -14.21 39.66
N ALA B 28 -13.27 -13.85 38.48
CA ALA B 28 -12.62 -12.79 37.71
C ALA B 28 -12.83 -11.43 38.36
N GLU B 29 -14.00 -11.20 38.99
CA GLU B 29 -14.24 -9.93 39.68
C GLU B 29 -13.12 -9.60 40.66
N GLN B 30 -12.68 -10.58 41.44
CA GLN B 30 -11.65 -10.33 42.43
C GLN B 30 -10.31 -10.07 41.78
N VAL B 31 -10.05 -10.73 40.64
CA VAL B 31 -8.79 -10.55 39.95
C VAL B 31 -8.77 -9.21 39.24
N LEU B 32 -9.87 -8.86 38.56
CA LEU B 32 -9.98 -7.55 37.92
C LEU B 32 -9.86 -6.44 38.94
N PHE B 33 -10.54 -6.58 40.09
CA PHE B 33 -10.48 -5.51 41.08
C PHE B 33 -9.05 -5.24 41.51
N GLN B 34 -8.26 -6.31 41.75
CA GLN B 34 -6.90 -6.07 42.26
C GLN B 34 -5.97 -5.49 41.18
N SER B 35 -6.21 -5.85 39.92
CA SER B 35 -5.46 -5.20 38.85
C SER B 35 -5.81 -3.72 38.75
N VAL B 36 -7.10 -3.41 38.72
CA VAL B 36 -7.49 -2.00 38.55
C VAL B 36 -6.99 -1.20 39.73
N ALA B 37 -7.21 -1.72 40.94
CA ALA B 37 -6.74 -1.01 42.12
C ALA B 37 -5.26 -0.66 42.05
N ALA B 38 -4.42 -1.61 41.60
CA ALA B 38 -2.98 -1.34 41.55
C ALA B 38 -2.64 -0.35 40.43
N SER B 39 -3.33 -0.45 39.29
CA SER B 39 -3.12 0.54 38.24
C SER B 39 -3.49 1.94 38.72
N TRP B 40 -4.60 2.05 39.45
CA TRP B 40 -5.02 3.36 39.95
C TRP B 40 -3.98 3.92 40.91
N ALA B 41 -3.49 3.09 41.84
CA ALA B 41 -2.48 3.56 42.79
C ALA B 41 -1.21 4.02 42.09
N HIS B 42 -0.84 3.41 40.97
CA HIS B 42 0.32 3.89 40.22
C HIS B 42 0.02 5.16 39.44
N ASP B 43 -1.11 5.19 38.72
CA ASP B 43 -1.35 6.33 37.83
C ASP B 43 -1.63 7.63 38.60
N THR B 44 -2.09 7.55 39.84
CA THR B 44 -2.29 8.74 40.66
C THR B 44 -1.06 9.08 41.50
N ASN B 45 0.06 8.39 41.29
CA ASN B 45 1.19 8.43 42.20
C ASN B 45 2.30 7.52 41.65
N ILE B 46 3.02 8.04 40.65
CA ILE B 46 3.99 7.24 39.90
C ILE B 46 5.20 7.07 40.81
N THR B 47 5.48 5.83 41.24
CA THR B 47 6.71 5.48 41.94
C THR B 47 7.14 4.09 41.56
N ALA B 48 8.40 3.79 41.81
CA ALA B 48 8.91 2.45 41.54
C ALA B 48 8.10 1.40 42.29
N GLU B 49 7.82 1.67 43.58
CA GLU B 49 7.07 0.71 44.37
C GLU B 49 5.67 0.49 43.79
N ASN B 50 5.01 1.55 43.36
CA ASN B 50 3.68 1.35 42.80
C ASN B 50 3.73 0.66 41.46
N ALA B 51 4.80 0.88 40.70
CA ALA B 51 5.05 0.08 39.49
C ALA B 51 5.30 -1.39 39.82
N ARG B 52 6.12 -1.65 40.84
CA ARG B 52 6.35 -3.04 41.26
C ARG B 52 5.03 -3.73 41.60
N ARG B 53 4.20 -3.04 42.40
CA ARG B 53 2.93 -3.61 42.84
C ARG B 53 2.00 -3.82 41.66
N GLN B 54 2.09 -2.95 40.66
CA GLN B 54 1.21 -3.08 39.51
C GLN B 54 1.64 -4.26 38.64
N GLU B 55 2.93 -4.48 38.52
CA GLU B 55 3.44 -5.63 37.79
C GLU B 55 3.12 -6.96 38.49
N GLU B 56 3.13 -6.96 39.83
CA GLU B 56 2.68 -8.14 40.57
C GLU B 56 1.23 -8.44 40.27
N ALA B 57 0.40 -7.39 40.18
CA ALA B 57 -1.03 -7.64 39.95
C ALA B 57 -1.25 -8.22 38.56
N ALA B 58 -0.47 -7.75 37.58
CA ALA B 58 -0.62 -8.19 36.20
C ALA B 58 -0.20 -9.64 36.04
N LEU B 59 0.88 -10.03 36.71
CA LEU B 59 1.27 -11.45 36.75
C LEU B 59 0.16 -12.33 37.29
N LEU B 60 -0.49 -11.91 38.38
CA LEU B 60 -1.57 -12.69 38.94
C LEU B 60 -2.72 -12.78 37.97
N SER B 61 -3.00 -11.69 37.24
N SER B 61 -3.00 -11.67 37.25
CA SER B 61 -4.10 -11.74 36.28
CA SER B 61 -4.07 -11.68 36.25
C SER B 61 -3.76 -12.68 35.13
C SER B 61 -3.76 -12.68 35.14
N GLN B 62 -2.49 -12.79 34.78
CA GLN B 62 -2.08 -13.71 33.72
C GLN B 62 -2.21 -15.16 34.18
N GLU B 63 -1.81 -15.44 35.42
CA GLU B 63 -2.02 -16.79 35.95
C GLU B 63 -3.51 -17.16 35.94
N PHE B 64 -4.36 -16.21 36.29
CA PHE B 64 -5.80 -16.46 36.26
C PHE B 64 -6.29 -16.73 34.83
N ALA B 65 -5.86 -15.90 33.88
CA ALA B 65 -6.33 -16.08 32.50
C ALA B 65 -5.81 -17.37 31.91
N GLU B 66 -4.56 -17.73 32.25
CA GLU B 66 -4.01 -19.01 31.85
C GLU B 66 -4.85 -20.17 32.39
N ALA B 67 -5.09 -20.21 33.71
CA ALA B 67 -5.79 -21.34 34.28
C ALA B 67 -7.16 -21.50 33.64
N TRP B 68 -7.92 -20.41 33.54
CA TRP B 68 -9.28 -20.53 33.05
C TRP B 68 -9.32 -20.69 31.53
N GLY B 69 -8.32 -20.16 30.82
CA GLY B 69 -8.28 -20.36 29.37
C GLY B 69 -7.97 -21.79 29.00
N GLN B 70 -6.96 -22.39 29.66
CA GLN B 70 -6.65 -23.80 29.46
C GLN B 70 -7.85 -24.67 29.74
N LYS B 71 -8.51 -24.45 30.87
CA LYS B 71 -9.67 -25.24 31.20
C LYS B 71 -10.74 -25.12 30.12
N ALA B 72 -10.97 -23.92 29.58
CA ALA B 72 -12.03 -23.75 28.60
C ALA B 72 -11.70 -24.46 27.28
N LYS B 73 -10.43 -24.43 26.87
CA LYS B 73 -10.04 -25.21 25.70
C LYS B 73 -10.19 -26.71 25.99
N GLU B 74 -9.73 -27.11 27.17
CA GLU B 74 -9.85 -28.49 27.61
C GLU B 74 -11.30 -28.98 27.54
N LEU B 75 -12.23 -28.17 28.03
CA LEU B 75 -13.62 -28.62 28.16
C LEU B 75 -14.40 -28.43 26.85
N TYR B 76 -14.26 -27.27 26.21
CA TYR B 76 -15.22 -26.87 25.18
C TYR B 76 -14.59 -26.51 23.83
N GLU B 77 -13.26 -26.62 23.68
CA GLU B 77 -12.61 -26.22 22.43
C GLU B 77 -13.31 -26.78 21.19
N PRO B 78 -13.84 -28.00 21.19
CA PRO B 78 -14.54 -28.50 19.99
C PRO B 78 -15.97 -27.97 19.84
N ILE B 79 -16.70 -27.85 20.95
CA ILE B 79 -18.15 -27.78 20.89
C ILE B 79 -18.73 -26.38 21.07
N TRP B 80 -17.97 -25.42 21.58
CA TRP B 80 -18.58 -24.18 22.04
C TRP B 80 -19.12 -23.33 20.88
N GLN B 81 -18.53 -23.45 19.69
CA GLN B 81 -19.05 -22.69 18.56
C GLN B 81 -20.42 -23.17 18.11
N GLN B 82 -20.92 -24.27 18.67
CA GLN B 82 -22.22 -24.82 18.31
C GLN B 82 -23.29 -24.64 19.39
N PHE B 83 -22.93 -24.09 20.55
CA PHE B 83 -23.91 -23.83 21.60
C PHE B 83 -25.06 -22.97 21.08
N THR B 84 -26.25 -23.21 21.62
CA THR B 84 -27.42 -22.46 21.19
C THR B 84 -27.45 -21.05 21.79
N ASP B 85 -27.03 -20.89 23.04
CA ASP B 85 -26.94 -19.57 23.67
C ASP B 85 -25.84 -18.75 23.01
N PRO B 86 -26.16 -17.65 22.32
CA PRO B 86 -25.09 -16.85 21.70
C PRO B 86 -24.27 -16.04 22.69
N GLN B 87 -24.87 -15.58 23.80
CA GLN B 87 -24.09 -14.85 24.81
C GLN B 87 -23.08 -15.75 25.48
N LEU B 88 -23.47 -17.00 25.77
CA LEU B 88 -22.51 -17.97 26.26
C LEU B 88 -21.38 -18.20 25.26
N ARG B 89 -21.73 -18.29 23.98
CA ARG B 89 -20.72 -18.55 22.95
C ARG B 89 -19.62 -17.49 22.95
N ARG B 90 -19.97 -16.22 23.09
CA ARG B 90 -18.93 -15.20 23.07
C ARG B 90 -18.21 -15.12 24.40
N ILE B 91 -18.88 -15.43 25.52
CA ILE B 91 -18.17 -15.55 26.79
C ILE B 91 -17.04 -16.57 26.66
N ILE B 92 -17.37 -17.77 26.17
CA ILE B 92 -16.37 -18.83 26.14
C ILE B 92 -15.29 -18.51 25.12
N GLY B 93 -15.67 -17.94 23.98
CA GLY B 93 -14.67 -17.46 23.03
C GLY B 93 -13.68 -16.50 23.66
N ALA B 94 -14.19 -15.56 24.46
CA ALA B 94 -13.30 -14.64 25.16
C ALA B 94 -12.35 -15.38 26.07
N VAL B 95 -12.88 -16.22 26.96
CA VAL B 95 -12.05 -16.87 27.97
C VAL B 95 -10.96 -17.70 27.32
N ARG B 96 -11.31 -18.32 26.17
CA ARG B 96 -10.37 -19.13 25.39
C ARG B 96 -9.21 -18.31 24.85
N THR B 97 -9.39 -17.01 24.66
CA THR B 97 -8.31 -16.15 24.19
C THR B 97 -7.45 -15.71 25.37
N LEU B 98 -6.18 -16.10 25.36
CA LEU B 98 -5.33 -15.90 26.51
C LEU B 98 -4.47 -14.65 26.48
N GLY B 99 -4.20 -14.08 25.30
CA GLY B 99 -3.41 -12.86 25.24
C GLY B 99 -2.03 -13.08 25.82
N SER B 100 -1.55 -12.09 26.58
N SER B 100 -1.55 -12.09 26.58
CA SER B 100 -0.23 -12.17 27.19
CA SER B 100 -0.21 -12.18 27.18
C SER B 100 -0.07 -13.37 28.12
C SER B 100 -0.07 -13.39 28.11
N ALA B 101 -1.16 -14.05 28.50
CA ALA B 101 -1.03 -15.25 29.31
C ALA B 101 -0.47 -16.43 28.49
N ASN B 102 -0.44 -16.31 27.16
CA ASN B 102 0.24 -17.30 26.33
C ASN B 102 1.75 -17.23 26.48
N LEU B 103 2.29 -16.16 27.08
CA LEU B 103 3.74 -16.04 27.18
C LEU B 103 4.30 -16.89 28.33
N PRO B 104 5.52 -17.40 28.17
CA PRO B 104 6.22 -18.00 29.32
C PRO B 104 6.37 -16.97 30.42
N LEU B 105 6.70 -17.44 31.62
CA LEU B 105 6.71 -16.57 32.80
C LEU B 105 7.73 -15.43 32.67
N ALA B 106 8.96 -15.74 32.25
CA ALA B 106 9.95 -14.68 32.15
C ALA B 106 9.53 -13.61 31.16
N LYS B 107 8.85 -14.01 30.08
CA LYS B 107 8.42 -13.00 29.11
C LYS B 107 7.17 -12.28 29.56
N ARG B 108 6.36 -12.92 30.42
CA ARG B 108 5.26 -12.21 31.07
C ARG B 108 5.79 -11.03 31.89
N GLN B 109 6.83 -11.29 32.68
CA GLN B 109 7.47 -10.23 33.45
C GLN B 109 7.99 -9.12 32.54
N GLN B 110 8.70 -9.50 31.49
CA GLN B 110 9.33 -8.51 30.61
C GLN B 110 8.28 -7.61 29.96
N TYR B 111 7.17 -8.21 29.52
CA TYR B 111 6.05 -7.46 28.94
C TYR B 111 5.42 -6.51 29.94
N ASN B 112 5.05 -7.05 31.12
CA ASN B 112 4.46 -6.22 32.14
C ASN B 112 5.38 -5.06 32.49
N ALA B 113 6.68 -5.30 32.46
CA ALA B 113 7.63 -4.25 32.83
C ALA B 113 7.83 -3.22 31.73
N LEU B 114 7.67 -3.61 30.47
CA LEU B 114 7.78 -2.60 29.42
C LEU B 114 6.62 -1.61 29.52
N LEU B 115 5.42 -2.12 29.80
CA LEU B 115 4.27 -1.24 29.96
C LEU B 115 4.55 -0.19 31.03
N SER B 116 5.09 -0.63 32.18
CA SER B 116 5.32 0.31 33.25
C SER B 116 6.34 1.35 32.83
N GLN B 117 7.37 0.93 32.11
CA GLN B 117 8.45 1.86 31.79
C GLN B 117 8.06 2.83 30.66
N MET B 118 7.31 2.37 29.65
CA MET B 118 6.84 3.31 28.62
C MET B 118 5.89 4.33 29.22
N SER B 119 5.00 3.90 30.11
CA SER B 119 4.07 4.82 30.76
C SER B 119 4.83 5.91 31.49
N ARG B 120 5.88 5.52 32.23
CA ARG B 120 6.64 6.49 33.00
C ARG B 120 7.32 7.52 32.11
N ILE B 121 7.94 7.07 31.00
CA ILE B 121 8.63 8.01 30.13
C ILE B 121 7.66 9.07 29.62
N TYR B 122 6.50 8.65 29.15
CA TYR B 122 5.55 9.60 28.57
C TYR B 122 5.06 10.58 29.62
N SER B 123 4.65 10.05 30.78
N SER B 123 4.66 10.07 30.78
CA SER B 123 3.98 10.88 31.78
CA SER B 123 3.96 10.90 31.74
C SER B 123 4.94 11.83 32.46
C SER B 123 4.90 11.67 32.66
N THR B 124 6.22 11.48 32.54
CA THR B 124 7.17 12.29 33.29
C THR B 124 8.08 13.12 32.39
N ALA B 125 7.93 13.03 31.06
CA ALA B 125 8.78 13.82 30.17
C ALA B 125 8.53 15.31 30.38
N LYS B 126 9.59 16.09 30.26
CA LYS B 126 9.51 17.54 30.41
C LYS B 126 10.29 18.20 29.30
N VAL B 127 9.96 19.46 29.04
CA VAL B 127 10.71 20.32 28.14
C VAL B 127 11.39 21.40 28.97
N CYS B 128 12.72 21.45 28.92
CA CYS B 128 13.50 22.31 29.80
C CYS B 128 14.12 23.49 29.06
N LEU B 129 14.75 24.36 29.85
CA LEU B 129 15.47 25.54 29.35
C LEU B 129 14.54 26.53 28.66
N THR B 135 14.07 25.36 35.61
CA THR B 135 12.63 25.19 35.34
C THR B 135 12.39 24.32 34.09
N CYS B 136 11.22 23.68 34.05
CA CYS B 136 10.87 22.79 32.94
C CYS B 136 9.35 22.75 32.79
N TRP B 137 8.92 22.56 31.56
CA TRP B 137 7.50 22.53 31.24
C TRP B 137 7.00 21.10 31.14
N SER B 138 5.80 20.88 31.66
CA SER B 138 5.11 19.60 31.56
C SER B 138 4.13 19.69 30.39
N LEU B 139 3.69 18.52 29.92
CA LEU B 139 2.70 18.49 28.85
C LEU B 139 1.40 19.12 29.31
N ASP B 140 0.95 18.75 30.50
CA ASP B 140 -0.31 19.23 31.07
C ASP B 140 0.03 19.89 32.40
N PRO B 141 -0.11 21.21 32.55
CA PRO B 141 -0.79 22.14 31.65
C PRO B 141 0.07 22.92 30.68
N ASP B 142 1.39 22.90 30.86
CA ASP B 142 2.25 23.95 30.31
C ASP B 142 2.27 23.93 28.79
N LEU B 143 2.68 22.81 28.21
CA LEU B 143 2.77 22.73 26.75
C LEU B 143 1.38 22.73 26.10
N THR B 144 0.38 22.11 26.75
CA THR B 144 -0.99 22.18 26.26
C THR B 144 -1.45 23.61 26.09
N ASN B 145 -1.14 24.44 27.08
CA ASN B 145 -1.59 25.83 27.03
C ASN B 145 -0.80 26.62 25.98
N ILE B 146 0.49 26.35 25.86
CA ILE B 146 1.25 26.99 24.80
C ILE B 146 0.66 26.67 23.43
N LEU B 147 0.50 25.36 23.12
CA LEU B 147 -0.03 24.97 21.81
C LEU B 147 -1.42 25.56 21.55
N ALA B 148 -2.25 25.71 22.60
CA ALA B 148 -3.61 26.22 22.45
C ALA B 148 -3.66 27.72 22.24
N SER B 149 -2.73 28.48 22.82
CA SER B 149 -2.90 29.93 22.91
C SER B 149 -1.73 30.76 22.41
N SER B 150 -0.51 30.23 22.36
CA SER B 150 0.59 31.01 21.79
C SER B 150 0.38 31.18 20.29
N ARG B 151 0.56 32.40 19.80
CA ARG B 151 0.61 32.67 18.38
C ARG B 151 2.02 33.07 17.93
N SER B 152 3.03 32.74 18.69
CA SER B 152 4.41 32.93 18.28
C SER B 152 4.90 31.66 17.59
N TYR B 153 5.33 31.79 16.32
CA TYR B 153 5.83 30.62 15.60
C TYR B 153 6.97 29.95 16.35
N ALA B 154 7.95 30.73 16.84
CA ALA B 154 9.12 30.14 17.46
C ALA B 154 8.78 29.48 18.78
N MET B 155 7.85 30.08 19.52
CA MET B 155 7.43 29.50 20.80
C MET B 155 6.70 28.18 20.57
N LEU B 156 5.72 28.19 19.67
CA LEU B 156 5.04 26.96 19.27
C LEU B 156 6.04 25.90 18.83
N LEU B 157 7.02 26.29 18.00
CA LEU B 157 8.01 25.34 17.51
C LEU B 157 8.82 24.76 18.66
N PHE B 158 9.30 25.61 19.55
CA PHE B 158 10.10 25.13 20.65
C PHE B 158 9.33 24.12 21.49
N ALA B 159 8.03 24.35 21.69
CA ALA B 159 7.21 23.42 22.48
C ALA B 159 6.98 22.12 21.72
N TRP B 160 6.71 22.21 20.42
CA TRP B 160 6.45 21.02 19.60
C TRP B 160 7.69 20.15 19.46
N GLU B 161 8.81 20.75 19.05
CA GLU B 161 10.05 20.01 18.94
C GLU B 161 10.50 19.46 20.30
N GLY B 162 10.47 20.30 21.34
CA GLY B 162 10.88 19.83 22.65
C GLY B 162 10.10 18.64 23.13
N TRP B 163 8.77 18.67 22.93
CA TRP B 163 7.94 17.57 23.40
C TRP B 163 8.24 16.30 22.60
N HIS B 164 8.26 16.41 21.28
CA HIS B 164 8.41 15.21 20.47
C HIS B 164 9.78 14.58 20.71
N ASN B 165 10.82 15.40 20.86
CA ASN B 165 12.15 14.85 21.16
C ASN B 165 12.18 14.20 22.55
N ALA B 166 11.59 14.85 23.57
CA ALA B 166 11.72 14.37 24.94
C ALA B 166 10.96 13.09 25.16
N ALA B 167 9.75 12.98 24.61
CA ALA B 167 8.95 11.78 24.85
C ALA B 167 9.24 10.65 23.86
N GLY B 168 9.48 10.96 22.57
CA GLY B 168 9.57 9.93 21.55
C GLY B 168 10.90 9.19 21.52
N ILE B 169 11.99 9.94 21.54
CA ILE B 169 13.32 9.32 21.35
C ILE B 169 13.58 8.19 22.35
N PRO B 170 13.43 8.40 23.66
CA PRO B 170 13.69 7.29 24.61
C PRO B 170 12.71 6.15 24.53
N LEU B 171 11.51 6.34 23.97
CA LEU B 171 10.56 5.26 23.92
C LEU B 171 10.88 4.22 22.84
N LYS B 172 11.59 4.62 21.78
CA LYS B 172 11.70 3.75 20.60
C LYS B 172 12.26 2.37 20.90
N PRO B 173 13.39 2.22 21.58
CA PRO B 173 13.87 0.86 21.95
C PRO B 173 12.85 0.01 22.68
N LEU B 174 12.12 0.59 23.65
CA LEU B 174 11.11 -0.16 24.39
C LEU B 174 9.95 -0.57 23.50
N TYR B 175 9.47 0.35 22.66
CA TYR B 175 8.30 0.04 21.85
C TYR B 175 8.60 -1.12 20.89
N GLU B 176 9.83 -1.18 20.36
N GLU B 176 9.82 -1.20 20.37
CA GLU B 176 10.28 -2.29 19.54
CA GLU B 176 10.17 -2.34 19.53
C GLU B 176 10.15 -3.61 20.31
C GLU B 176 10.11 -3.64 20.32
N ASP B 177 10.64 -3.65 21.55
CA ASP B 177 10.54 -4.85 22.38
C ASP B 177 9.11 -5.22 22.69
N PHE B 178 8.29 -4.23 23.04
CA PHE B 178 6.91 -4.50 23.36
C PHE B 178 6.18 -5.13 22.18
N THR B 179 6.41 -4.59 20.97
CA THR B 179 5.68 -5.06 19.79
C THR B 179 5.94 -6.54 19.54
N ALA B 180 7.17 -6.95 19.70
CA ALA B 180 7.55 -8.34 19.49
C ALA B 180 6.84 -9.28 20.48
N LEU B 181 6.84 -8.92 21.77
CA LEU B 181 6.18 -9.75 22.80
C LEU B 181 4.68 -9.82 22.59
N SER B 182 4.04 -8.69 22.30
CA SER B 182 2.62 -8.70 22.06
C SER B 182 2.25 -9.64 20.92
N ASN B 183 3.01 -9.58 19.82
CA ASN B 183 2.69 -10.42 18.66
C ASN B 183 2.85 -11.88 19.01
N GLU B 184 3.95 -12.22 19.69
N GLU B 184 3.96 -12.21 19.69
CA GLU B 184 4.15 -13.60 20.12
CA GLU B 184 4.19 -13.58 20.15
C GLU B 184 2.95 -14.11 20.90
C GLU B 184 2.98 -14.11 20.92
N ALA B 185 2.47 -13.31 21.85
CA ALA B 185 1.34 -13.72 22.68
C ALA B 185 0.10 -13.98 21.84
N TYR B 186 -0.30 -13.02 20.99
CA TYR B 186 -1.61 -13.21 20.37
C TYR B 186 -1.54 -14.16 19.19
N LYS B 187 -0.35 -14.51 18.75
CA LYS B 187 -0.21 -15.50 17.70
C LYS B 187 -0.68 -16.87 18.20
N GLN B 188 -0.48 -17.13 19.48
CA GLN B 188 -0.87 -18.41 20.05
C GLN B 188 -2.38 -18.51 20.27
N ASP B 189 -3.12 -17.43 20.10
CA ASP B 189 -4.57 -17.51 20.06
C ASP B 189 -5.11 -17.64 18.64
N GLY B 190 -4.22 -17.72 17.65
CA GLY B 190 -4.62 -17.85 16.26
C GLY B 190 -4.73 -16.56 15.49
N PHE B 191 -4.23 -15.46 16.04
CA PHE B 191 -4.25 -14.17 15.35
C PHE B 191 -2.93 -13.96 14.63
N THR B 192 -3.02 -13.48 13.38
CA THR B 192 -1.80 -13.22 12.61
C THR B 192 -0.90 -12.22 13.32
N ASP B 193 -1.48 -11.25 14.03
CA ASP B 193 -0.71 -10.31 14.85
C ASP B 193 -1.67 -9.62 15.82
N THR B 194 -1.11 -8.80 16.71
CA THR B 194 -1.95 -8.12 17.72
C THR B 194 -3.03 -7.25 17.09
N GLY B 195 -2.70 -6.55 16.00
CA GLY B 195 -3.68 -5.73 15.34
C GLY B 195 -4.91 -6.50 14.90
N ALA B 196 -4.72 -7.74 14.43
CA ALA B 196 -5.89 -8.50 13.99
C ALA B 196 -6.80 -8.82 15.16
N TYR B 197 -6.20 -9.04 16.33
CA TYR B 197 -7.00 -9.21 17.55
C TYR B 197 -7.80 -7.96 17.88
N TRP B 198 -7.10 -6.82 17.97
CA TRP B 198 -7.78 -5.55 18.21
C TRP B 198 -8.99 -5.36 17.28
N ARG B 199 -8.80 -5.63 15.98
CA ARG B 199 -9.88 -5.42 15.01
C ARG B 199 -11.04 -6.40 15.23
N SER B 200 -10.74 -7.58 15.76
CA SER B 200 -11.79 -8.57 15.94
C SER B 200 -12.92 -8.08 16.83
N TRP B 201 -12.66 -7.07 17.67
CA TRP B 201 -13.67 -6.55 18.58
C TRP B 201 -14.87 -5.98 17.86
N TYR B 202 -14.72 -5.64 16.60
CA TYR B 202 -15.83 -5.05 15.85
C TYR B 202 -16.64 -6.10 15.11
N ASN B 203 -16.21 -7.37 15.16
CA ASN B 203 -16.94 -8.49 14.57
C ASN B 203 -17.52 -8.12 13.21
N SER B 204 -16.63 -7.72 12.31
CA SER B 204 -17.02 -7.38 10.97
C SER B 204 -15.95 -7.88 10.03
N PRO B 205 -16.29 -8.77 9.10
CA PRO B 205 -15.27 -9.24 8.16
C PRO B 205 -14.73 -8.14 7.27
N THR B 206 -15.55 -7.13 6.93
CA THR B 206 -15.12 -6.03 6.10
C THR B 206 -14.82 -4.75 6.90
N PHE B 207 -14.31 -4.89 8.12
CA PHE B 207 -14.09 -3.72 8.97
C PHE B 207 -13.25 -2.66 8.27
N GLU B 208 -12.05 -3.04 7.81
CA GLU B 208 -11.13 -2.08 7.21
C GLU B 208 -11.72 -1.44 5.97
N ASP B 209 -12.40 -2.23 5.12
CA ASP B 209 -13.06 -1.67 3.95
C ASP B 209 -14.15 -0.68 4.35
N ASP B 210 -14.98 -1.03 5.35
CA ASP B 210 -16.05 -0.14 5.78
C ASP B 210 -15.50 1.19 6.29
N LEU B 211 -14.37 1.14 7.01
CA LEU B 211 -13.72 2.36 7.49
C LEU B 211 -13.21 3.20 6.32
N GLU B 212 -12.54 2.55 5.38
CA GLU B 212 -12.02 3.23 4.21
C GLU B 212 -13.13 3.92 3.43
N HIS B 213 -14.27 3.24 3.29
CA HIS B 213 -15.39 3.85 2.57
C HIS B 213 -15.97 5.03 3.34
N LEU B 214 -16.04 4.92 4.67
CA LEU B 214 -16.48 6.07 5.46
C LEU B 214 -15.53 7.24 5.27
N TYR B 215 -14.22 7.01 5.37
CA TYR B 215 -13.32 8.15 5.20
C TYR B 215 -13.44 8.79 3.81
N GLN B 216 -13.78 8.00 2.78
CA GLN B 216 -13.95 8.58 1.46
C GLN B 216 -15.09 9.60 1.43
N GLN B 217 -16.17 9.35 2.17
CA GLN B 217 -17.29 10.29 2.18
C GLN B 217 -16.97 11.53 2.99
N LEU B 218 -16.12 11.41 3.99
CA LEU B 218 -15.76 12.50 4.88
C LEU B 218 -14.61 13.38 4.39
N GLU B 219 -13.71 12.85 3.54
CA GLU B 219 -12.50 13.60 3.17
C GLU B 219 -12.76 14.97 2.54
N PRO B 220 -13.73 15.16 1.64
CA PRO B 220 -13.97 16.51 1.10
C PRO B 220 -14.21 17.56 2.17
N LEU B 221 -14.93 17.19 3.24
CA LEU B 221 -15.17 18.10 4.35
C LEU B 221 -13.86 18.49 5.00
N TYR B 222 -12.98 17.50 5.24
CA TYR B 222 -11.67 17.84 5.81
C TYR B 222 -10.85 18.72 4.86
N LEU B 223 -10.81 18.39 3.57
CA LEU B 223 -9.97 19.17 2.66
C LEU B 223 -10.41 20.64 2.59
N ASN B 224 -11.71 20.90 2.66
CA ASN B 224 -12.13 22.30 2.67
C ASN B 224 -11.83 22.98 3.98
N LEU B 225 -12.10 22.29 5.11
CA LEU B 225 -11.70 22.88 6.37
C LEU B 225 -10.24 23.23 6.35
N HIS B 226 -9.40 22.27 5.91
CA HIS B 226 -7.96 22.43 5.88
C HIS B 226 -7.53 23.65 5.04
N ALA B 227 -8.07 23.79 3.84
CA ALA B 227 -7.68 24.92 2.97
C ALA B 227 -8.04 26.28 3.59
N PHE B 228 -9.21 26.36 4.23
CA PHE B 228 -9.69 27.58 4.92
C PHE B 228 -8.76 27.97 6.06
N VAL B 229 -8.40 26.99 6.89
CA VAL B 229 -7.52 27.29 8.00
C VAL B 229 -6.15 27.67 7.51
N ARG B 230 -5.61 26.94 6.52
CA ARG B 230 -4.29 27.25 5.99
C ARG B 230 -4.22 28.70 5.50
N ARG B 231 -5.31 29.19 4.96
CA ARG B 231 -5.36 30.60 4.53
C ARG B 231 -5.18 31.58 5.69
N ALA B 232 -5.82 31.33 6.84
CA ALA B 232 -5.65 32.21 8.00
C ALA B 232 -4.24 32.14 8.53
N LEU B 233 -3.67 30.93 8.59
CA LEU B 233 -2.32 30.85 9.09
C LEU B 233 -1.36 31.63 8.19
N HIS B 234 -1.63 31.68 6.88
CA HIS B 234 -0.72 32.34 5.95
C HIS B 234 -0.63 33.83 6.25
N ARG B 235 -1.80 34.44 6.41
CA ARG B 235 -1.93 35.83 6.87
C ARG B 235 -1.20 36.10 8.18
N ARG B 236 -1.35 35.23 9.17
CA ARG B 236 -0.73 35.49 10.47
C ARG B 236 0.78 35.30 10.43
N TYR B 237 1.26 34.28 9.73
CA TYR B 237 2.63 33.84 9.86
C TYR B 237 3.53 34.20 8.68
N GLY B 238 2.97 34.33 7.50
CA GLY B 238 3.74 34.78 6.37
C GLY B 238 4.08 33.67 5.41
N ASP B 239 4.32 34.05 4.15
CA ASP B 239 4.69 33.08 3.13
C ASP B 239 5.95 32.32 3.49
N ARG B 240 6.77 32.87 4.39
CA ARG B 240 7.97 32.18 4.81
C ARG B 240 7.63 30.84 5.46
N TYR B 241 6.53 30.81 6.21
CA TYR B 241 6.22 29.70 7.08
C TYR B 241 4.96 28.96 6.69
N ILE B 242 4.22 29.43 5.69
CA ILE B 242 3.00 28.78 5.23
C ILE B 242 3.04 28.69 3.71
N ASN B 243 2.69 27.50 3.18
CA ASN B 243 2.64 27.21 1.75
C ASN B 243 1.20 26.92 1.39
N LEU B 244 0.59 27.80 0.58
CA LEU B 244 -0.82 27.68 0.26
C LEU B 244 -1.14 26.48 -0.61
N ARG B 245 -0.14 25.74 -1.10
N ARG B 245 -0.13 25.76 -1.08
CA ARG B 245 -0.38 24.52 -1.86
CA ARG B 245 -0.32 24.56 -1.89
C ARG B 245 0.39 23.35 -1.26
C ARG B 245 0.29 23.33 -1.21
N GLY B 246 0.83 23.45 0.00
CA GLY B 246 1.51 22.37 0.67
C GLY B 246 0.94 22.07 2.04
N PRO B 247 1.54 21.13 2.75
CA PRO B 247 1.03 20.78 4.08
C PRO B 247 1.24 21.88 5.11
N ILE B 248 0.33 21.91 6.08
CA ILE B 248 0.40 22.87 7.18
C ILE B 248 1.47 22.42 8.19
N PRO B 249 2.35 23.31 8.65
CA PRO B 249 3.25 22.96 9.75
C PRO B 249 2.47 22.47 10.97
N ALA B 250 2.94 21.35 11.51
CA ALA B 250 2.14 20.55 12.45
C ALA B 250 1.97 21.19 13.81
N HIS B 251 2.62 22.32 14.11
CA HIS B 251 2.55 22.95 15.42
C HIS B 251 1.57 24.14 15.49
N LEU B 252 0.86 24.47 14.40
CA LEU B 252 0.15 25.75 14.27
C LEU B 252 -1.35 25.63 14.46
N LEU B 253 -1.86 24.46 14.85
CA LEU B 253 -3.28 24.17 14.74
C LEU B 253 -3.97 24.01 16.12
N GLY B 254 -3.31 24.44 17.19
CA GLY B 254 -3.92 24.58 18.49
C GLY B 254 -3.70 23.41 19.41
N ASP B 255 -2.96 22.40 18.96
CA ASP B 255 -2.91 21.11 19.62
C ASP B 255 -1.57 20.43 19.31
N MET B 256 -0.98 19.78 20.32
CA MET B 256 0.34 19.19 20.15
C MET B 256 0.39 18.22 18.97
N TRP B 257 -0.72 17.52 18.72
CA TRP B 257 -0.82 16.52 17.66
C TRP B 257 -1.59 17.01 16.44
N ALA B 258 -1.95 18.29 16.39
CA ALA B 258 -2.78 18.83 15.30
C ALA B 258 -4.07 18.03 15.16
N GLN B 259 -4.55 17.41 16.25
CA GLN B 259 -5.63 16.44 16.09
C GLN B 259 -7.01 17.07 16.17
N SER B 260 -7.12 18.22 16.81
CA SER B 260 -8.35 19.00 16.72
C SER B 260 -7.94 20.45 16.86
N TRP B 261 -8.71 21.33 16.21
CA TRP B 261 -8.26 22.68 15.93
C TRP B 261 -9.15 23.73 16.63
N GLU B 262 -9.93 23.32 17.64
CA GLU B 262 -10.83 24.31 18.22
C GLU B 262 -10.09 25.45 18.94
N ASN B 263 -8.85 25.23 19.35
CA ASN B 263 -8.14 26.27 20.08
C ASN B 263 -7.63 27.40 19.18
N ILE B 264 -7.69 27.25 17.85
CA ILE B 264 -7.37 28.38 16.98
C ILE B 264 -8.65 28.98 16.39
N TYR B 265 -9.80 28.67 17.00
CA TYR B 265 -11.06 29.27 16.56
C TYR B 265 -10.96 30.80 16.53
N ASP B 266 -10.28 31.41 17.50
CA ASP B 266 -10.22 32.87 17.52
C ASP B 266 -9.28 33.44 16.46
N MET B 267 -8.56 32.60 15.73
CA MET B 267 -7.81 33.08 14.58
C MET B 267 -8.58 32.97 13.29
N VAL B 268 -9.58 32.08 13.25
CA VAL B 268 -10.29 31.73 12.01
C VAL B 268 -11.76 32.09 12.04
N VAL B 269 -12.29 32.52 13.19
CA VAL B 269 -13.70 32.88 13.32
C VAL B 269 -14.00 33.99 12.32
N PRO B 270 -14.96 33.81 11.40
CA PRO B 270 -15.19 34.85 10.37
C PRO B 270 -15.92 36.09 10.90
N PHE B 271 -16.67 35.97 11.99
CA PHE B 271 -17.61 36.99 12.43
C PHE B 271 -17.32 37.31 13.90
N PRO B 272 -16.14 37.86 14.19
CA PRO B 272 -15.73 38.03 15.60
C PRO B 272 -16.56 39.05 16.36
N ASP B 273 -17.42 39.81 15.68
CA ASP B 273 -18.33 40.75 16.32
C ASP B 273 -19.51 40.05 16.98
N LYS B 274 -19.80 38.80 16.56
CA LYS B 274 -20.90 38.00 17.12
C LYS B 274 -20.49 37.48 18.48
N PRO B 275 -21.42 36.87 19.22
CA PRO B 275 -21.07 36.38 20.57
C PRO B 275 -19.90 35.42 20.48
N ASN B 276 -18.98 35.57 21.42
CA ASN B 276 -17.83 34.68 21.53
C ASN B 276 -18.30 33.30 21.97
N LEU B 277 -18.26 32.32 21.06
CA LEU B 277 -18.76 30.98 21.34
C LEU B 277 -17.78 30.13 22.11
N ASP B 278 -16.58 30.64 22.40
CA ASP B 278 -15.67 30.01 23.34
C ASP B 278 -15.91 30.66 24.70
N VAL B 279 -16.64 29.94 25.56
CA VAL B 279 -17.13 30.46 26.83
C VAL B 279 -16.08 30.36 27.94
N THR B 280 -14.83 30.00 27.59
CA THR B 280 -13.82 29.86 28.62
C THR B 280 -13.70 31.13 29.46
N SER B 281 -13.59 32.31 28.81
CA SER B 281 -13.40 33.54 29.59
C SER B 281 -14.55 33.75 30.57
N THR B 282 -15.78 33.48 30.12
CA THR B 282 -16.95 33.54 31.02
C THR B 282 -16.85 32.52 32.15
N MET B 283 -16.48 31.27 31.85
CA MET B 283 -16.29 30.32 32.93
C MET B 283 -15.30 30.85 33.96
N LEU B 284 -14.20 31.47 33.50
CA LEU B 284 -13.25 32.03 34.43
C LEU B 284 -13.83 33.28 35.10
N GLN B 285 -14.40 34.19 34.31
CA GLN B 285 -15.07 35.36 34.88
C GLN B 285 -16.00 34.94 36.01
N GLN B 286 -16.80 33.89 35.79
CA GLN B 286 -17.78 33.42 36.76
C GLN B 286 -17.18 32.56 37.87
N GLY B 287 -15.92 32.15 37.78
CA GLY B 287 -15.33 31.38 38.87
C GLY B 287 -15.58 29.89 38.87
N TRP B 288 -15.86 29.29 37.72
CA TRP B 288 -16.00 27.84 37.67
C TRP B 288 -14.74 27.14 38.15
N GLN B 289 -14.94 26.00 38.79
CA GLN B 289 -13.89 25.09 39.19
C GLN B 289 -14.22 23.67 38.71
N ALA B 290 -13.25 22.77 38.85
CA ALA B 290 -13.44 21.40 38.42
C ALA B 290 -14.69 20.79 39.05
N THR B 291 -14.93 21.05 40.33
CA THR B 291 -16.11 20.45 40.95
C THR B 291 -17.40 20.92 40.28
N HIS B 292 -17.49 22.20 39.94
CA HIS B 292 -18.70 22.70 39.26
C HIS B 292 -18.86 22.00 37.92
N MET B 293 -17.75 21.83 37.20
CA MET B 293 -17.84 21.22 35.87
C MET B 293 -18.37 19.79 35.96
N PHE B 294 -17.90 19.03 36.95
CA PHE B 294 -18.37 17.65 37.09
C PHE B 294 -19.83 17.59 37.57
N ARG B 295 -20.22 18.50 38.46
CA ARG B 295 -21.62 18.54 38.92
C ARG B 295 -22.56 18.94 37.80
N VAL B 296 -22.13 19.84 36.92
CA VAL B 296 -22.99 20.26 35.83
C VAL B 296 -23.14 19.14 34.81
N ALA B 297 -22.04 18.41 34.53
CA ALA B 297 -22.13 17.23 33.67
C ALA B 297 -23.07 16.19 34.27
N GLU B 298 -22.92 15.93 35.57
CA GLU B 298 -23.77 14.95 36.24
C GLU B 298 -25.24 15.31 36.07
N GLU B 299 -25.57 16.57 36.22
CA GLU B 299 -26.99 16.94 36.21
C GLU B 299 -27.57 16.77 34.81
N PHE B 300 -26.75 16.89 33.76
CA PHE B 300 -27.25 16.55 32.43
C PHE B 300 -27.67 15.09 32.38
N PHE B 301 -26.83 14.18 32.89
CA PHE B 301 -27.15 12.75 32.94
C PHE B 301 -28.43 12.51 33.74
N THR B 302 -28.54 13.14 34.91
CA THR B 302 -29.74 12.90 35.73
C THR B 302 -30.96 13.56 35.11
N SER B 303 -30.77 14.60 34.28
CA SER B 303 -31.93 15.22 33.60
C SER B 303 -32.57 14.24 32.63
N LEU B 304 -31.79 13.28 32.12
CA LEU B 304 -32.22 12.22 31.22
C LEU B 304 -32.74 11.01 31.98
N GLU B 305 -32.82 11.11 33.31
CA GLU B 305 -33.09 9.97 34.19
C GLU B 305 -32.07 8.87 34.04
N LEU B 306 -30.82 9.23 33.80
CA LEU B 306 -29.72 8.31 33.99
C LEU B 306 -29.20 8.45 35.43
N SER B 307 -28.19 7.68 35.77
CA SER B 307 -27.81 7.62 37.17
C SER B 307 -26.92 8.80 37.57
N PRO B 308 -27.07 9.27 38.80
CA PRO B 308 -26.09 10.20 39.38
C PRO B 308 -24.80 9.47 39.68
N MET B 309 -23.73 10.25 39.94
CA MET B 309 -22.46 9.64 40.37
C MET B 309 -22.59 9.20 41.82
N PRO B 310 -22.16 7.99 42.18
CA PRO B 310 -22.35 7.53 43.58
C PRO B 310 -21.33 8.14 44.51
N PRO B 311 -21.56 8.06 45.82
CA PRO B 311 -20.60 8.62 46.79
C PRO B 311 -19.18 8.15 46.58
N GLU B 312 -18.99 6.88 46.26
CA GLU B 312 -17.66 6.31 46.04
C GLU B 312 -16.91 7.02 44.92
N PHE B 313 -17.64 7.54 43.92
CA PHE B 313 -17.00 8.31 42.84
C PHE B 313 -16.48 9.63 43.35
N TRP B 314 -17.28 10.35 44.13
CA TRP B 314 -16.82 11.66 44.62
C TRP B 314 -15.73 11.49 45.65
N GLU B 315 -15.82 10.46 46.48
CA GLU B 315 -14.81 10.27 47.50
C GLU B 315 -13.49 9.80 46.90
N GLY B 316 -13.54 9.06 45.79
CA GLY B 316 -12.37 8.34 45.30
C GLY B 316 -11.68 9.02 44.13
N SER B 317 -12.40 9.86 43.41
CA SER B 317 -11.88 10.40 42.16
C SER B 317 -10.84 11.48 42.43
N MET B 318 -10.00 11.73 41.41
CA MET B 318 -9.00 12.79 41.43
C MET B 318 -9.37 13.78 40.35
N LEU B 319 -9.94 14.94 40.72
CA LEU B 319 -10.48 15.86 39.73
C LEU B 319 -9.61 17.08 39.48
N GLU B 320 -8.48 17.21 40.17
CA GLU B 320 -7.51 18.27 39.91
C GLU B 320 -6.11 17.69 39.96
N LYS B 321 -5.18 18.31 39.23
CA LYS B 321 -3.76 17.92 39.32
C LYS B 321 -3.24 18.11 40.75
N PRO B 322 -2.70 17.08 41.39
CA PRO B 322 -2.27 17.24 42.80
C PRO B 322 -1.24 18.35 42.95
N ALA B 323 -1.38 19.10 44.04
CA ALA B 323 -0.50 20.24 44.29
C ALA B 323 0.70 19.89 45.16
N ASP B 324 0.73 18.69 45.76
CA ASP B 324 1.90 18.25 46.53
C ASP B 324 3.09 17.87 45.64
N GLY B 325 3.11 18.21 44.35
CA GLY B 325 4.22 17.87 43.48
C GLY B 325 4.31 16.41 43.09
N ARG B 326 3.50 15.55 43.69
CA ARG B 326 3.38 14.16 43.25
C ARG B 326 3.38 14.09 41.73
N GLU B 327 4.01 13.05 41.20
CA GLU B 327 3.95 12.81 39.78
C GLU B 327 2.76 11.91 39.48
N VAL B 328 1.96 12.33 38.50
CA VAL B 328 0.74 11.64 38.11
C VAL B 328 0.73 11.52 36.60
N VAL B 329 -0.05 10.55 36.14
CA VAL B 329 -0.47 10.50 34.75
C VAL B 329 -1.55 11.56 34.64
N CYS B 330 -1.27 12.66 33.92
CA CYS B 330 -2.32 13.67 33.85
C CYS B 330 -3.34 13.37 32.77
N HIS B 331 -3.00 12.51 31.82
CA HIS B 331 -3.97 12.12 30.81
C HIS B 331 -5.25 11.61 31.47
N ALA B 332 -6.38 12.14 31.06
CA ALA B 332 -7.63 11.84 31.74
C ALA B 332 -8.00 10.37 31.60
N SER B 333 -8.70 9.82 32.61
CA SER B 333 -9.13 8.42 32.50
C SER B 333 -10.31 8.14 33.43
N ALA B 334 -11.11 7.14 33.03
CA ALA B 334 -12.32 6.70 33.73
C ALA B 334 -12.21 5.21 34.04
N TRP B 335 -12.44 4.83 35.30
CA TRP B 335 -12.05 3.53 35.84
C TRP B 335 -13.25 2.75 36.41
N ASP B 336 -13.34 1.47 36.04
CA ASP B 336 -14.32 0.51 36.55
C ASP B 336 -13.54 -0.53 37.36
N PHE B 337 -13.83 -0.62 38.66
CA PHE B 337 -13.10 -1.59 39.48
C PHE B 337 -13.73 -2.97 39.47
N TYR B 338 -14.81 -3.19 38.70
CA TYR B 338 -15.39 -4.53 38.53
C TYR B 338 -15.89 -5.11 39.85
N ASN B 339 -16.30 -4.26 40.79
CA ASN B 339 -16.97 -4.70 42.02
C ASN B 339 -18.37 -4.13 42.17
N ARG B 340 -18.88 -3.42 41.16
CA ARG B 340 -20.22 -2.86 41.14
C ARG B 340 -20.39 -1.71 42.13
N LYS B 341 -19.32 -1.25 42.77
CA LYS B 341 -19.39 -0.17 43.76
C LYS B 341 -18.44 0.99 43.45
N ASP B 342 -17.19 0.70 43.11
CA ASP B 342 -16.18 1.73 42.92
C ASP B 342 -16.01 2.08 41.43
N PHE B 343 -16.10 3.37 41.14
CA PHE B 343 -15.96 3.94 39.80
C PHE B 343 -15.34 5.32 39.99
N ARG B 344 -14.30 5.66 39.19
CA ARG B 344 -13.57 6.90 39.48
C ARG B 344 -13.09 7.53 38.20
N ILE B 345 -12.94 8.86 38.22
CA ILE B 345 -12.26 9.61 37.17
C ILE B 345 -10.99 10.21 37.77
N LYS B 346 -9.90 10.17 36.98
CA LYS B 346 -8.66 10.88 37.27
C LYS B 346 -8.44 11.87 36.14
N GLN B 347 -8.58 13.18 36.42
CA GLN B 347 -8.40 14.22 35.41
C GLN B 347 -7.71 15.43 36.02
N CYS B 348 -6.67 15.94 35.34
CA CYS B 348 -6.01 17.18 35.74
C CYS B 348 -6.80 18.37 35.17
N THR B 349 -8.02 18.53 35.68
CA THR B 349 -9.01 19.41 35.09
C THR B 349 -8.54 20.85 35.07
N ARG B 350 -8.68 21.48 33.91
CA ARG B 350 -8.47 22.90 33.71
C ARG B 350 -9.82 23.54 33.38
N VAL B 351 -9.98 24.81 33.74
CA VAL B 351 -11.26 25.50 33.53
C VAL B 351 -11.25 26.10 32.12
N THR B 352 -11.70 25.31 31.15
CA THR B 352 -11.83 25.73 29.78
C THR B 352 -13.03 25.03 29.17
N MET B 353 -13.49 25.57 28.05
CA MET B 353 -14.63 24.98 27.38
C MET B 353 -14.32 23.58 26.85
N ASP B 354 -13.12 23.35 26.29
CA ASP B 354 -12.89 21.99 25.78
C ASP B 354 -12.65 20.99 26.93
N GLN B 355 -12.21 21.45 28.12
CA GLN B 355 -12.18 20.58 29.30
C GLN B 355 -13.58 20.27 29.79
N LEU B 356 -14.55 21.17 29.61
CA LEU B 356 -15.92 20.83 29.96
C LEU B 356 -16.40 19.67 29.09
N SER B 357 -16.02 19.66 27.82
N SER B 357 -16.06 19.71 27.80
CA SER B 357 -16.36 18.50 26.98
CA SER B 357 -16.28 18.55 26.93
C SER B 357 -15.64 17.24 27.44
C SER B 357 -15.66 17.28 27.49
N THR B 358 -14.37 17.35 27.84
CA THR B 358 -13.65 16.19 28.36
C THR B 358 -14.36 15.61 29.60
N VAL B 359 -14.81 16.49 30.49
CA VAL B 359 -15.54 16.04 31.68
C VAL B 359 -16.74 15.20 31.28
N HIS B 360 -17.51 15.67 30.30
CA HIS B 360 -18.66 14.91 29.82
C HIS B 360 -18.23 13.59 29.19
N HIS B 361 -17.14 13.63 28.40
CA HIS B 361 -16.62 12.40 27.81
C HIS B 361 -16.31 11.36 28.88
N GLU B 362 -15.58 11.76 29.92
CA GLU B 362 -15.18 10.82 30.95
C GLU B 362 -16.37 10.33 31.76
N MET B 363 -17.32 11.21 32.03
CA MET B 363 -18.49 10.78 32.79
C MET B 363 -19.36 9.85 31.95
N GLY B 364 -19.30 9.97 30.61
CA GLY B 364 -19.98 9.00 29.77
C GLY B 364 -19.47 7.58 29.98
N HIS B 365 -18.16 7.43 30.16
CA HIS B 365 -17.59 6.11 30.48
C HIS B 365 -18.15 5.62 31.81
N ILE B 366 -18.14 6.48 32.82
CA ILE B 366 -18.66 6.09 34.13
C ILE B 366 -20.12 5.67 34.04
N GLN B 367 -20.94 6.48 33.37
CA GLN B 367 -22.36 6.15 33.23
C GLN B 367 -22.55 4.75 32.62
N TYR B 368 -21.83 4.47 31.51
CA TYR B 368 -21.79 3.13 30.94
C TYR B 368 -21.53 2.08 32.02
N TYR B 369 -20.44 2.24 32.78
CA TYR B 369 -20.07 1.31 33.84
C TYR B 369 -21.24 1.08 34.80
N LEU B 370 -21.89 2.16 35.24
CA LEU B 370 -22.99 2.02 36.20
C LEU B 370 -24.17 1.27 35.59
N GLN B 371 -24.43 1.48 34.31
CA GLN B 371 -25.63 0.93 33.69
C GLN B 371 -25.50 -0.57 33.46
N TYR B 372 -24.27 -1.08 33.29
CA TYR B 372 -24.11 -2.51 33.03
C TYR B 372 -23.38 -3.21 34.17
N LYS B 373 -23.33 -2.58 35.36
CA LYS B 373 -22.52 -3.12 36.44
C LYS B 373 -23.04 -4.47 36.96
N ASP B 374 -24.32 -4.78 36.75
CA ASP B 374 -24.87 -6.05 37.22
C ASP B 374 -24.80 -7.15 36.17
N LEU B 375 -24.57 -6.82 34.90
CA LEU B 375 -24.22 -7.85 33.92
C LEU B 375 -23.02 -8.63 34.47
N PRO B 376 -22.74 -9.84 33.97
CA PRO B 376 -21.50 -10.53 34.36
C PRO B 376 -20.31 -9.95 33.63
N VAL B 377 -19.14 -10.05 34.28
CA VAL B 377 -18.02 -9.16 33.96
C VAL B 377 -17.70 -9.16 32.47
N SER B 378 -17.72 -10.34 31.83
CA SER B 378 -17.27 -10.41 30.45
C SER B 378 -18.14 -9.60 29.50
N LEU B 379 -19.34 -9.21 29.93
CA LEU B 379 -20.26 -8.41 29.12
C LEU B 379 -20.25 -6.95 29.55
N ARG B 380 -19.38 -6.60 30.49
CA ARG B 380 -19.26 -5.22 30.96
C ARG B 380 -18.29 -4.48 30.07
N ARG B 381 -18.75 -4.23 28.83
CA ARG B 381 -18.00 -3.50 27.82
C ARG B 381 -19.03 -2.85 26.92
N GLY B 382 -18.58 -1.95 26.04
CA GLY B 382 -19.50 -1.34 25.10
C GLY B 382 -19.98 -2.36 24.08
N ALA B 383 -21.07 -2.02 23.37
CA ALA B 383 -21.46 -2.85 22.24
C ALA B 383 -20.26 -3.10 21.32
N ASN B 384 -19.43 -2.07 21.11
CA ASN B 384 -18.03 -2.19 20.75
C ASN B 384 -17.28 -1.01 21.36
N PRO B 385 -15.94 -0.98 21.28
CA PRO B 385 -15.22 0.09 22.01
C PRO B 385 -15.56 1.48 21.55
N GLY B 386 -15.94 1.66 20.29
CA GLY B 386 -16.43 2.95 19.83
C GLY B 386 -17.71 3.41 20.50
N PHE B 387 -18.59 2.47 20.87
CA PHE B 387 -19.81 2.83 21.62
C PHE B 387 -19.45 3.53 22.93
N HIS B 388 -18.48 2.96 23.65
CA HIS B 388 -18.05 3.51 24.93
C HIS B 388 -17.52 4.93 24.75
N GLU B 389 -16.76 5.17 23.69
CA GLU B 389 -16.22 6.51 23.45
C GLU B 389 -17.26 7.54 23.04
N ALA B 390 -18.41 7.09 22.52
CA ALA B 390 -19.37 8.02 21.98
C ALA B 390 -20.33 8.59 23.00
N ILE B 391 -20.51 7.91 24.14
CA ILE B 391 -21.63 8.23 25.03
C ILE B 391 -21.53 9.66 25.50
N GLY B 392 -20.42 10.01 26.14
CA GLY B 392 -20.30 11.33 26.70
C GLY B 392 -20.21 12.41 25.63
N ASP B 393 -19.60 12.09 24.47
CA ASP B 393 -19.55 13.03 23.37
C ASP B 393 -20.95 13.41 22.89
N VAL B 394 -21.88 12.45 22.90
CA VAL B 394 -23.24 12.77 22.44
C VAL B 394 -23.87 13.82 23.33
N LEU B 395 -23.80 13.64 24.66
CA LEU B 395 -24.36 14.68 25.53
C LEU B 395 -23.63 16.00 25.34
N ALA B 396 -22.31 15.95 25.12
CA ALA B 396 -21.55 17.18 24.95
C ALA B 396 -21.99 17.93 23.69
N LEU B 397 -22.50 17.21 22.68
CA LEU B 397 -23.00 17.87 21.48
C LEU B 397 -24.18 18.79 21.84
N SER B 398 -25.06 18.34 22.73
CA SER B 398 -26.18 19.19 23.19
C SER B 398 -25.67 20.32 24.05
N VAL B 399 -24.74 20.04 24.96
CA VAL B 399 -24.23 21.06 25.88
C VAL B 399 -23.63 22.24 25.11
N SER B 400 -22.92 21.98 24.01
CA SER B 400 -22.17 23.05 23.35
C SER B 400 -23.05 23.99 22.52
N THR B 401 -24.31 23.62 22.28
CA THR B 401 -25.19 24.50 21.50
C THR B 401 -25.36 25.86 22.18
N PRO B 402 -25.36 26.96 21.40
CA PRO B 402 -25.54 28.28 22.04
C PRO B 402 -26.80 28.35 22.90
N GLU B 403 -27.86 27.62 22.53
CA GLU B 403 -29.07 27.59 23.33
C GLU B 403 -28.83 26.94 24.69
N HIS B 404 -28.09 25.83 24.71
CA HIS B 404 -27.84 25.19 26.00
C HIS B 404 -26.89 26.03 26.85
N LEU B 405 -25.84 26.56 26.25
CA LEU B 405 -24.90 27.41 26.99
C LEU B 405 -25.64 28.58 27.63
N HIS B 406 -26.61 29.14 26.90
CA HIS B 406 -27.45 30.19 27.47
C HIS B 406 -28.23 29.66 28.67
N LYS B 407 -28.85 28.47 28.54
CA LYS B 407 -29.60 27.91 29.67
C LYS B 407 -28.74 27.80 30.93
N ILE B 408 -27.45 27.47 30.80
CA ILE B 408 -26.58 27.27 31.95
C ILE B 408 -25.74 28.51 32.25
N GLY B 409 -26.09 29.66 31.70
CA GLY B 409 -25.52 30.92 32.12
C GLY B 409 -24.16 31.25 31.54
N LEU B 410 -23.73 30.58 30.48
CA LEU B 410 -22.40 30.81 29.92
C LEU B 410 -22.41 31.59 28.62
N LEU B 411 -23.58 31.96 28.13
CA LEU B 411 -23.65 32.70 26.87
C LEU B 411 -24.81 33.66 27.06
N ASP B 412 -24.49 34.85 27.53
CA ASP B 412 -25.51 35.86 27.83
C ASP B 412 -26.21 36.31 26.55
N ARG B 413 -25.44 36.87 25.63
CA ARG B 413 -26.01 37.33 24.37
C ARG B 413 -26.56 36.15 23.57
N VAL B 414 -27.68 36.36 22.90
CA VAL B 414 -28.42 35.30 22.24
C VAL B 414 -28.81 35.78 20.85
N THR B 415 -28.31 35.11 19.82
CA THR B 415 -28.60 35.47 18.43
C THR B 415 -29.02 34.22 17.67
N ASN B 416 -29.74 34.41 16.56
CA ASN B 416 -30.03 33.29 15.65
C ASN B 416 -29.98 33.77 14.19
N ASP B 417 -28.83 34.28 13.78
CA ASP B 417 -28.58 34.71 12.41
C ASP B 417 -27.59 33.78 11.72
N THR B 418 -27.52 33.87 10.39
CA THR B 418 -26.69 32.93 9.63
C THR B 418 -25.22 33.09 9.98
N GLU B 419 -24.78 34.32 10.30
CA GLU B 419 -23.41 34.51 10.76
C GLU B 419 -23.15 33.69 12.02
N SER B 420 -24.16 33.60 12.90
CA SER B 420 -24.01 32.92 14.17
C SER B 420 -24.01 31.41 13.98
N ASP B 421 -24.82 30.91 13.04
CA ASP B 421 -24.81 29.49 12.75
C ASP B 421 -23.48 29.06 12.14
N ILE B 422 -22.91 29.86 11.24
CA ILE B 422 -21.62 29.51 10.65
C ILE B 422 -20.54 29.55 11.70
N ASN B 423 -20.57 30.57 12.55
CA ASN B 423 -19.59 30.66 13.61
C ASN B 423 -19.58 29.36 14.42
N TYR B 424 -20.77 28.83 14.74
CA TYR B 424 -20.90 27.64 15.60
C TYR B 424 -20.48 26.37 14.87
N LEU B 425 -21.00 26.16 13.65
CA LEU B 425 -20.69 24.94 12.92
C LEU B 425 -19.21 24.90 12.54
N LEU B 426 -18.60 26.06 12.32
CA LEU B 426 -17.18 26.09 12.08
C LEU B 426 -16.41 25.69 13.33
N LYS B 427 -16.85 26.18 14.48
CA LYS B 427 -16.19 25.77 15.71
C LYS B 427 -16.35 24.26 15.91
N MET B 428 -17.54 23.72 15.65
CA MET B 428 -17.74 22.29 15.80
C MET B 428 -16.93 21.49 14.76
N ALA B 429 -16.77 22.03 13.56
CA ALA B 429 -15.92 21.34 12.58
C ALA B 429 -14.46 21.32 13.01
N LEU B 430 -13.96 22.40 13.61
CA LEU B 430 -12.58 22.40 14.08
C LEU B 430 -12.36 21.31 15.13
N GLU B 431 -13.39 21.00 15.92
CA GLU B 431 -13.31 19.99 16.98
C GLU B 431 -13.48 18.57 16.45
N LYS B 432 -14.38 18.36 15.50
CA LYS B 432 -14.80 17.04 15.08
C LYS B 432 -14.29 16.64 13.70
N ILE B 433 -14.45 17.51 12.69
N ILE B 433 -14.46 17.50 12.69
CA ILE B 433 -14.02 17.16 11.34
CA ILE B 433 -14.01 17.13 11.35
C ILE B 433 -12.50 17.08 11.27
C ILE B 433 -12.49 17.05 11.30
N ALA B 434 -11.80 18.01 11.93
CA ALA B 434 -10.34 18.01 11.90
C ALA B 434 -9.75 16.73 12.50
N PHE B 435 -10.46 16.11 13.44
CA PHE B 435 -9.98 14.92 14.12
C PHE B 435 -10.04 13.69 13.23
N LEU B 436 -10.99 13.65 12.29
CA LEU B 436 -11.25 12.44 11.54
C LEU B 436 -10.01 11.83 10.89
N PRO B 437 -9.20 12.56 10.15
CA PRO B 437 -8.00 11.92 9.61
C PRO B 437 -7.07 11.35 10.68
N PHE B 438 -6.92 12.04 11.79
CA PHE B 438 -6.04 11.56 12.87
C PHE B 438 -6.61 10.31 13.53
N GLY B 439 -7.91 10.35 13.83
CA GLY B 439 -8.57 9.17 14.37
C GLY B 439 -8.41 7.96 13.49
N TYR B 440 -8.39 8.17 12.17
CA TYR B 440 -8.24 7.09 11.21
C TYR B 440 -6.78 6.59 11.12
N LEU B 441 -5.77 7.49 11.10
CA LEU B 441 -4.43 7.07 10.73
C LEU B 441 -3.63 6.41 11.85
N VAL B 442 -3.94 6.71 13.11
CA VAL B 442 -3.07 6.25 14.20
C VAL B 442 -2.97 4.72 14.20
N ASP B 443 -4.13 4.02 14.15
CA ASP B 443 -4.03 2.56 14.08
C ASP B 443 -3.70 2.05 12.68
N GLN B 444 -3.84 2.85 11.63
CA GLN B 444 -3.19 2.43 10.39
C GLN B 444 -1.70 2.27 10.60
N TRP B 445 -1.09 3.25 11.27
CA TRP B 445 0.32 3.14 11.58
C TRP B 445 0.59 1.90 12.45
N ARG B 446 -0.17 1.76 13.53
CA ARG B 446 0.12 0.72 14.49
C ARG B 446 -0.19 -0.67 13.91
N TRP B 447 -1.24 -0.80 13.09
CA TRP B 447 -1.50 -2.09 12.43
C TRP B 447 -0.34 -2.49 11.52
N GLY B 448 0.28 -1.52 10.83
CA GLY B 448 1.47 -1.83 10.04
C GLY B 448 2.68 -2.21 10.85
N VAL B 449 2.85 -1.63 12.05
CA VAL B 449 3.94 -2.03 12.90
C VAL B 449 3.69 -3.46 13.41
N PHE B 450 2.48 -3.74 13.86
CA PHE B 450 2.19 -5.09 14.36
C PHE B 450 2.37 -6.14 13.27
N SER B 451 1.96 -5.83 12.05
CA SER B 451 2.04 -6.78 10.97
C SER B 451 3.45 -6.96 10.40
N GLY B 452 4.41 -6.12 10.78
CA GLY B 452 5.74 -6.16 10.24
C GLY B 452 5.94 -5.35 8.97
N ARG B 453 4.88 -4.76 8.40
CA ARG B 453 5.06 -3.91 7.23
C ARG B 453 5.90 -2.69 7.55
N THR B 454 5.86 -2.22 8.81
CA THR B 454 6.63 -1.07 9.27
C THR B 454 7.59 -1.56 10.34
N PRO B 455 8.82 -1.90 9.97
CA PRO B 455 9.82 -2.26 10.97
C PRO B 455 10.35 -1.02 11.66
N PRO B 456 11.07 -1.17 12.77
CA PRO B 456 11.71 -0.01 13.43
C PRO B 456 12.42 0.97 12.51
N SER B 457 13.04 0.48 11.43
CA SER B 457 13.80 1.28 10.50
C SER B 457 12.90 2.22 9.73
N ARG B 458 11.58 2.03 9.81
CA ARG B 458 10.64 2.92 9.12
C ARG B 458 9.54 3.45 10.04
N TYR B 459 9.72 3.39 11.36
CA TYR B 459 8.68 3.92 12.27
C TYR B 459 8.32 5.37 11.96
N ASN B 460 9.32 6.25 11.81
CA ASN B 460 9.02 7.66 11.61
C ASN B 460 8.69 7.98 10.16
N PHE B 461 9.39 7.39 9.20
CA PHE B 461 9.05 7.50 7.79
C PHE B 461 7.57 7.19 7.54
N ASP B 462 7.09 6.06 8.07
CA ASP B 462 5.71 5.68 7.81
C ASP B 462 4.72 6.50 8.64
N TRP B 463 5.11 6.95 9.83
CA TRP B 463 4.26 7.87 10.60
C TRP B 463 4.03 9.16 9.82
N TRP B 464 5.09 9.79 9.30
CA TRP B 464 4.89 11.05 8.60
C TRP B 464 4.29 10.85 7.21
N TYR B 465 4.51 9.68 6.56
CA TYR B 465 3.74 9.38 5.36
C TYR B 465 2.24 9.48 5.65
N LEU B 466 1.82 8.85 6.72
CA LEU B 466 0.39 8.82 7.02
C LEU B 466 -0.13 10.18 7.50
N ARG B 467 0.66 10.87 8.33
CA ARG B 467 0.27 12.20 8.77
C ARG B 467 0.12 13.15 7.60
N THR B 468 1.04 13.08 6.65
CA THR B 468 0.91 13.93 5.46
C THR B 468 -0.23 13.45 4.59
N LYS B 469 -0.34 12.13 4.36
CA LYS B 469 -1.39 11.59 3.49
C LYS B 469 -2.78 12.02 3.96
N TYR B 470 -3.07 11.82 5.24
CA TYR B 470 -4.40 12.04 5.81
C TYR B 470 -4.62 13.44 6.33
N GLN B 471 -3.74 13.95 7.19
CA GLN B 471 -3.97 15.26 7.80
C GLN B 471 -3.42 16.41 6.97
N GLY B 472 -2.52 16.14 6.03
CA GLY B 472 -1.98 17.27 5.25
C GLY B 472 -1.15 18.22 6.10
N ILE B 473 -0.37 17.69 7.03
CA ILE B 473 0.56 18.46 7.84
C ILE B 473 1.97 17.93 7.60
N CYS B 474 2.96 18.70 8.06
CA CYS B 474 4.37 18.37 7.91
C CYS B 474 5.10 18.79 9.18
N PRO B 475 6.16 18.08 9.56
CA PRO B 475 6.92 18.44 10.74
C PRO B 475 7.63 19.76 10.52
N PRO B 476 7.61 20.68 11.50
CA PRO B 476 8.20 22.00 11.29
C PRO B 476 9.71 22.05 11.50
N VAL B 477 10.31 20.94 11.90
CA VAL B 477 11.75 20.71 11.88
C VAL B 477 12.00 19.36 11.22
N THR B 478 13.20 19.20 10.64
CA THR B 478 13.56 17.91 10.06
C THR B 478 13.51 16.79 11.10
N ARG B 479 13.02 15.63 10.67
CA ARG B 479 12.97 14.43 11.49
C ARG B 479 13.73 13.30 10.76
N ASN B 480 14.26 12.38 11.54
CA ASN B 480 14.86 11.15 11.02
C ASN B 480 14.47 9.99 11.92
N GLU B 481 15.05 8.82 11.66
CA GLU B 481 14.62 7.62 12.36
C GLU B 481 15.14 7.52 13.78
N THR B 482 15.97 8.47 14.22
CA THR B 482 16.25 8.60 15.65
C THR B 482 15.03 9.14 16.38
N HIS B 483 14.24 9.94 15.70
CA HIS B 483 12.98 10.43 16.25
C HIS B 483 11.92 9.34 16.18
N PHE B 484 10.96 9.39 17.15
CA PHE B 484 9.89 8.42 17.23
C PHE B 484 8.63 9.22 17.60
N ASP B 485 8.13 9.93 16.59
CA ASP B 485 7.10 10.92 16.84
C ASP B 485 5.77 10.28 17.20
N ALA B 486 5.51 9.05 16.74
CA ALA B 486 4.31 8.36 17.21
C ALA B 486 4.37 8.13 18.72
N GLY B 487 5.55 7.90 19.25
CA GLY B 487 5.66 7.67 20.67
C GLY B 487 5.37 8.88 21.54
N ALA B 488 5.26 10.07 20.96
CA ALA B 488 4.95 11.30 21.67
C ALA B 488 3.44 11.52 21.78
N LYS B 489 2.65 10.53 21.37
CA LYS B 489 1.20 10.53 21.54
C LYS B 489 0.85 9.51 22.61
N PHE B 490 0.09 9.93 23.62
CA PHE B 490 -0.20 9.08 24.81
C PHE B 490 -0.49 7.62 24.49
N HIS B 491 -1.39 7.37 23.54
CA HIS B 491 -1.93 6.02 23.35
C HIS B 491 -0.88 5.03 22.86
N VAL B 492 0.24 5.50 22.32
CA VAL B 492 1.22 4.59 21.75
C VAL B 492 2.00 3.93 22.90
N PRO B 493 2.74 4.67 23.72
CA PRO B 493 3.39 4.00 24.89
C PRO B 493 2.40 3.38 25.86
N ASN B 494 1.18 3.92 25.98
CA ASN B 494 0.21 3.38 26.91
C ASN B 494 -0.66 2.29 26.28
N VAL B 495 -0.30 1.84 25.08
CA VAL B 495 -0.94 0.72 24.40
C VAL B 495 -2.45 0.75 24.50
N THR B 496 -3.04 1.90 24.19
CA THR B 496 -4.48 2.04 24.06
C THR B 496 -4.82 2.09 22.60
N PRO B 497 -5.68 1.21 22.07
CA PRO B 497 -6.08 1.31 20.66
C PRO B 497 -6.76 2.64 20.37
N TYR B 498 -6.73 3.01 19.09
CA TYR B 498 -7.24 4.32 18.68
C TYR B 498 -8.42 4.29 17.70
N ILE B 499 -8.62 3.22 16.93
CA ILE B 499 -9.66 3.27 15.92
C ILE B 499 -11.05 3.48 16.54
N ARG B 500 -11.21 3.10 17.82
CA ARG B 500 -12.44 3.41 18.55
C ARG B 500 -12.84 4.87 18.43
N TYR B 501 -11.87 5.78 18.30
CA TYR B 501 -12.20 7.19 18.26
C TYR B 501 -12.67 7.64 16.89
N PHE B 502 -12.13 7.07 15.81
CA PHE B 502 -12.71 7.32 14.48
C PHE B 502 -14.13 6.78 14.43
N VAL B 503 -14.34 5.56 14.91
CA VAL B 503 -15.68 4.99 14.98
C VAL B 503 -16.61 5.90 15.77
N SER B 504 -16.17 6.34 16.96
N SER B 504 -16.17 6.36 16.96
CA SER B 504 -17.01 7.17 17.83
CA SER B 504 -17.05 7.16 17.82
C SER B 504 -17.38 8.50 17.17
C SER B 504 -17.37 8.53 17.24
N PHE B 505 -16.45 9.14 16.47
CA PHE B 505 -16.72 10.46 15.93
C PHE B 505 -17.75 10.43 14.82
N VAL B 506 -17.90 9.28 14.16
CA VAL B 506 -18.99 9.10 13.21
C VAL B 506 -20.27 8.70 13.94
N LEU B 507 -20.14 7.71 14.80
CA LEU B 507 -21.27 7.11 15.50
C LEU B 507 -22.02 8.12 16.36
N GLN B 508 -21.30 9.04 17.01
CA GLN B 508 -21.96 9.97 17.92
C GLN B 508 -22.97 10.87 17.19
N PHE B 509 -22.76 11.09 15.89
CA PHE B 509 -23.75 11.86 15.14
C PHE B 509 -24.96 11.02 14.78
N GLN B 510 -24.78 9.72 14.63
CA GLN B 510 -25.91 8.80 14.47
C GLN B 510 -26.74 8.78 15.74
N PHE B 511 -26.08 8.75 16.89
CA PHE B 511 -26.76 8.76 18.18
C PHE B 511 -27.51 10.06 18.37
N HIS B 512 -26.82 11.17 18.16
CA HIS B 512 -27.44 12.48 18.26
C HIS B 512 -28.71 12.57 17.42
N GLU B 513 -28.62 12.23 16.14
CA GLU B 513 -29.78 12.34 15.26
C GLU B 513 -30.95 11.55 15.85
N ALA B 514 -30.67 10.33 16.25
CA ALA B 514 -31.71 9.46 16.78
C ALA B 514 -32.30 10.01 18.07
N LEU B 515 -31.46 10.52 18.97
CA LEU B 515 -31.99 11.01 20.24
C LEU B 515 -32.75 12.30 20.07
N CYS B 516 -32.35 13.13 19.12
CA CYS B 516 -33.08 14.37 18.86
C CYS B 516 -34.44 14.09 18.27
N LYS B 517 -34.50 13.19 17.27
CA LYS B 517 -35.78 12.71 16.77
C LYS B 517 -36.65 12.21 17.91
N GLU B 518 -36.11 11.29 18.72
CA GLU B 518 -36.89 10.67 19.79
C GLU B 518 -37.33 11.69 20.83
N ALA B 519 -36.59 12.78 21.00
CA ALA B 519 -36.99 13.83 21.93
C ALA B 519 -38.09 14.73 21.36
N GLY B 520 -38.59 14.45 20.16
CA GLY B 520 -39.57 15.29 19.49
C GLY B 520 -39.00 16.55 18.92
N TYR B 521 -37.68 16.73 18.95
CA TYR B 521 -37.10 17.91 18.34
C TYR B 521 -37.35 17.84 16.84
N GLU B 522 -37.37 19.02 16.20
CA GLU B 522 -37.60 19.03 14.76
C GLU B 522 -36.87 20.14 14.01
N GLY B 523 -36.15 21.03 14.68
CA GLY B 523 -35.38 22.05 14.02
C GLY B 523 -34.13 21.49 13.34
N PRO B 524 -33.22 22.38 12.96
CA PRO B 524 -31.94 21.92 12.41
C PRO B 524 -31.24 21.01 13.42
N LEU B 525 -30.65 19.92 12.92
CA LEU B 525 -30.06 18.90 13.80
C LEU B 525 -28.93 19.47 14.66
N HIS B 526 -28.27 20.52 14.19
CA HIS B 526 -27.16 21.11 14.94
C HIS B 526 -27.63 22.09 16.02
N GLN B 527 -28.93 22.31 16.14
CA GLN B 527 -29.47 23.16 17.19
C GLN B 527 -30.23 22.35 18.22
N CYS B 528 -30.25 21.04 18.05
CA CYS B 528 -30.93 20.17 18.98
C CYS B 528 -30.23 20.12 20.35
N ASP B 529 -31.04 20.06 21.40
CA ASP B 529 -30.57 19.88 22.76
C ASP B 529 -31.51 18.90 23.44
N ILE B 530 -30.98 17.71 23.78
CA ILE B 530 -31.77 16.63 24.38
C ILE B 530 -31.87 16.74 25.89
N TYR B 531 -31.34 17.79 26.49
CA TYR B 531 -31.49 18.02 27.94
C TYR B 531 -32.93 17.79 28.38
N ARG B 532 -33.10 17.03 29.47
CA ARG B 532 -34.40 16.81 30.12
C ARG B 532 -35.35 15.96 29.28
N SER B 533 -34.94 15.49 28.10
CA SER B 533 -35.76 14.51 27.39
C SER B 533 -35.64 13.16 28.08
N THR B 534 -36.68 12.77 28.81
CA THR B 534 -36.70 11.43 29.38
C THR B 534 -36.89 10.36 28.31
N LYS B 535 -37.48 10.69 27.16
CA LYS B 535 -37.58 9.71 26.09
C LYS B 535 -36.20 9.43 25.51
N ALA B 536 -35.44 10.48 25.22
CA ALA B 536 -34.08 10.27 24.72
C ALA B 536 -33.24 9.49 25.73
N GLY B 537 -33.37 9.82 27.01
CA GLY B 537 -32.64 9.08 28.04
C GLY B 537 -33.02 7.62 28.10
N ALA B 538 -34.29 7.30 27.86
CA ALA B 538 -34.71 5.91 27.85
C ALA B 538 -34.07 5.15 26.69
N LYS B 539 -34.08 5.75 25.49
CA LYS B 539 -33.47 5.12 24.32
C LYS B 539 -31.98 4.92 24.53
N LEU B 540 -31.29 5.90 25.12
CA LEU B 540 -29.86 5.73 25.40
C LEU B 540 -29.63 4.69 26.49
N ARG B 541 -30.52 4.62 27.48
N ARG B 541 -30.52 4.61 27.47
CA ARG B 541 -30.30 3.69 28.59
CA ARG B 541 -30.30 3.69 28.59
C ARG B 541 -30.36 2.24 28.13
C ARG B 541 -30.36 2.24 28.13
N LYS B 542 -31.17 1.94 27.13
CA LYS B 542 -31.21 0.57 26.60
C LYS B 542 -29.83 0.16 26.08
N VAL B 543 -29.21 1.04 25.29
CA VAL B 543 -27.85 0.75 24.78
C VAL B 543 -26.91 0.47 25.94
N LEU B 544 -26.90 1.35 26.94
CA LEU B 544 -25.90 1.25 27.99
C LEU B 544 -26.05 -0.04 28.79
N ARG B 545 -27.28 -0.42 29.12
CA ARG B 545 -27.49 -1.65 29.87
C ARG B 545 -27.17 -2.89 29.05
N ALA B 546 -27.25 -2.81 27.71
CA ALA B 546 -26.93 -3.98 26.89
C ALA B 546 -25.48 -4.42 27.05
N GLY B 547 -24.60 -3.52 27.46
CA GLY B 547 -23.19 -3.88 27.51
C GLY B 547 -22.76 -4.44 26.18
N SER B 548 -21.99 -5.53 26.22
CA SER B 548 -21.58 -6.29 25.06
C SER B 548 -22.28 -7.65 25.00
N SER B 549 -23.55 -7.69 25.39
CA SER B 549 -24.28 -8.96 25.39
C SER B 549 -24.81 -9.28 24.01
N ARG B 550 -25.24 -8.26 23.28
CA ARG B 550 -25.67 -8.43 21.91
C ARG B 550 -24.71 -7.75 20.93
N PRO B 551 -24.64 -8.24 19.70
CA PRO B 551 -23.74 -7.63 18.72
C PRO B 551 -24.16 -6.21 18.37
N TRP B 552 -23.15 -5.38 18.06
CA TRP B 552 -23.40 -3.95 18.02
C TRP B 552 -24.31 -3.57 16.86
N GLN B 553 -24.33 -4.38 15.81
CA GLN B 553 -25.16 -4.03 14.67
C GLN B 553 -26.63 -4.16 15.03
N GLU B 554 -26.95 -5.08 15.94
CA GLU B 554 -28.31 -5.21 16.46
C GLU B 554 -28.68 -4.04 17.39
N VAL B 555 -27.82 -3.78 18.37
CA VAL B 555 -28.00 -2.65 19.30
C VAL B 555 -28.18 -1.36 18.52
N LEU B 556 -27.33 -1.15 17.51
CA LEU B 556 -27.41 0.07 16.73
C LEU B 556 -28.73 0.16 15.96
N LYS B 557 -29.16 -0.96 15.36
CA LYS B 557 -30.41 -0.97 14.59
C LYS B 557 -31.57 -0.57 15.48
N ASP B 558 -31.67 -1.19 16.66
CA ASP B 558 -32.65 -0.79 17.68
C ASP B 558 -32.64 0.71 17.90
N MET B 559 -31.46 1.32 17.97
CA MET B 559 -31.36 2.70 18.42
C MET B 559 -31.59 3.72 17.32
N VAL B 560 -31.04 3.50 16.12
CA VAL B 560 -31.03 4.51 15.08
C VAL B 560 -31.75 4.07 13.81
N GLY B 561 -32.15 2.80 13.71
CA GLY B 561 -32.85 2.32 12.54
C GLY B 561 -31.96 1.78 11.44
N LEU B 562 -30.67 1.62 11.71
CA LEU B 562 -29.70 1.17 10.74
C LEU B 562 -28.73 0.27 11.49
N ASP B 563 -28.22 -0.76 10.81
CA ASP B 563 -27.33 -1.70 11.49
C ASP B 563 -25.86 -1.47 11.15
N ALA B 564 -25.51 -0.31 10.60
CA ALA B 564 -24.12 -0.05 10.26
C ALA B 564 -23.75 1.40 10.54
N LEU B 565 -22.43 1.65 10.58
CA LEU B 565 -21.94 3.01 10.64
C LEU B 565 -22.32 3.77 9.38
N ASP B 566 -22.60 5.05 9.55
CA ASP B 566 -23.13 5.84 8.45
C ASP B 566 -22.72 7.28 8.69
N ALA B 567 -22.15 7.89 7.67
CA ALA B 567 -21.68 9.27 7.73
C ALA B 567 -22.77 10.29 7.47
N GLN B 568 -23.94 9.88 6.99
CA GLN B 568 -24.94 10.86 6.60
C GLN B 568 -25.35 11.75 7.76
N PRO B 569 -25.55 11.24 8.96
CA PRO B 569 -25.91 12.13 10.07
C PRO B 569 -24.87 13.20 10.31
N LEU B 570 -23.60 12.81 10.29
CA LEU B 570 -22.54 13.80 10.42
C LEU B 570 -22.63 14.83 9.29
N LEU B 571 -22.76 14.38 8.04
CA LEU B 571 -22.82 15.31 6.93
C LEU B 571 -24.03 16.23 7.05
N LYS B 572 -25.14 15.69 7.51
CA LYS B 572 -26.36 16.48 7.69
C LYS B 572 -26.18 17.55 8.77
N TYR B 573 -25.51 17.20 9.86
CA TYR B 573 -25.19 18.15 10.91
C TYR B 573 -24.40 19.34 10.39
N PHE B 574 -23.38 19.10 9.55
CA PHE B 574 -22.45 20.14 9.15
C PHE B 574 -22.78 20.79 7.80
N GLN B 575 -23.76 20.29 7.07
CA GLN B 575 -24.17 20.81 5.75
C GLN B 575 -23.94 22.31 5.50
N LEU B 576 -24.42 23.18 6.39
CA LEU B 576 -24.36 24.61 6.10
C LEU B 576 -22.93 25.15 6.05
N VAL B 577 -22.04 24.66 6.93
CA VAL B 577 -20.66 25.16 6.93
C VAL B 577 -19.85 24.45 5.86
N THR B 578 -20.27 23.25 5.50
CA THR B 578 -19.68 22.55 4.39
C THR B 578 -19.82 23.37 3.12
N GLN B 579 -21.03 23.88 2.86
CA GLN B 579 -21.27 24.75 1.71
C GLN B 579 -20.51 26.07 1.86
N TRP B 580 -20.64 26.70 3.02
CA TRP B 580 -19.96 27.98 3.19
C TRP B 580 -18.46 27.84 2.99
N LEU B 581 -17.86 26.74 3.45
CA LEU B 581 -16.42 26.57 3.34
C LEU B 581 -15.99 26.41 1.88
N GLN B 582 -16.69 25.55 1.13
CA GLN B 582 -16.44 25.46 -0.30
C GLN B 582 -16.41 26.86 -0.89
N GLU B 583 -17.49 27.62 -0.68
CA GLU B 583 -17.59 28.92 -1.32
C GLU B 583 -16.43 29.83 -0.93
N GLN B 584 -16.09 29.88 0.35
CA GLN B 584 -14.98 30.75 0.75
C GLN B 584 -13.70 30.38 0.02
N ASN B 585 -13.43 29.07 -0.12
CA ASN B 585 -12.19 28.62 -0.73
C ASN B 585 -12.18 28.89 -2.23
N GLN B 586 -13.30 28.65 -2.90
CA GLN B 586 -13.39 29.01 -4.33
C GLN B 586 -13.12 30.49 -4.53
N GLN B 587 -13.76 31.33 -3.73
CA GLN B 587 -13.62 32.78 -3.88
C GLN B 587 -12.19 33.22 -3.64
N ASN B 588 -11.48 32.53 -2.75
CA ASN B 588 -10.07 32.78 -2.54
C ASN B 588 -9.18 31.99 -3.47
N GLY B 589 -9.76 31.21 -4.38
CA GLY B 589 -8.97 30.47 -5.34
C GLY B 589 -8.05 29.45 -4.70
N GLU B 590 -8.48 28.85 -3.60
CA GLU B 590 -7.64 27.91 -2.88
C GLU B 590 -7.46 26.63 -3.69
N VAL B 591 -6.31 25.99 -3.51
CA VAL B 591 -6.11 24.62 -3.93
C VAL B 591 -6.56 23.70 -2.79
N LEU B 592 -7.47 22.76 -3.09
CA LEU B 592 -7.86 21.74 -2.11
C LEU B 592 -6.79 20.65 -2.11
N GLY B 593 -6.23 20.37 -0.94
CA GLY B 593 -5.13 19.43 -0.85
C GLY B 593 -3.80 20.13 -0.77
N TRP B 594 -2.75 19.31 -0.90
CA TRP B 594 -1.37 19.75 -0.63
C TRP B 594 -0.46 19.11 -1.67
N PRO B 595 -0.60 19.51 -2.94
CA PRO B 595 0.20 18.91 -4.02
C PRO B 595 1.71 19.13 -3.91
N GLU B 596 2.16 20.15 -3.19
CA GLU B 596 3.57 20.33 -2.88
C GLU B 596 3.91 19.52 -1.62
N TYR B 597 3.82 18.19 -1.77
CA TYR B 597 3.85 17.26 -0.65
C TYR B 597 5.23 17.19 0.02
N GLN B 598 6.29 17.62 -0.67
CA GLN B 598 7.63 17.64 -0.13
C GLN B 598 7.91 18.86 0.74
N TRP B 599 7.04 19.85 0.75
CA TRP B 599 7.37 21.13 1.34
C TRP B 599 7.43 21.03 2.86
N HIS B 600 8.46 21.65 3.45
CA HIS B 600 8.59 21.91 4.87
C HIS B 600 8.93 23.38 5.10
N PRO B 601 8.56 23.93 6.25
CA PRO B 601 8.93 25.33 6.54
C PRO B 601 10.41 25.46 6.90
N PRO B 602 10.97 26.65 6.75
CA PRO B 602 12.33 26.89 7.25
C PRO B 602 12.32 27.13 8.76
N LEU B 603 13.52 27.03 9.34
CA LEU B 603 13.71 27.37 10.73
C LEU B 603 13.54 28.87 10.93
N PRO B 604 13.03 29.29 12.07
CA PRO B 604 13.00 30.72 12.36
C PRO B 604 14.42 31.25 12.54
N ASP B 605 14.55 32.56 12.37
CA ASP B 605 15.86 33.18 12.44
C ASP B 605 16.48 32.97 13.83
N ASN B 606 17.67 32.39 13.85
CA ASN B 606 18.44 32.18 15.08
C ASN B 606 17.65 31.39 16.11
N TYR B 607 17.05 30.30 15.65
CA TYR B 607 16.29 29.41 16.52
C TYR B 607 17.24 28.41 17.17
N PRO B 608 17.15 28.16 18.48
CA PRO B 608 16.21 28.66 19.49
C PRO B 608 16.76 29.76 20.42
N GLU B 609 17.40 30.78 19.86
CA GLU B 609 18.09 31.78 20.68
C GLU B 609 17.17 32.90 21.21
#